data_8JGC
# 
_entry.id   8JGC 
# 
_audit_conform.dict_name       mmcif_pdbx.dic 
_audit_conform.dict_version    5.397 
_audit_conform.dict_location   http://mmcif.pdb.org/dictionaries/ascii/mmcif_pdbx.dic 
# 
loop_
_database_2.database_id 
_database_2.database_code 
_database_2.pdbx_database_accession 
_database_2.pdbx_DOI 
PDB   8JGC         pdb_00008jgc 10.2210/pdb8jgc/pdb 
WWPDB D_1300037821 ?            ?                   
EMDB  EMD-36230    ?            ?                   
# 
loop_
_pdbx_audit_revision_history.ordinal 
_pdbx_audit_revision_history.data_content_type 
_pdbx_audit_revision_history.major_revision 
_pdbx_audit_revision_history.minor_revision 
_pdbx_audit_revision_history.revision_date 
1 'Structure model' 1 0 2024-04-24 
2 'Structure model' 1 1 2024-10-23 
# 
_pdbx_audit_revision_details.ordinal             1 
_pdbx_audit_revision_details.revision_ordinal    1 
_pdbx_audit_revision_details.data_content_type   'Structure model' 
_pdbx_audit_revision_details.provider            repository 
_pdbx_audit_revision_details.type                'Initial release' 
_pdbx_audit_revision_details.description         ? 
_pdbx_audit_revision_details.details             ? 
# 
loop_
_pdbx_audit_revision_group.ordinal 
_pdbx_audit_revision_group.revision_ordinal 
_pdbx_audit_revision_group.data_content_type 
_pdbx_audit_revision_group.group 
1 2 'Structure model' 'Data collection'   
2 2 'Structure model' 'Structure summary' 
# 
loop_
_pdbx_audit_revision_category.ordinal 
_pdbx_audit_revision_category.revision_ordinal 
_pdbx_audit_revision_category.data_content_type 
_pdbx_audit_revision_category.category 
1 2 'Structure model' em_admin                  
2 2 'Structure model' pdbx_entry_details        
3 2 'Structure model' pdbx_modification_feature 
# 
_pdbx_audit_revision_item.ordinal             1 
_pdbx_audit_revision_item.revision_ordinal    2 
_pdbx_audit_revision_item.data_content_type   'Structure model' 
_pdbx_audit_revision_item.item                '_em_admin.last_update' 
# 
_pdbx_database_status.status_code                     REL 
_pdbx_database_status.status_code_sf                  ? 
_pdbx_database_status.status_code_mr                  ? 
_pdbx_database_status.entry_id                        8JGC 
_pdbx_database_status.recvd_initial_deposition_date   2023-05-20 
_pdbx_database_status.SG_entry                        N 
_pdbx_database_status.deposit_site                    PDBJ 
_pdbx_database_status.process_site                    PDBC 
_pdbx_database_status.status_code_cs                  ? 
_pdbx_database_status.status_code_nmr_data            ? 
_pdbx_database_status.methods_development_category    ? 
_pdbx_database_status.pdb_format_compatible           Y 
# 
_pdbx_database_related.db_name        EMDB 
_pdbx_database_related.details        'Mi3 fused with LOV2' 
_pdbx_database_related.db_id          EMD-36230 
_pdbx_database_related.content_type   'associated EM volume' 
# 
_pdbx_contact_author.id                 2 
_pdbx_contact_author.email              zhanghw@sustech.edu.cn 
_pdbx_contact_author.name_first         Huawei 
_pdbx_contact_author.name_last          Zhang 
_pdbx_contact_author.name_mi            ? 
_pdbx_contact_author.role               'principal investigator/group leader' 
_pdbx_contact_author.identifier_ORCID   0000-0002-5625-5809 
# 
loop_
_audit_author.name 
_audit_author.pdbx_ordinal 
_audit_author.identifier_ORCID 
'Zhang, H.W.' 1 ? 
'Kang, W.'    2 ? 
'Xue, C.'     3 ? 
# 
_citation.abstract                  ? 
_citation.abstract_id_CAS           ? 
_citation.book_id_ISBN              ? 
_citation.book_publisher            ? 
_citation.book_publisher_city       ? 
_citation.book_title                ? 
_citation.coordinate_linkage        ? 
_citation.country                   US 
_citation.database_id_Medline       ? 
_citation.details                   ? 
_citation.id                        primary 
_citation.journal_abbrev            J.Am.Chem.Soc. 
_citation.journal_id_ASTM           JACSAT 
_citation.journal_id_CSD            ? 
_citation.journal_id_ISSN           1520-5126 
_citation.journal_full              ? 
_citation.journal_issue             ? 
_citation.journal_volume            146 
_citation.language                  ? 
_citation.page_first                6686 
_citation.page_last                 6696 
_citation.title                     'Dynamic Metabolons Using Stimuli-Responsive Protein Cages.' 
_citation.year                      2024 
_citation.database_id_CSD           ? 
_citation.pdbx_database_id_DOI      10.1021/jacs.3c12876 
_citation.pdbx_database_id_PubMed   38425051 
_citation.pdbx_database_id_patent   ? 
_citation.unpublished_flag          ? 
# 
loop_
_citation_author.citation_id 
_citation_author.name 
_citation_author.ordinal 
_citation_author.identifier_ORCID 
primary 'Kang, W.'  1  ?                   
primary 'Ma, X.'    2  ?                   
primary 'Zhang, H.' 3  ?                   
primary 'Ma, J.'    4  ?                   
primary 'Liu, C.'   5  ?                   
primary 'Li, J.'    6  ?                   
primary 'Guo, H.'   7  ?                   
primary 'Wang, D.'  8  ?                   
primary 'Wang, R.'  9  0000-0003-3830-4133 
primary 'Li, B.'    10 0000-0001-9407-9503 
primary 'Xue, C.'   11 0000-0002-3856-8457 
# 
_entity.id                         1 
_entity.type                       polymer 
_entity.src_method                 man 
_entity.pdbx_description           
'LOV domain-containing protein,2-dehydro-3-deoxyphosphogluconate aldolase/4-hydroxy-2-oxoglutarate aldolase' 
_entity.formula_weight             41424.469 
_entity.pdbx_number_of_molecules   1 
_entity.pdbx_ec                    ? 
_entity.pdbx_mutation              ? 
_entity.pdbx_fragment              ? 
_entity.details                    ? 
# 
_entity_poly.entity_id                      1 
_entity_poly.type                           'polypeptide(L)' 
_entity_poly.nstd_linkage                   no 
_entity_poly.nstd_monomer                   no 
_entity_poly.pdbx_seq_one_letter_code       
;MGSSEFLATTLERIEKNFVITDPRLPDNPIIFASDSFLQLTEYSREEILGRNCRFLQGPETDRATVRKIRDAIDNQTEVT
VQLINYTKSGKKFWNVFHLQPMRDYKGDVQYFIGVQLDGTERLHGAAEREAVCLIKKTAFQIAEAANDENYFGGSGGSGG
SGGSMKMEELFKKHKIVAVLRANSVEEAKKKALAVFLGGVHLIEITFTVPDADTVIKELSFLKEMGAIIGAGTVTSVEQA
RKAVESGAEFIVSPHLDEEISQFAKEKGVFYMPGVMTPTELVKAMKLGHTILKLFPGEVVGPQFVKAMKGPFPNVKFVPT
GGVNLDNVCEWFKAGVLAVGVGSALVKGTPVEVAEKAKAFVEKIRGCTEGSGHHHHHH
;
_entity_poly.pdbx_seq_one_letter_code_can   
;MGSSEFLATTLERIEKNFVITDPRLPDNPIIFASDSFLQLTEYSREEILGRNCRFLQGPETDRATVRKIRDAIDNQTEVT
VQLINYTKSGKKFWNVFHLQPMRDYKGDVQYFIGVQLDGTERLHGAAEREAVCLIKKTAFQIAEAANDENYFGGSGGSGG
SGGSMKMEELFKKHKIVAVLRANSVEEAKKKALAVFLGGVHLIEITFTVPDADTVIKELSFLKEMGAIIGAGTVTSVEQA
RKAVESGAEFIVSPHLDEEISQFAKEKGVFYMPGVMTPTELVKAMKLGHTILKLFPGEVVGPQFVKAMKGPFPNVKFVPT
GGVNLDNVCEWFKAGVLAVGVGSALVKGTPVEVAEKAKAFVEKIRGCTEGSGHHHHHH
;
_entity_poly.pdbx_strand_id                 A 
_entity_poly.pdbx_target_identifier         ? 
# 
loop_
_entity_poly_seq.entity_id 
_entity_poly_seq.num 
_entity_poly_seq.mon_id 
_entity_poly_seq.hetero 
1 1   MET n 
1 2   GLY n 
1 3   SER n 
1 4   SER n 
1 5   GLU n 
1 6   PHE n 
1 7   LEU n 
1 8   ALA n 
1 9   THR n 
1 10  THR n 
1 11  LEU n 
1 12  GLU n 
1 13  ARG n 
1 14  ILE n 
1 15  GLU n 
1 16  LYS n 
1 17  ASN n 
1 18  PHE n 
1 19  VAL n 
1 20  ILE n 
1 21  THR n 
1 22  ASP n 
1 23  PRO n 
1 24  ARG n 
1 25  LEU n 
1 26  PRO n 
1 27  ASP n 
1 28  ASN n 
1 29  PRO n 
1 30  ILE n 
1 31  ILE n 
1 32  PHE n 
1 33  ALA n 
1 34  SER n 
1 35  ASP n 
1 36  SER n 
1 37  PHE n 
1 38  LEU n 
1 39  GLN n 
1 40  LEU n 
1 41  THR n 
1 42  GLU n 
1 43  TYR n 
1 44  SER n 
1 45  ARG n 
1 46  GLU n 
1 47  GLU n 
1 48  ILE n 
1 49  LEU n 
1 50  GLY n 
1 51  ARG n 
1 52  ASN n 
1 53  CYS n 
1 54  ARG n 
1 55  PHE n 
1 56  LEU n 
1 57  GLN n 
1 58  GLY n 
1 59  PRO n 
1 60  GLU n 
1 61  THR n 
1 62  ASP n 
1 63  ARG n 
1 64  ALA n 
1 65  THR n 
1 66  VAL n 
1 67  ARG n 
1 68  LYS n 
1 69  ILE n 
1 70  ARG n 
1 71  ASP n 
1 72  ALA n 
1 73  ILE n 
1 74  ASP n 
1 75  ASN n 
1 76  GLN n 
1 77  THR n 
1 78  GLU n 
1 79  VAL n 
1 80  THR n 
1 81  VAL n 
1 82  GLN n 
1 83  LEU n 
1 84  ILE n 
1 85  ASN n 
1 86  TYR n 
1 87  THR n 
1 88  LYS n 
1 89  SER n 
1 90  GLY n 
1 91  LYS n 
1 92  LYS n 
1 93  PHE n 
1 94  TRP n 
1 95  ASN n 
1 96  VAL n 
1 97  PHE n 
1 98  HIS n 
1 99  LEU n 
1 100 GLN n 
1 101 PRO n 
1 102 MET n 
1 103 ARG n 
1 104 ASP n 
1 105 TYR n 
1 106 LYS n 
1 107 GLY n 
1 108 ASP n 
1 109 VAL n 
1 110 GLN n 
1 111 TYR n 
1 112 PHE n 
1 113 ILE n 
1 114 GLY n 
1 115 VAL n 
1 116 GLN n 
1 117 LEU n 
1 118 ASP n 
1 119 GLY n 
1 120 THR n 
1 121 GLU n 
1 122 ARG n 
1 123 LEU n 
1 124 HIS n 
1 125 GLY n 
1 126 ALA n 
1 127 ALA n 
1 128 GLU n 
1 129 ARG n 
1 130 GLU n 
1 131 ALA n 
1 132 VAL n 
1 133 CYS n 
1 134 LEU n 
1 135 ILE n 
1 136 LYS n 
1 137 LYS n 
1 138 THR n 
1 139 ALA n 
1 140 PHE n 
1 141 GLN n 
1 142 ILE n 
1 143 ALA n 
1 144 GLU n 
1 145 ALA n 
1 146 ALA n 
1 147 ASN n 
1 148 ASP n 
1 149 GLU n 
1 150 ASN n 
1 151 TYR n 
1 152 PHE n 
1 153 GLY n 
1 154 GLY n 
1 155 SER n 
1 156 GLY n 
1 157 GLY n 
1 158 SER n 
1 159 GLY n 
1 160 GLY n 
1 161 SER n 
1 162 GLY n 
1 163 GLY n 
1 164 SER n 
1 165 MET n 
1 166 LYS n 
1 167 MET n 
1 168 GLU n 
1 169 GLU n 
1 170 LEU n 
1 171 PHE n 
1 172 LYS n 
1 173 LYS n 
1 174 HIS n 
1 175 LYS n 
1 176 ILE n 
1 177 VAL n 
1 178 ALA n 
1 179 VAL n 
1 180 LEU n 
1 181 ARG n 
1 182 ALA n 
1 183 ASN n 
1 184 SER n 
1 185 VAL n 
1 186 GLU n 
1 187 GLU n 
1 188 ALA n 
1 189 LYS n 
1 190 LYS n 
1 191 LYS n 
1 192 ALA n 
1 193 LEU n 
1 194 ALA n 
1 195 VAL n 
1 196 PHE n 
1 197 LEU n 
1 198 GLY n 
1 199 GLY n 
1 200 VAL n 
1 201 HIS n 
1 202 LEU n 
1 203 ILE n 
1 204 GLU n 
1 205 ILE n 
1 206 THR n 
1 207 PHE n 
1 208 THR n 
1 209 VAL n 
1 210 PRO n 
1 211 ASP n 
1 212 ALA n 
1 213 ASP n 
1 214 THR n 
1 215 VAL n 
1 216 ILE n 
1 217 LYS n 
1 218 GLU n 
1 219 LEU n 
1 220 SER n 
1 221 PHE n 
1 222 LEU n 
1 223 LYS n 
1 224 GLU n 
1 225 MET n 
1 226 GLY n 
1 227 ALA n 
1 228 ILE n 
1 229 ILE n 
1 230 GLY n 
1 231 ALA n 
1 232 GLY n 
1 233 THR n 
1 234 VAL n 
1 235 THR n 
1 236 SER n 
1 237 VAL n 
1 238 GLU n 
1 239 GLN n 
1 240 ALA n 
1 241 ARG n 
1 242 LYS n 
1 243 ALA n 
1 244 VAL n 
1 245 GLU n 
1 246 SER n 
1 247 GLY n 
1 248 ALA n 
1 249 GLU n 
1 250 PHE n 
1 251 ILE n 
1 252 VAL n 
1 253 SER n 
1 254 PRO n 
1 255 HIS n 
1 256 LEU n 
1 257 ASP n 
1 258 GLU n 
1 259 GLU n 
1 260 ILE n 
1 261 SER n 
1 262 GLN n 
1 263 PHE n 
1 264 ALA n 
1 265 LYS n 
1 266 GLU n 
1 267 LYS n 
1 268 GLY n 
1 269 VAL n 
1 270 PHE n 
1 271 TYR n 
1 272 MET n 
1 273 PRO n 
1 274 GLY n 
1 275 VAL n 
1 276 MET n 
1 277 THR n 
1 278 PRO n 
1 279 THR n 
1 280 GLU n 
1 281 LEU n 
1 282 VAL n 
1 283 LYS n 
1 284 ALA n 
1 285 MET n 
1 286 LYS n 
1 287 LEU n 
1 288 GLY n 
1 289 HIS n 
1 290 THR n 
1 291 ILE n 
1 292 LEU n 
1 293 LYS n 
1 294 LEU n 
1 295 PHE n 
1 296 PRO n 
1 297 GLY n 
1 298 GLU n 
1 299 VAL n 
1 300 VAL n 
1 301 GLY n 
1 302 PRO n 
1 303 GLN n 
1 304 PHE n 
1 305 VAL n 
1 306 LYS n 
1 307 ALA n 
1 308 MET n 
1 309 LYS n 
1 310 GLY n 
1 311 PRO n 
1 312 PHE n 
1 313 PRO n 
1 314 ASN n 
1 315 VAL n 
1 316 LYS n 
1 317 PHE n 
1 318 VAL n 
1 319 PRO n 
1 320 THR n 
1 321 GLY n 
1 322 GLY n 
1 323 VAL n 
1 324 ASN n 
1 325 LEU n 
1 326 ASP n 
1 327 ASN n 
1 328 VAL n 
1 329 CYS n 
1 330 GLU n 
1 331 TRP n 
1 332 PHE n 
1 333 LYS n 
1 334 ALA n 
1 335 GLY n 
1 336 VAL n 
1 337 LEU n 
1 338 ALA n 
1 339 VAL n 
1 340 GLY n 
1 341 VAL n 
1 342 GLY n 
1 343 SER n 
1 344 ALA n 
1 345 LEU n 
1 346 VAL n 
1 347 LYS n 
1 348 GLY n 
1 349 THR n 
1 350 PRO n 
1 351 VAL n 
1 352 GLU n 
1 353 VAL n 
1 354 ALA n 
1 355 GLU n 
1 356 LYS n 
1 357 ALA n 
1 358 LYS n 
1 359 ALA n 
1 360 PHE n 
1 361 VAL n 
1 362 GLU n 
1 363 LYS n 
1 364 ILE n 
1 365 ARG n 
1 366 GLY n 
1 367 CYS n 
1 368 THR n 
1 369 GLU n 
1 370 GLY n 
1 371 SER n 
1 372 GLY n 
1 373 HIS n 
1 374 HIS n 
1 375 HIS n 
1 376 HIS n 
1 377 HIS n 
1 378 HIS n 
# 
loop_
_entity_src_gen.entity_id 
_entity_src_gen.pdbx_src_id 
_entity_src_gen.pdbx_alt_source_flag 
_entity_src_gen.pdbx_seq_type 
_entity_src_gen.pdbx_beg_seq_num 
_entity_src_gen.pdbx_end_seq_num 
_entity_src_gen.gene_src_common_name 
_entity_src_gen.gene_src_genus 
_entity_src_gen.pdbx_gene_src_gene 
_entity_src_gen.gene_src_species 
_entity_src_gen.gene_src_strain 
_entity_src_gen.gene_src_tissue 
_entity_src_gen.gene_src_tissue_fraction 
_entity_src_gen.gene_src_details 
_entity_src_gen.pdbx_gene_src_fragment 
_entity_src_gen.pdbx_gene_src_scientific_name 
_entity_src_gen.pdbx_gene_src_ncbi_taxonomy_id 
_entity_src_gen.pdbx_gene_src_variant 
_entity_src_gen.pdbx_gene_src_cell_line 
_entity_src_gen.pdbx_gene_src_atcc 
_entity_src_gen.pdbx_gene_src_organ 
_entity_src_gen.pdbx_gene_src_organelle 
_entity_src_gen.pdbx_gene_src_cell 
_entity_src_gen.pdbx_gene_src_cellular_location 
_entity_src_gen.host_org_common_name 
_entity_src_gen.pdbx_host_org_scientific_name 
_entity_src_gen.pdbx_host_org_ncbi_taxonomy_id 
_entity_src_gen.host_org_genus 
_entity_src_gen.pdbx_host_org_gene 
_entity_src_gen.pdbx_host_org_organ 
_entity_src_gen.host_org_species 
_entity_src_gen.pdbx_host_org_tissue 
_entity_src_gen.pdbx_host_org_tissue_fraction 
_entity_src_gen.pdbx_host_org_strain 
_entity_src_gen.pdbx_host_org_variant 
_entity_src_gen.pdbx_host_org_cell_line 
_entity_src_gen.pdbx_host_org_atcc 
_entity_src_gen.pdbx_host_org_culture_collection 
_entity_src_gen.pdbx_host_org_cell 
_entity_src_gen.pdbx_host_org_organelle 
_entity_src_gen.pdbx_host_org_cellular_location 
_entity_src_gen.pdbx_host_org_vector_type 
_entity_src_gen.pdbx_host_org_vector 
_entity_src_gen.host_org_details 
_entity_src_gen.expression_system_id 
_entity_src_gen.plasmid_name 
_entity_src_gen.plasmid_details 
_entity_src_gen.pdbx_description 
1 1 sample 'Biological sequence' 1   164 Goatgrass ? ?       ? ? ? ? ? ? 'Aegilops tauschii subsp. strangulata' 200361 ? ? ? ? ? ? 
? ? 'Escherichia coli' 562 ? ? ? ? ? ? ? ? ? ? ? ? ? ? ? ? ? ? ? ? ? 
1 2 sample 'Biological sequence' 165 378 ?         ? TM_0066 ? ? ? ? ? ? 
'Thermotoga maritima (strain ATCC 43589 / DSM 3109 / JCM 10099 / NBRC 100826 / MSB8)' 243274 ? ? ? ? ? ? ? ? 'Escherichia coli' 
562 ? ? ? ? ? ? ? ? ? ? ? ? ? ? ? ? ? ? ? ? ? 
# 
loop_
_chem_comp.id 
_chem_comp.type 
_chem_comp.mon_nstd_flag 
_chem_comp.name 
_chem_comp.pdbx_synonyms 
_chem_comp.formula 
_chem_comp.formula_weight 
ALA 'L-peptide linking' y ALANINE         ? 'C3 H7 N O2'     89.093  
ARG 'L-peptide linking' y ARGININE        ? 'C6 H15 N4 O2 1' 175.209 
ASN 'L-peptide linking' y ASPARAGINE      ? 'C4 H8 N2 O3'    132.118 
ASP 'L-peptide linking' y 'ASPARTIC ACID' ? 'C4 H7 N O4'     133.103 
CYS 'L-peptide linking' y CYSTEINE        ? 'C3 H7 N O2 S'   121.158 
GLN 'L-peptide linking' y GLUTAMINE       ? 'C5 H10 N2 O3'   146.144 
GLU 'L-peptide linking' y 'GLUTAMIC ACID' ? 'C5 H9 N O4'     147.129 
GLY 'peptide linking'   y GLYCINE         ? 'C2 H5 N O2'     75.067  
HIS 'L-peptide linking' y HISTIDINE       ? 'C6 H10 N3 O2 1' 156.162 
ILE 'L-peptide linking' y ISOLEUCINE      ? 'C6 H13 N O2'    131.173 
LEU 'L-peptide linking' y LEUCINE         ? 'C6 H13 N O2'    131.173 
LYS 'L-peptide linking' y LYSINE          ? 'C6 H15 N2 O2 1' 147.195 
MET 'L-peptide linking' y METHIONINE      ? 'C5 H11 N O2 S'  149.211 
PHE 'L-peptide linking' y PHENYLALANINE   ? 'C9 H11 N O2'    165.189 
PRO 'L-peptide linking' y PROLINE         ? 'C5 H9 N O2'     115.130 
SER 'L-peptide linking' y SERINE          ? 'C3 H7 N O3'     105.093 
THR 'L-peptide linking' y THREONINE       ? 'C4 H9 N O3'     119.119 
TRP 'L-peptide linking' y TRYPTOPHAN      ? 'C11 H12 N2 O2'  204.225 
TYR 'L-peptide linking' y TYROSINE        ? 'C9 H11 N O3'    181.189 
VAL 'L-peptide linking' y VALINE          ? 'C5 H11 N O2'    117.146 
# 
loop_
_pdbx_poly_seq_scheme.asym_id 
_pdbx_poly_seq_scheme.entity_id 
_pdbx_poly_seq_scheme.seq_id 
_pdbx_poly_seq_scheme.mon_id 
_pdbx_poly_seq_scheme.ndb_seq_num 
_pdbx_poly_seq_scheme.pdb_seq_num 
_pdbx_poly_seq_scheme.auth_seq_num 
_pdbx_poly_seq_scheme.pdb_mon_id 
_pdbx_poly_seq_scheme.auth_mon_id 
_pdbx_poly_seq_scheme.pdb_strand_id 
_pdbx_poly_seq_scheme.pdb_ins_code 
_pdbx_poly_seq_scheme.hetero 
A 1 1   MET 1   -163 ?   ?   ?   A . n 
A 1 2   GLY 2   -162 ?   ?   ?   A . n 
A 1 3   SER 3   -161 ?   ?   ?   A . n 
A 1 4   SER 4   -160 ?   ?   ?   A . n 
A 1 5   GLU 5   -159 ?   ?   ?   A . n 
A 1 6   PHE 6   -158 ?   ?   ?   A . n 
A 1 7   LEU 7   -157 ?   ?   ?   A . n 
A 1 8   ALA 8   -156 ?   ?   ?   A . n 
A 1 9   THR 9   -155 ?   ?   ?   A . n 
A 1 10  THR 10  -154 ?   ?   ?   A . n 
A 1 11  LEU 11  -153 ?   ?   ?   A . n 
A 1 12  GLU 12  -152 ?   ?   ?   A . n 
A 1 13  ARG 13  -151 ?   ?   ?   A . n 
A 1 14  ILE 14  -150 ?   ?   ?   A . n 
A 1 15  GLU 15  -149 ?   ?   ?   A . n 
A 1 16  LYS 16  -148 ?   ?   ?   A . n 
A 1 17  ASN 17  -147 ?   ?   ?   A . n 
A 1 18  PHE 18  -146 ?   ?   ?   A . n 
A 1 19  VAL 19  -145 ?   ?   ?   A . n 
A 1 20  ILE 20  -144 ?   ?   ?   A . n 
A 1 21  THR 21  -143 ?   ?   ?   A . n 
A 1 22  ASP 22  -142 ?   ?   ?   A . n 
A 1 23  PRO 23  -141 ?   ?   ?   A . n 
A 1 24  ARG 24  -140 ?   ?   ?   A . n 
A 1 25  LEU 25  -139 ?   ?   ?   A . n 
A 1 26  PRO 26  -138 ?   ?   ?   A . n 
A 1 27  ASP 27  -137 ?   ?   ?   A . n 
A 1 28  ASN 28  -136 ?   ?   ?   A . n 
A 1 29  PRO 29  -135 ?   ?   ?   A . n 
A 1 30  ILE 30  -134 ?   ?   ?   A . n 
A 1 31  ILE 31  -133 ?   ?   ?   A . n 
A 1 32  PHE 32  -132 ?   ?   ?   A . n 
A 1 33  ALA 33  -131 ?   ?   ?   A . n 
A 1 34  SER 34  -130 ?   ?   ?   A . n 
A 1 35  ASP 35  -129 ?   ?   ?   A . n 
A 1 36  SER 36  -128 ?   ?   ?   A . n 
A 1 37  PHE 37  -127 ?   ?   ?   A . n 
A 1 38  LEU 38  -126 ?   ?   ?   A . n 
A 1 39  GLN 39  -125 ?   ?   ?   A . n 
A 1 40  LEU 40  -124 ?   ?   ?   A . n 
A 1 41  THR 41  -123 ?   ?   ?   A . n 
A 1 42  GLU 42  -122 ?   ?   ?   A . n 
A 1 43  TYR 43  -121 ?   ?   ?   A . n 
A 1 44  SER 44  -120 ?   ?   ?   A . n 
A 1 45  ARG 45  -119 ?   ?   ?   A . n 
A 1 46  GLU 46  -118 ?   ?   ?   A . n 
A 1 47  GLU 47  -117 ?   ?   ?   A . n 
A 1 48  ILE 48  -116 ?   ?   ?   A . n 
A 1 49  LEU 49  -115 ?   ?   ?   A . n 
A 1 50  GLY 50  -114 ?   ?   ?   A . n 
A 1 51  ARG 51  -113 ?   ?   ?   A . n 
A 1 52  ASN 52  -112 ?   ?   ?   A . n 
A 1 53  CYS 53  -111 ?   ?   ?   A . n 
A 1 54  ARG 54  -110 ?   ?   ?   A . n 
A 1 55  PHE 55  -109 ?   ?   ?   A . n 
A 1 56  LEU 56  -108 ?   ?   ?   A . n 
A 1 57  GLN 57  -107 ?   ?   ?   A . n 
A 1 58  GLY 58  -106 ?   ?   ?   A . n 
A 1 59  PRO 59  -105 ?   ?   ?   A . n 
A 1 60  GLU 60  -104 ?   ?   ?   A . n 
A 1 61  THR 61  -103 ?   ?   ?   A . n 
A 1 62  ASP 62  -102 ?   ?   ?   A . n 
A 1 63  ARG 63  -101 ?   ?   ?   A . n 
A 1 64  ALA 64  -100 ?   ?   ?   A . n 
A 1 65  THR 65  -99  ?   ?   ?   A . n 
A 1 66  VAL 66  -98  ?   ?   ?   A . n 
A 1 67  ARG 67  -97  ?   ?   ?   A . n 
A 1 68  LYS 68  -96  ?   ?   ?   A . n 
A 1 69  ILE 69  -95  ?   ?   ?   A . n 
A 1 70  ARG 70  -94  ?   ?   ?   A . n 
A 1 71  ASP 71  -93  ?   ?   ?   A . n 
A 1 72  ALA 72  -92  ?   ?   ?   A . n 
A 1 73  ILE 73  -91  ?   ?   ?   A . n 
A 1 74  ASP 74  -90  ?   ?   ?   A . n 
A 1 75  ASN 75  -89  ?   ?   ?   A . n 
A 1 76  GLN 76  -88  ?   ?   ?   A . n 
A 1 77  THR 77  -87  ?   ?   ?   A . n 
A 1 78  GLU 78  -86  ?   ?   ?   A . n 
A 1 79  VAL 79  -85  ?   ?   ?   A . n 
A 1 80  THR 80  -84  ?   ?   ?   A . n 
A 1 81  VAL 81  -83  ?   ?   ?   A . n 
A 1 82  GLN 82  -82  ?   ?   ?   A . n 
A 1 83  LEU 83  -81  ?   ?   ?   A . n 
A 1 84  ILE 84  -80  ?   ?   ?   A . n 
A 1 85  ASN 85  -79  ?   ?   ?   A . n 
A 1 86  TYR 86  -78  ?   ?   ?   A . n 
A 1 87  THR 87  -77  ?   ?   ?   A . n 
A 1 88  LYS 88  -76  ?   ?   ?   A . n 
A 1 89  SER 89  -75  ?   ?   ?   A . n 
A 1 90  GLY 90  -74  ?   ?   ?   A . n 
A 1 91  LYS 91  -73  ?   ?   ?   A . n 
A 1 92  LYS 92  -72  ?   ?   ?   A . n 
A 1 93  PHE 93  -71  ?   ?   ?   A . n 
A 1 94  TRP 94  -70  ?   ?   ?   A . n 
A 1 95  ASN 95  -69  ?   ?   ?   A . n 
A 1 96  VAL 96  -68  ?   ?   ?   A . n 
A 1 97  PHE 97  -67  ?   ?   ?   A . n 
A 1 98  HIS 98  -66  ?   ?   ?   A . n 
A 1 99  LEU 99  -65  ?   ?   ?   A . n 
A 1 100 GLN 100 -64  ?   ?   ?   A . n 
A 1 101 PRO 101 -63  ?   ?   ?   A . n 
A 1 102 MET 102 -62  ?   ?   ?   A . n 
A 1 103 ARG 103 -61  ?   ?   ?   A . n 
A 1 104 ASP 104 -60  ?   ?   ?   A . n 
A 1 105 TYR 105 -59  ?   ?   ?   A . n 
A 1 106 LYS 106 -58  ?   ?   ?   A . n 
A 1 107 GLY 107 -57  ?   ?   ?   A . n 
A 1 108 ASP 108 -56  ?   ?   ?   A . n 
A 1 109 VAL 109 -55  ?   ?   ?   A . n 
A 1 110 GLN 110 -54  ?   ?   ?   A . n 
A 1 111 TYR 111 -53  ?   ?   ?   A . n 
A 1 112 PHE 112 -52  ?   ?   ?   A . n 
A 1 113 ILE 113 -51  ?   ?   ?   A . n 
A 1 114 GLY 114 -50  ?   ?   ?   A . n 
A 1 115 VAL 115 -49  ?   ?   ?   A . n 
A 1 116 GLN 116 -48  ?   ?   ?   A . n 
A 1 117 LEU 117 -47  ?   ?   ?   A . n 
A 1 118 ASP 118 -46  ?   ?   ?   A . n 
A 1 119 GLY 119 -45  ?   ?   ?   A . n 
A 1 120 THR 120 -44  ?   ?   ?   A . n 
A 1 121 GLU 121 -43  ?   ?   ?   A . n 
A 1 122 ARG 122 -42  ?   ?   ?   A . n 
A 1 123 LEU 123 -41  ?   ?   ?   A . n 
A 1 124 HIS 124 -40  ?   ?   ?   A . n 
A 1 125 GLY 125 -39  ?   ?   ?   A . n 
A 1 126 ALA 126 -38  ?   ?   ?   A . n 
A 1 127 ALA 127 -37  ?   ?   ?   A . n 
A 1 128 GLU 128 -36  ?   ?   ?   A . n 
A 1 129 ARG 129 -35  ?   ?   ?   A . n 
A 1 130 GLU 130 -34  ?   ?   ?   A . n 
A 1 131 ALA 131 -33  ?   ?   ?   A . n 
A 1 132 VAL 132 -32  ?   ?   ?   A . n 
A 1 133 CYS 133 -31  ?   ?   ?   A . n 
A 1 134 LEU 134 -30  ?   ?   ?   A . n 
A 1 135 ILE 135 -29  ?   ?   ?   A . n 
A 1 136 LYS 136 -28  ?   ?   ?   A . n 
A 1 137 LYS 137 -27  ?   ?   ?   A . n 
A 1 138 THR 138 -26  ?   ?   ?   A . n 
A 1 139 ALA 139 -25  ?   ?   ?   A . n 
A 1 140 PHE 140 -24  ?   ?   ?   A . n 
A 1 141 GLN 141 -23  ?   ?   ?   A . n 
A 1 142 ILE 142 -22  ?   ?   ?   A . n 
A 1 143 ALA 143 -21  ?   ?   ?   A . n 
A 1 144 GLU 144 -20  ?   ?   ?   A . n 
A 1 145 ALA 145 -19  ?   ?   ?   A . n 
A 1 146 ALA 146 -18  ?   ?   ?   A . n 
A 1 147 ASN 147 -17  ?   ?   ?   A . n 
A 1 148 ASP 148 -16  ?   ?   ?   A . n 
A 1 149 GLU 149 -15  ?   ?   ?   A . n 
A 1 150 ASN 150 -14  ?   ?   ?   A . n 
A 1 151 TYR 151 -13  ?   ?   ?   A . n 
A 1 152 PHE 152 -12  ?   ?   ?   A . n 
A 1 153 GLY 153 -11  ?   ?   ?   A . n 
A 1 154 GLY 154 -10  ?   ?   ?   A . n 
A 1 155 SER 155 -9   ?   ?   ?   A . n 
A 1 156 GLY 156 -8   ?   ?   ?   A . n 
A 1 157 GLY 157 -7   ?   ?   ?   A . n 
A 1 158 SER 158 -6   ?   ?   ?   A . n 
A 1 159 GLY 159 -5   ?   ?   ?   A . n 
A 1 160 GLY 160 -4   ?   ?   ?   A . n 
A 1 161 SER 161 -3   ?   ?   ?   A . n 
A 1 162 GLY 162 -2   ?   ?   ?   A . n 
A 1 163 GLY 163 -1   ?   ?   ?   A . n 
A 1 164 SER 164 0    ?   ?   ?   A . n 
A 1 165 MET 165 1    ?   ?   ?   A . n 
A 1 166 LYS 166 2    2   LYS LYS A . n 
A 1 167 MET 167 3    3   MET MET A . n 
A 1 168 GLU 168 4    4   GLU GLU A . n 
A 1 169 GLU 169 5    5   GLU GLU A . n 
A 1 170 LEU 170 6    6   LEU LEU A . n 
A 1 171 PHE 171 7    7   PHE PHE A . n 
A 1 172 LYS 172 8    8   LYS LYS A . n 
A 1 173 LYS 173 9    9   LYS LYS A . n 
A 1 174 HIS 174 10   10  HIS HIS A . n 
A 1 175 LYS 175 11   11  LYS LYS A . n 
A 1 176 ILE 176 12   12  ILE ILE A . n 
A 1 177 VAL 177 13   13  VAL VAL A . n 
A 1 178 ALA 178 14   14  ALA ALA A . n 
A 1 179 VAL 179 15   15  VAL VAL A . n 
A 1 180 LEU 180 16   16  LEU LEU A . n 
A 1 181 ARG 181 17   17  ARG ARG A . n 
A 1 182 ALA 182 18   18  ALA ALA A . n 
A 1 183 ASN 183 19   19  ASN ASN A . n 
A 1 184 SER 184 20   20  SER SER A . n 
A 1 185 VAL 185 21   21  VAL VAL A . n 
A 1 186 GLU 186 22   22  GLU GLU A . n 
A 1 187 GLU 187 23   23  GLU GLU A . n 
A 1 188 ALA 188 24   24  ALA ALA A . n 
A 1 189 LYS 189 25   25  LYS LYS A . n 
A 1 190 LYS 190 26   26  LYS LYS A . n 
A 1 191 LYS 191 27   27  LYS LYS A . n 
A 1 192 ALA 192 28   28  ALA ALA A . n 
A 1 193 LEU 193 29   29  LEU LEU A . n 
A 1 194 ALA 194 30   30  ALA ALA A . n 
A 1 195 VAL 195 31   31  VAL VAL A . n 
A 1 196 PHE 196 32   32  PHE PHE A . n 
A 1 197 LEU 197 33   33  LEU LEU A . n 
A 1 198 GLY 198 34   34  GLY GLY A . n 
A 1 199 GLY 199 35   35  GLY GLY A . n 
A 1 200 VAL 200 36   36  VAL VAL A . n 
A 1 201 HIS 201 37   37  HIS HIS A . n 
A 1 202 LEU 202 38   38  LEU LEU A . n 
A 1 203 ILE 203 39   39  ILE ILE A . n 
A 1 204 GLU 204 40   40  GLU GLU A . n 
A 1 205 ILE 205 41   41  ILE ILE A . n 
A 1 206 THR 206 42   42  THR THR A . n 
A 1 207 PHE 207 43   43  PHE PHE A . n 
A 1 208 THR 208 44   44  THR THR A . n 
A 1 209 VAL 209 45   45  VAL VAL A . n 
A 1 210 PRO 210 46   46  PRO PRO A . n 
A 1 211 ASP 211 47   47  ASP ASP A . n 
A 1 212 ALA 212 48   48  ALA ALA A . n 
A 1 213 ASP 213 49   49  ASP ASP A . n 
A 1 214 THR 214 50   50  THR THR A . n 
A 1 215 VAL 215 51   51  VAL VAL A . n 
A 1 216 ILE 216 52   52  ILE ILE A . n 
A 1 217 LYS 217 53   53  LYS LYS A . n 
A 1 218 GLU 218 54   54  GLU GLU A . n 
A 1 219 LEU 219 55   55  LEU LEU A . n 
A 1 220 SER 220 56   56  SER SER A . n 
A 1 221 PHE 221 57   57  PHE PHE A . n 
A 1 222 LEU 222 58   58  LEU LEU A . n 
A 1 223 LYS 223 59   59  LYS LYS A . n 
A 1 224 GLU 224 60   60  GLU GLU A . n 
A 1 225 MET 225 61   61  MET MET A . n 
A 1 226 GLY 226 62   62  GLY GLY A . n 
A 1 227 ALA 227 63   63  ALA ALA A . n 
A 1 228 ILE 228 64   64  ILE ILE A . n 
A 1 229 ILE 229 65   65  ILE ILE A . n 
A 1 230 GLY 230 66   66  GLY GLY A . n 
A 1 231 ALA 231 67   67  ALA ALA A . n 
A 1 232 GLY 232 68   68  GLY GLY A . n 
A 1 233 THR 233 69   69  THR THR A . n 
A 1 234 VAL 234 70   70  VAL VAL A . n 
A 1 235 THR 235 71   71  THR THR A . n 
A 1 236 SER 236 72   72  SER SER A . n 
A 1 237 VAL 237 73   73  VAL VAL A . n 
A 1 238 GLU 238 74   74  GLU GLU A . n 
A 1 239 GLN 239 75   75  GLN GLN A . n 
A 1 240 ALA 240 76   76  ALA ALA A . n 
A 1 241 ARG 241 77   77  ARG ARG A . n 
A 1 242 LYS 242 78   78  LYS LYS A . n 
A 1 243 ALA 243 79   79  ALA ALA A . n 
A 1 244 VAL 244 80   80  VAL VAL A . n 
A 1 245 GLU 245 81   81  GLU GLU A . n 
A 1 246 SER 246 82   82  SER SER A . n 
A 1 247 GLY 247 83   83  GLY GLY A . n 
A 1 248 ALA 248 84   84  ALA ALA A . n 
A 1 249 GLU 249 85   85  GLU GLU A . n 
A 1 250 PHE 250 86   86  PHE PHE A . n 
A 1 251 ILE 251 87   87  ILE ILE A . n 
A 1 252 VAL 252 88   88  VAL VAL A . n 
A 1 253 SER 253 89   89  SER SER A . n 
A 1 254 PRO 254 90   90  PRO PRO A . n 
A 1 255 HIS 255 91   91  HIS HIS A . n 
A 1 256 LEU 256 92   92  LEU LEU A . n 
A 1 257 ASP 257 93   93  ASP ASP A . n 
A 1 258 GLU 258 94   94  GLU GLU A . n 
A 1 259 GLU 259 95   95  GLU GLU A . n 
A 1 260 ILE 260 96   96  ILE ILE A . n 
A 1 261 SER 261 97   97  SER SER A . n 
A 1 262 GLN 262 98   98  GLN GLN A . n 
A 1 263 PHE 263 99   99  PHE PHE A . n 
A 1 264 ALA 264 100  100 ALA ALA A . n 
A 1 265 LYS 265 101  101 LYS LYS A . n 
A 1 266 GLU 266 102  102 GLU GLU A . n 
A 1 267 LYS 267 103  103 LYS LYS A . n 
A 1 268 GLY 268 104  104 GLY GLY A . n 
A 1 269 VAL 269 105  105 VAL VAL A . n 
A 1 270 PHE 270 106  106 PHE PHE A . n 
A 1 271 TYR 271 107  107 TYR TYR A . n 
A 1 272 MET 272 108  108 MET MET A . n 
A 1 273 PRO 273 109  109 PRO PRO A . n 
A 1 274 GLY 274 110  110 GLY GLY A . n 
A 1 275 VAL 275 111  111 VAL VAL A . n 
A 1 276 MET 276 112  112 MET MET A . n 
A 1 277 THR 277 113  113 THR THR A . n 
A 1 278 PRO 278 114  114 PRO PRO A . n 
A 1 279 THR 279 115  115 THR THR A . n 
A 1 280 GLU 280 116  116 GLU GLU A . n 
A 1 281 LEU 281 117  117 LEU LEU A . n 
A 1 282 VAL 282 118  118 VAL VAL A . n 
A 1 283 LYS 283 119  119 LYS LYS A . n 
A 1 284 ALA 284 120  120 ALA ALA A . n 
A 1 285 MET 285 121  121 MET MET A . n 
A 1 286 LYS 286 122  122 LYS LYS A . n 
A 1 287 LEU 287 123  123 LEU LEU A . n 
A 1 288 GLY 288 124  124 GLY GLY A . n 
A 1 289 HIS 289 125  125 HIS HIS A . n 
A 1 290 THR 290 126  126 THR THR A . n 
A 1 291 ILE 291 127  127 ILE ILE A . n 
A 1 292 LEU 292 128  128 LEU LEU A . n 
A 1 293 LYS 293 129  129 LYS LYS A . n 
A 1 294 LEU 294 130  130 LEU LEU A . n 
A 1 295 PHE 295 131  131 PHE PHE A . n 
A 1 296 PRO 296 132  132 PRO PRO A . n 
A 1 297 GLY 297 133  133 GLY GLY A . n 
A 1 298 GLU 298 134  134 GLU GLU A . n 
A 1 299 VAL 299 135  135 VAL VAL A . n 
A 1 300 VAL 300 136  136 VAL VAL A . n 
A 1 301 GLY 301 137  137 GLY GLY A . n 
A 1 302 PRO 302 138  138 PRO PRO A . n 
A 1 303 GLN 303 139  139 GLN GLN A . n 
A 1 304 PHE 304 140  140 PHE PHE A . n 
A 1 305 VAL 305 141  141 VAL VAL A . n 
A 1 306 LYS 306 142  142 LYS LYS A . n 
A 1 307 ALA 307 143  143 ALA ALA A . n 
A 1 308 MET 308 144  144 MET MET A . n 
A 1 309 LYS 309 145  145 LYS LYS A . n 
A 1 310 GLY 310 146  146 GLY GLY A . n 
A 1 311 PRO 311 147  147 PRO PRO A . n 
A 1 312 PHE 312 148  148 PHE PHE A . n 
A 1 313 PRO 313 149  149 PRO PRO A . n 
A 1 314 ASN 314 150  150 ASN ASN A . n 
A 1 315 VAL 315 151  151 VAL VAL A . n 
A 1 316 LYS 316 152  152 LYS LYS A . n 
A 1 317 PHE 317 153  153 PHE PHE A . n 
A 1 318 VAL 318 154  154 VAL VAL A . n 
A 1 319 PRO 319 155  155 PRO PRO A . n 
A 1 320 THR 320 156  156 THR THR A . n 
A 1 321 GLY 321 157  157 GLY GLY A . n 
A 1 322 GLY 322 158  158 GLY GLY A . n 
A 1 323 VAL 323 159  159 VAL VAL A . n 
A 1 324 ASN 324 160  160 ASN ASN A . n 
A 1 325 LEU 325 161  161 LEU LEU A . n 
A 1 326 ASP 326 162  162 ASP ASP A . n 
A 1 327 ASN 327 163  163 ASN ASN A . n 
A 1 328 VAL 328 164  164 VAL VAL A . n 
A 1 329 CYS 329 165  165 CYS CYS A . n 
A 1 330 GLU 330 166  166 GLU GLU A . n 
A 1 331 TRP 331 167  167 TRP TRP A . n 
A 1 332 PHE 332 168  168 PHE PHE A . n 
A 1 333 LYS 333 169  169 LYS LYS A . n 
A 1 334 ALA 334 170  170 ALA ALA A . n 
A 1 335 GLY 335 171  171 GLY GLY A . n 
A 1 336 VAL 336 172  172 VAL VAL A . n 
A 1 337 LEU 337 173  173 LEU LEU A . n 
A 1 338 ALA 338 174  174 ALA ALA A . n 
A 1 339 VAL 339 175  175 VAL VAL A . n 
A 1 340 GLY 340 176  176 GLY GLY A . n 
A 1 341 VAL 341 177  177 VAL VAL A . n 
A 1 342 GLY 342 178  178 GLY GLY A . n 
A 1 343 SER 343 179  179 SER SER A . n 
A 1 344 ALA 344 180  180 ALA ALA A . n 
A 1 345 LEU 345 181  181 LEU LEU A . n 
A 1 346 VAL 346 182  182 VAL VAL A . n 
A 1 347 LYS 347 183  183 LYS LYS A . n 
A 1 348 GLY 348 184  184 GLY GLY A . n 
A 1 349 THR 349 185  185 THR THR A . n 
A 1 350 PRO 350 186  186 PRO PRO A . n 
A 1 351 VAL 351 187  187 VAL VAL A . n 
A 1 352 GLU 352 188  188 GLU GLU A . n 
A 1 353 VAL 353 189  189 VAL VAL A . n 
A 1 354 ALA 354 190  190 ALA ALA A . n 
A 1 355 GLU 355 191  191 GLU GLU A . n 
A 1 356 LYS 356 192  192 LYS LYS A . n 
A 1 357 ALA 357 193  193 ALA ALA A . n 
A 1 358 LYS 358 194  194 LYS LYS A . n 
A 1 359 ALA 359 195  195 ALA ALA A . n 
A 1 360 PHE 360 196  196 PHE PHE A . n 
A 1 361 VAL 361 197  197 VAL VAL A . n 
A 1 362 GLU 362 198  198 GLU GLU A . n 
A 1 363 LYS 363 199  199 LYS LYS A . n 
A 1 364 ILE 364 200  200 ILE ILE A . n 
A 1 365 ARG 365 201  201 ARG ARG A . n 
A 1 366 GLY 366 202  202 GLY GLY A . n 
A 1 367 CYS 367 203  203 CYS CYS A . n 
A 1 368 THR 368 204  ?   ?   ?   A . n 
A 1 369 GLU 369 205  ?   ?   ?   A . n 
A 1 370 GLY 370 206  ?   ?   ?   A . n 
A 1 371 SER 371 207  ?   ?   ?   A . n 
A 1 372 GLY 372 208  ?   ?   ?   A . n 
A 1 373 HIS 373 209  ?   ?   ?   A . n 
A 1 374 HIS 374 210  ?   ?   ?   A . n 
A 1 375 HIS 375 211  ?   ?   ?   A . n 
A 1 376 HIS 376 212  ?   ?   ?   A . n 
A 1 377 HIS 377 213  ?   ?   ?   A . n 
A 1 378 HIS 378 214  ?   ?   ?   A . n 
# 
loop_
_pdbx_unobs_or_zero_occ_atoms.id 
_pdbx_unobs_or_zero_occ_atoms.PDB_model_num 
_pdbx_unobs_or_zero_occ_atoms.polymer_flag 
_pdbx_unobs_or_zero_occ_atoms.occupancy_flag 
_pdbx_unobs_or_zero_occ_atoms.auth_asym_id 
_pdbx_unobs_or_zero_occ_atoms.auth_comp_id 
_pdbx_unobs_or_zero_occ_atoms.auth_seq_id 
_pdbx_unobs_or_zero_occ_atoms.PDB_ins_code 
_pdbx_unobs_or_zero_occ_atoms.auth_atom_id 
_pdbx_unobs_or_zero_occ_atoms.label_alt_id 
_pdbx_unobs_or_zero_occ_atoms.label_asym_id 
_pdbx_unobs_or_zero_occ_atoms.label_comp_id 
_pdbx_unobs_or_zero_occ_atoms.label_seq_id 
_pdbx_unobs_or_zero_occ_atoms.label_atom_id 
1 1 Y 1 A LYS 2 ? CB ? A LYS 166 CB 
2 1 Y 1 A LYS 2 ? CG ? A LYS 166 CG 
3 1 Y 1 A LYS 2 ? CD ? A LYS 166 CD 
4 1 Y 1 A LYS 2 ? CE ? A LYS 166 CE 
5 1 Y 1 A LYS 2 ? NZ ? A LYS 166 NZ 
6 1 Y 1 A MET 3 ? CB ? A MET 167 CB 
7 1 Y 1 A MET 3 ? CG ? A MET 167 CG 
8 1 Y 1 A MET 3 ? SD ? A MET 167 SD 
9 1 Y 1 A MET 3 ? CE ? A MET 167 CE 
# 
_cell.angle_alpha                  90.00 
_cell.angle_alpha_esd              ? 
_cell.angle_beta                   90.00 
_cell.angle_beta_esd               ? 
_cell.angle_gamma                  90.00 
_cell.angle_gamma_esd              ? 
_cell.entry_id                     8JGC 
_cell.details                      ? 
_cell.formula_units_Z              ? 
_cell.length_a                     1.00 
_cell.length_a_esd                 ? 
_cell.length_b                     1.00 
_cell.length_b_esd                 ? 
_cell.length_c                     1.00 
_cell.length_c_esd                 ? 
_cell.volume                       ? 
_cell.volume_esd                   ? 
_cell.Z_PDB                        ? 
_cell.reciprocal_angle_alpha       ? 
_cell.reciprocal_angle_beta        ? 
_cell.reciprocal_angle_gamma       ? 
_cell.reciprocal_angle_alpha_esd   ? 
_cell.reciprocal_angle_beta_esd    ? 
_cell.reciprocal_angle_gamma_esd   ? 
_cell.reciprocal_length_a          ? 
_cell.reciprocal_length_b          ? 
_cell.reciprocal_length_c          ? 
_cell.reciprocal_length_a_esd      ? 
_cell.reciprocal_length_b_esd      ? 
_cell.reciprocal_length_c_esd      ? 
_cell.pdbx_unique_axis             ? 
_cell.pdbx_esd_method              ? 
# 
_symmetry.entry_id                         8JGC 
_symmetry.cell_setting                     ? 
_symmetry.Int_Tables_number                1 
_symmetry.space_group_name_Hall            ? 
_symmetry.space_group_name_H-M             'P 1' 
_symmetry.pdbx_full_space_group_name_H-M   ? 
# 
_exptl.absorpt_coefficient_mu     ? 
_exptl.absorpt_correction_T_max   ? 
_exptl.absorpt_correction_T_min   ? 
_exptl.absorpt_correction_type    ? 
_exptl.absorpt_process_details    ? 
_exptl.entry_id                   8JGC 
_exptl.crystals_number            ? 
_exptl.details                    ? 
_exptl.method                     'ELECTRON MICROSCOPY' 
_exptl.method_details             ? 
# 
_refine.pdbx_refine_id                           'ELECTRON MICROSCOPY' 
_refine.entry_id                                 8JGC 
_refine.pdbx_diffrn_id                           ? 
_refine.pdbx_TLS_residual_ADP_flag               ? 
_refine.ls_number_reflns_obs                     ? 
_refine.ls_number_reflns_all                     ? 
_refine.pdbx_ls_sigma_I                          ? 
_refine.pdbx_ls_sigma_F                          ? 
_refine.pdbx_data_cutoff_high_absF               ? 
_refine.pdbx_data_cutoff_low_absF                ? 
_refine.pdbx_data_cutoff_high_rms_absF           ? 
_refine.ls_d_res_low                             ? 
_refine.ls_d_res_high                            . 
_refine.ls_percent_reflns_obs                    ? 
_refine.ls_R_factor_obs                          ? 
_refine.ls_R_factor_all                          ? 
_refine.ls_R_factor_R_work                       ? 
_refine.ls_R_factor_R_free                       ? 
_refine.ls_R_factor_R_free_error                 ? 
_refine.ls_R_factor_R_free_error_details         ? 
_refine.ls_percent_reflns_R_free                 ? 
_refine.ls_number_reflns_R_free                  ? 
_refine.ls_number_parameters                     ? 
_refine.ls_number_restraints                     ? 
_refine.occupancy_min                            ? 
_refine.occupancy_max                            ? 
_refine.correlation_coeff_Fo_to_Fc               ? 
_refine.correlation_coeff_Fo_to_Fc_free          ? 
_refine.B_iso_mean                               ? 
_refine.aniso_B[1][1]                            ? 
_refine.aniso_B[2][2]                            ? 
_refine.aniso_B[3][3]                            ? 
_refine.aniso_B[1][2]                            ? 
_refine.aniso_B[1][3]                            ? 
_refine.aniso_B[2][3]                            ? 
_refine.solvent_model_details                    ? 
_refine.solvent_model_param_ksol                 ? 
_refine.solvent_model_param_bsol                 ? 
_refine.pdbx_solvent_vdw_probe_radii             ? 
_refine.pdbx_solvent_ion_probe_radii             ? 
_refine.pdbx_solvent_shrinkage_radii             ? 
_refine.pdbx_ls_cross_valid_method               ? 
_refine.details                                  ? 
_refine.pdbx_starting_model                      ? 
_refine.pdbx_method_to_determine_struct          ? 
_refine.pdbx_isotropic_thermal_model             ? 
_refine.pdbx_stereochemistry_target_values       ? 
_refine.pdbx_stereochem_target_val_spec_case     ? 
_refine.pdbx_R_Free_selection_details            ? 
_refine.pdbx_overall_ESU_R                       ? 
_refine.pdbx_overall_ESU_R_Free                  ? 
_refine.overall_SU_ML                            ? 
_refine.pdbx_overall_phase_error                 ? 
_refine.overall_SU_B                             ? 
_refine.overall_SU_R_Cruickshank_DPI             ? 
_refine.pdbx_overall_SU_R_free_Cruickshank_DPI   ? 
_refine.pdbx_overall_SU_R_Blow_DPI               ? 
_refine.pdbx_overall_SU_R_free_Blow_DPI          ? 
# 
loop_
_refine_ls_restr.pdbx_refine_id 
_refine_ls_restr.criterion 
_refine_ls_restr.dev_ideal 
_refine_ls_restr.dev_ideal_target 
_refine_ls_restr.number 
_refine_ls_restr.rejects 
_refine_ls_restr.type 
_refine_ls_restr.weight 
_refine_ls_restr.pdbx_restraint_function 
'ELECTRON MICROSCOPY' ? 0.008 ? 1545 ? f_bond_d           ? ? 
'ELECTRON MICROSCOPY' ? 0.894 ? 2084 ? f_angle_d          ? ? 
'ELECTRON MICROSCOPY' ? 6.180 ? 205  ? f_dihedral_angle_d ? ? 
'ELECTRON MICROSCOPY' ? 0.060 ? 244  ? f_chiral_restr     ? ? 
'ELECTRON MICROSCOPY' ? 0.008 ? 263  ? f_plane_restr      ? ? 
# 
_struct.entry_id                     8JGC 
_struct.title                        'Cryo-EM structure of Mi3 fused with LOV2' 
_struct.pdbx_model_details           ? 
_struct.pdbx_formula_weight          ? 
_struct.pdbx_formula_weight_method   ? 
_struct.pdbx_model_type_details      ? 
_struct.pdbx_CASP_flag               N 
# 
_struct_keywords.entry_id        8JGC 
_struct_keywords.text            'protein cage Scaffold, LYASE' 
_struct_keywords.pdbx_keywords   LYASE 
# 
_struct_asym.id                            A 
_struct_asym.pdbx_blank_PDB_chainid_flag   N 
_struct_asym.pdbx_modified                 N 
_struct_asym.entity_id                     1 
_struct_asym.details                       ? 
# 
loop_
_struct_ref.id 
_struct_ref.db_name 
_struct_ref.db_code 
_struct_ref.pdbx_db_accession 
_struct_ref.pdbx_db_isoform 
_struct_ref.entity_id 
_struct_ref.pdbx_seq_one_letter_code 
_struct_ref.pdbx_align_begin 
1 UNP A0A453KFI0_AEGTS A0A453KFI0 ? 1 
;LATTLERIEKNFVITDPRLPDNPIIFASDSFLQLTEYSREEILGRNCRFLQGPETDRDTVRKIRDAIDNQTEVTVQLINY
TKSGKKFWNLFHLQPMRDQKGDVQYFIGVQLDGTEHVRDAAEKEGVMLIKKTAENIDEAA
;
42 
2 UNP Q9WXS1_THEMA     Q9WXS1     ? 1 
;MKMEELFKKHKIVAVLRANSVEEAKEKALAVFEGGVHLIEITFTVPDADTVIKELSFLKEKGAIIGAGTVTSVEQCRKAV
ESGAEFIVSPHLDEEISQFCKEKGVFYMPGVMTPTELVKAMKLGHTILKLFPGEVVGPQFVKAMKGPFPNVKFVPTGGVN
LDNVCEWFKAGVLAVGVGSALVKGTPDEVREKAKAFVEKIRGCTE
;
1  
# 
loop_
_struct_ref_seq.align_id 
_struct_ref_seq.ref_id 
_struct_ref_seq.pdbx_PDB_id_code 
_struct_ref_seq.pdbx_strand_id 
_struct_ref_seq.seq_align_beg 
_struct_ref_seq.pdbx_seq_align_beg_ins_code 
_struct_ref_seq.seq_align_end 
_struct_ref_seq.pdbx_seq_align_end_ins_code 
_struct_ref_seq.pdbx_db_accession 
_struct_ref_seq.db_align_beg 
_struct_ref_seq.pdbx_db_align_beg_ins_code 
_struct_ref_seq.db_align_end 
_struct_ref_seq.pdbx_db_align_end_ins_code 
_struct_ref_seq.pdbx_auth_seq_align_beg 
_struct_ref_seq.pdbx_auth_seq_align_end 
1 1 8JGC A 7   ? 146 ? A0A453KFI0 42 ? 181 ? -157 -18 
2 2 8JGC A 165 ? 369 ? Q9WXS1     1  ? 205 ? 1    205 
# 
loop_
_struct_ref_seq_dif.align_id 
_struct_ref_seq_dif.pdbx_pdb_id_code 
_struct_ref_seq_dif.mon_id 
_struct_ref_seq_dif.pdbx_pdb_strand_id 
_struct_ref_seq_dif.seq_num 
_struct_ref_seq_dif.pdbx_pdb_ins_code 
_struct_ref_seq_dif.pdbx_seq_db_name 
_struct_ref_seq_dif.pdbx_seq_db_accession_code 
_struct_ref_seq_dif.db_mon_id 
_struct_ref_seq_dif.pdbx_seq_db_seq_num 
_struct_ref_seq_dif.details 
_struct_ref_seq_dif.pdbx_auth_seq_num 
_struct_ref_seq_dif.pdbx_ordinal 
1 8JGC MET A 1   ? UNP A0A453KFI0 ?   ?   'initiating methionine' -163 1  
1 8JGC GLY A 2   ? UNP A0A453KFI0 ?   ?   'expression tag'        -162 2  
1 8JGC SER A 3   ? UNP A0A453KFI0 ?   ?   'expression tag'        -161 3  
1 8JGC SER A 4   ? UNP A0A453KFI0 ?   ?   'expression tag'        -160 4  
1 8JGC GLU A 5   ? UNP A0A453KFI0 ?   ?   'expression tag'        -159 5  
1 8JGC PHE A 6   ? UNP A0A453KFI0 ?   ?   'expression tag'        -158 6  
1 8JGC ALA A 64  ? UNP A0A453KFI0 ASP 99  conflict                -100 7  
1 8JGC VAL A 96  ? UNP A0A453KFI0 LEU 131 conflict                -68  8  
1 8JGC TYR A 105 ? UNP A0A453KFI0 GLN 140 conflict                -59  9  
1 8JGC ARG A 122 ? UNP A0A453KFI0 HIS 157 conflict                -42  10 
1 8JGC LEU A 123 ? UNP A0A453KFI0 VAL 158 conflict                -41  11 
1 8JGC HIS A 124 ? UNP A0A453KFI0 ARG 159 conflict                -40  12 
1 8JGC GLY A 125 ? UNP A0A453KFI0 ASP 160 conflict                -39  13 
1 8JGC ARG A 129 ? UNP A0A453KFI0 LYS 164 conflict                -35  14 
1 8JGC ALA A 131 ? UNP A0A453KFI0 GLY 166 conflict                -33  15 
1 8JGC CYS A 133 ? UNP A0A453KFI0 MET 168 conflict                -31  16 
1 8JGC PHE A 140 ? UNP A0A453KFI0 GLU 175 conflict                -24  17 
1 8JGC GLN A 141 ? UNP A0A453KFI0 ASN 176 conflict                -23  18 
1 8JGC ALA A 143 ? UNP A0A453KFI0 ASP 178 conflict                -21  19 
1 8JGC ASN A 147 ? UNP A0A453KFI0 ?   ?   linker                  -17  20 
1 8JGC ASP A 148 ? UNP A0A453KFI0 ?   ?   linker                  -16  21 
1 8JGC GLU A 149 ? UNP A0A453KFI0 ?   ?   linker                  -15  22 
1 8JGC ASN A 150 ? UNP A0A453KFI0 ?   ?   linker                  -14  23 
1 8JGC TYR A 151 ? UNP A0A453KFI0 ?   ?   linker                  -13  24 
1 8JGC PHE A 152 ? UNP A0A453KFI0 ?   ?   linker                  -12  25 
1 8JGC GLY A 153 ? UNP A0A453KFI0 ?   ?   linker                  -11  26 
1 8JGC GLY A 154 ? UNP A0A453KFI0 ?   ?   linker                  -10  27 
1 8JGC SER A 155 ? UNP A0A453KFI0 ?   ?   linker                  -9   28 
1 8JGC GLY A 156 ? UNP A0A453KFI0 ?   ?   linker                  -8   29 
1 8JGC GLY A 157 ? UNP A0A453KFI0 ?   ?   linker                  -7   30 
1 8JGC SER A 158 ? UNP A0A453KFI0 ?   ?   linker                  -6   31 
1 8JGC GLY A 159 ? UNP A0A453KFI0 ?   ?   linker                  -5   32 
1 8JGC GLY A 160 ? UNP A0A453KFI0 ?   ?   linker                  -4   33 
1 8JGC SER A 161 ? UNP A0A453KFI0 ?   ?   linker                  -3   34 
1 8JGC GLY A 162 ? UNP A0A453KFI0 ?   ?   linker                  -2   35 
1 8JGC GLY A 163 ? UNP A0A453KFI0 ?   ?   linker                  -1   36 
1 8JGC SER A 164 ? UNP A0A453KFI0 ?   ?   linker                  0    37 
2 8JGC LYS A 190 ? UNP Q9WXS1     GLU 26  conflict                26   38 
2 8JGC LEU A 197 ? UNP Q9WXS1     GLU 33  conflict                33   39 
2 8JGC MET A 225 ? UNP Q9WXS1     LYS 61  conflict                61   40 
2 8JGC ALA A 240 ? UNP Q9WXS1     CYS 76  conflict                76   41 
2 8JGC ALA A 264 ? UNP Q9WXS1     CYS 100 conflict                100  42 
2 8JGC VAL A 351 ? UNP Q9WXS1     ASP 187 conflict                187  43 
2 8JGC ALA A 354 ? UNP Q9WXS1     ARG 190 conflict                190  44 
2 8JGC GLY A 370 ? UNP Q9WXS1     ?   ?   'expression tag'        206  45 
2 8JGC SER A 371 ? UNP Q9WXS1     ?   ?   'expression tag'        207  46 
2 8JGC GLY A 372 ? UNP Q9WXS1     ?   ?   'expression tag'        208  47 
2 8JGC HIS A 373 ? UNP Q9WXS1     ?   ?   'expression tag'        209  48 
2 8JGC HIS A 374 ? UNP Q9WXS1     ?   ?   'expression tag'        210  49 
2 8JGC HIS A 375 ? UNP Q9WXS1     ?   ?   'expression tag'        211  50 
2 8JGC HIS A 376 ? UNP Q9WXS1     ?   ?   'expression tag'        212  51 
2 8JGC HIS A 377 ? UNP Q9WXS1     ?   ?   'expression tag'        213  52 
2 8JGC HIS A 378 ? UNP Q9WXS1     ?   ?   'expression tag'        214  53 
# 
_pdbx_struct_assembly.id                   1 
_pdbx_struct_assembly.details              author_defined_assembly 
_pdbx_struct_assembly.method_details       ? 
_pdbx_struct_assembly.oligomeric_details   monomeric 
_pdbx_struct_assembly.oligomeric_count     1 
# 
_pdbx_struct_assembly_gen.assembly_id       1 
_pdbx_struct_assembly_gen.oper_expression   1 
_pdbx_struct_assembly_gen.asym_id_list      A 
# 
_pdbx_struct_assembly_auth_evidence.id                     1 
_pdbx_struct_assembly_auth_evidence.assembly_id            1 
_pdbx_struct_assembly_auth_evidence.experimental_support   'electron microscopy' 
_pdbx_struct_assembly_auth_evidence.details                ? 
# 
_pdbx_struct_oper_list.id                   1 
_pdbx_struct_oper_list.type                 'identity operation' 
_pdbx_struct_oper_list.name                 1_555 
_pdbx_struct_oper_list.symmetry_operation   ? 
_pdbx_struct_oper_list.matrix[1][1]         1.0000000000 
_pdbx_struct_oper_list.matrix[1][2]         0.0000000000 
_pdbx_struct_oper_list.matrix[1][3]         0.0000000000 
_pdbx_struct_oper_list.vector[1]            0.0000000000 
_pdbx_struct_oper_list.matrix[2][1]         0.0000000000 
_pdbx_struct_oper_list.matrix[2][2]         1.0000000000 
_pdbx_struct_oper_list.matrix[2][3]         0.0000000000 
_pdbx_struct_oper_list.vector[2]            0.0000000000 
_pdbx_struct_oper_list.matrix[3][1]         0.0000000000 
_pdbx_struct_oper_list.matrix[3][2]         0.0000000000 
_pdbx_struct_oper_list.matrix[3][3]         1.0000000000 
_pdbx_struct_oper_list.vector[3]            0.0000000000 
# 
loop_
_struct_conf.conf_type_id 
_struct_conf.id 
_struct_conf.pdbx_PDB_helix_id 
_struct_conf.beg_label_comp_id 
_struct_conf.beg_label_asym_id 
_struct_conf.beg_label_seq_id 
_struct_conf.pdbx_beg_PDB_ins_code 
_struct_conf.end_label_comp_id 
_struct_conf.end_label_asym_id 
_struct_conf.end_label_seq_id 
_struct_conf.pdbx_end_PDB_ins_code 
_struct_conf.beg_auth_comp_id 
_struct_conf.beg_auth_asym_id 
_struct_conf.beg_auth_seq_id 
_struct_conf.end_auth_comp_id 
_struct_conf.end_auth_asym_id 
_struct_conf.end_auth_seq_id 
_struct_conf.pdbx_PDB_helix_class 
_struct_conf.details 
_struct_conf.pdbx_PDB_helix_length 
HELX_P HELX_P1 AA1 LYS A 166 ? LYS A 175 ? LYS A 2   LYS A 11  1 ? 10 
HELX_P HELX_P2 AA2 GLU A 186 ? GLY A 199 ? GLU A 22  GLY A 35  1 ? 14 
HELX_P HELX_P3 AA3 ASP A 211 ? GLY A 226 ? ASP A 47  GLY A 62  1 ? 16 
HELX_P HELX_P4 AA4 SER A 236 ? SER A 246 ? SER A 72  SER A 82  1 ? 11 
HELX_P HELX_P5 AA5 ASP A 257 ? GLY A 268 ? ASP A 93  GLY A 104 1 ? 12 
HELX_P HELX_P6 AA6 THR A 277 ? LYS A 286 ? THR A 113 LYS A 122 1 ? 10 
HELX_P HELX_P7 AA7 THR A 349 ? CYS A 367 ? THR A 185 CYS A 203 1 ? 19 
# 
_struct_conf_type.id          HELX_P 
_struct_conf_type.criteria    ? 
_struct_conf_type.reference   ? 
# 
_struct_conn.id                            disulf1 
_struct_conn.conn_type_id                  disulf 
_struct_conn.pdbx_leaving_atom_flag        ? 
_struct_conn.pdbx_PDB_id                   ? 
_struct_conn.ptnr1_label_asym_id           A 
_struct_conn.ptnr1_label_comp_id           CYS 
_struct_conn.ptnr1_label_seq_id            329 
_struct_conn.ptnr1_label_atom_id           SG 
_struct_conn.pdbx_ptnr1_label_alt_id       ? 
_struct_conn.pdbx_ptnr1_PDB_ins_code       ? 
_struct_conn.pdbx_ptnr1_standard_comp_id   ? 
_struct_conn.ptnr1_symmetry                1_555 
_struct_conn.ptnr2_label_asym_id           A 
_struct_conn.ptnr2_label_comp_id           CYS 
_struct_conn.ptnr2_label_seq_id            367 
_struct_conn.ptnr2_label_atom_id           SG 
_struct_conn.pdbx_ptnr2_label_alt_id       ? 
_struct_conn.pdbx_ptnr2_PDB_ins_code       ? 
_struct_conn.ptnr1_auth_asym_id            A 
_struct_conn.ptnr1_auth_comp_id            CYS 
_struct_conn.ptnr1_auth_seq_id             165 
_struct_conn.ptnr2_auth_asym_id            A 
_struct_conn.ptnr2_auth_comp_id            CYS 
_struct_conn.ptnr2_auth_seq_id             203 
_struct_conn.ptnr2_symmetry                1_555 
_struct_conn.pdbx_ptnr3_label_atom_id      ? 
_struct_conn.pdbx_ptnr3_label_seq_id       ? 
_struct_conn.pdbx_ptnr3_label_comp_id      ? 
_struct_conn.pdbx_ptnr3_label_asym_id      ? 
_struct_conn.pdbx_ptnr3_label_alt_id       ? 
_struct_conn.pdbx_ptnr3_PDB_ins_code       ? 
_struct_conn.details                       ? 
_struct_conn.pdbx_dist_value               2.036 
_struct_conn.pdbx_value_order              ? 
_struct_conn.pdbx_role                     ? 
# 
_struct_conn_type.id          disulf 
_struct_conn_type.criteria    ? 
_struct_conn_type.reference   ? 
# 
_pdbx_modification_feature.ordinal                            1 
_pdbx_modification_feature.label_comp_id                      CYS 
_pdbx_modification_feature.label_asym_id                      A 
_pdbx_modification_feature.label_seq_id                       329 
_pdbx_modification_feature.label_alt_id                       ? 
_pdbx_modification_feature.modified_residue_label_comp_id     CYS 
_pdbx_modification_feature.modified_residue_label_asym_id     A 
_pdbx_modification_feature.modified_residue_label_seq_id      367 
_pdbx_modification_feature.modified_residue_label_alt_id      ? 
_pdbx_modification_feature.auth_comp_id                       CYS 
_pdbx_modification_feature.auth_asym_id                       A 
_pdbx_modification_feature.auth_seq_id                        165 
_pdbx_modification_feature.PDB_ins_code                       ? 
_pdbx_modification_feature.symmetry                           1_555 
_pdbx_modification_feature.modified_residue_auth_comp_id      CYS 
_pdbx_modification_feature.modified_residue_auth_asym_id      A 
_pdbx_modification_feature.modified_residue_auth_seq_id       203 
_pdbx_modification_feature.modified_residue_PDB_ins_code      ? 
_pdbx_modification_feature.modified_residue_symmetry          1_555 
_pdbx_modification_feature.comp_id_linking_atom               SG 
_pdbx_modification_feature.modified_residue_id_linking_atom   SG 
_pdbx_modification_feature.modified_residue_id                . 
_pdbx_modification_feature.ref_pcm_id                         . 
_pdbx_modification_feature.ref_comp_id                        . 
_pdbx_modification_feature.type                               None 
_pdbx_modification_feature.category                           'Disulfide bridge' 
# 
_struct_mon_prot_cis.pdbx_id                1 
_struct_mon_prot_cis.label_comp_id          PHE 
_struct_mon_prot_cis.label_seq_id           295 
_struct_mon_prot_cis.label_asym_id          A 
_struct_mon_prot_cis.label_alt_id           . 
_struct_mon_prot_cis.pdbx_PDB_ins_code      ? 
_struct_mon_prot_cis.auth_comp_id           PHE 
_struct_mon_prot_cis.auth_seq_id            131 
_struct_mon_prot_cis.auth_asym_id           A 
_struct_mon_prot_cis.pdbx_label_comp_id_2   PRO 
_struct_mon_prot_cis.pdbx_label_seq_id_2    296 
_struct_mon_prot_cis.pdbx_label_asym_id_2   A 
_struct_mon_prot_cis.pdbx_PDB_ins_code_2    ? 
_struct_mon_prot_cis.pdbx_auth_comp_id_2    PRO 
_struct_mon_prot_cis.pdbx_auth_seq_id_2     132 
_struct_mon_prot_cis.pdbx_auth_asym_id_2    A 
_struct_mon_prot_cis.pdbx_PDB_model_num     1 
_struct_mon_prot_cis.pdbx_omega_angle       -6.75 
# 
loop_
_struct_sheet.id 
_struct_sheet.type 
_struct_sheet.number_strands 
_struct_sheet.details 
AA1 ? 3 ? 
AA2 ? 2 ? 
# 
loop_
_struct_sheet_order.sheet_id 
_struct_sheet_order.range_id_1 
_struct_sheet_order.range_id_2 
_struct_sheet_order.offset 
_struct_sheet_order.sense 
AA1 1 2 ? parallel 
AA1 2 3 ? parallel 
AA2 1 2 ? parallel 
# 
loop_
_struct_sheet_range.sheet_id 
_struct_sheet_range.id 
_struct_sheet_range.beg_label_comp_id 
_struct_sheet_range.beg_label_asym_id 
_struct_sheet_range.beg_label_seq_id 
_struct_sheet_range.pdbx_beg_PDB_ins_code 
_struct_sheet_range.end_label_comp_id 
_struct_sheet_range.end_label_asym_id 
_struct_sheet_range.end_label_seq_id 
_struct_sheet_range.pdbx_end_PDB_ins_code 
_struct_sheet_range.beg_auth_comp_id 
_struct_sheet_range.beg_auth_asym_id 
_struct_sheet_range.beg_auth_seq_id 
_struct_sheet_range.end_auth_comp_id 
_struct_sheet_range.end_auth_asym_id 
_struct_sheet_range.end_auth_seq_id 
AA1 1 VAL A 179 ? LEU A 180 ? VAL A 15  LEU A 16  
AA1 2 LEU A 202 ? THR A 206 ? LEU A 38  THR A 42  
AA1 3 ILE A 228 ? GLY A 232 ? ILE A 64  GLY A 68  
AA2 1 PHE A 250 ? VAL A 252 ? PHE A 86  VAL A 88  
AA2 2 PHE A 270 ? MET A 272 ? PHE A 106 MET A 108 
# 
loop_
_pdbx_struct_sheet_hbond.sheet_id 
_pdbx_struct_sheet_hbond.range_id_1 
_pdbx_struct_sheet_hbond.range_id_2 
_pdbx_struct_sheet_hbond.range_1_label_atom_id 
_pdbx_struct_sheet_hbond.range_1_label_comp_id 
_pdbx_struct_sheet_hbond.range_1_label_asym_id 
_pdbx_struct_sheet_hbond.range_1_label_seq_id 
_pdbx_struct_sheet_hbond.range_1_PDB_ins_code 
_pdbx_struct_sheet_hbond.range_1_auth_atom_id 
_pdbx_struct_sheet_hbond.range_1_auth_comp_id 
_pdbx_struct_sheet_hbond.range_1_auth_asym_id 
_pdbx_struct_sheet_hbond.range_1_auth_seq_id 
_pdbx_struct_sheet_hbond.range_2_label_atom_id 
_pdbx_struct_sheet_hbond.range_2_label_comp_id 
_pdbx_struct_sheet_hbond.range_2_label_asym_id 
_pdbx_struct_sheet_hbond.range_2_label_seq_id 
_pdbx_struct_sheet_hbond.range_2_PDB_ins_code 
_pdbx_struct_sheet_hbond.range_2_auth_atom_id 
_pdbx_struct_sheet_hbond.range_2_auth_comp_id 
_pdbx_struct_sheet_hbond.range_2_auth_asym_id 
_pdbx_struct_sheet_hbond.range_2_auth_seq_id 
AA1 1 2 N LEU A 180 ? N LEU A 16 O GLU A 204 ? O GLU A 40  
AA1 2 3 N ILE A 203 ? N ILE A 39 O ILE A 228 ? O ILE A 64  
AA2 1 2 N ILE A 251 ? N ILE A 87 O PHE A 270 ? O PHE A 106 
# 
_pdbx_entry_details.entry_id                   8JGC 
_pdbx_entry_details.compound_details           ? 
_pdbx_entry_details.source_details             ? 
_pdbx_entry_details.nonpolymer_details         ? 
_pdbx_entry_details.sequence_details           ? 
_pdbx_entry_details.has_ligand_of_interest     ? 
_pdbx_entry_details.has_protein_modification   Y 
# 
loop_
_pdbx_validate_torsion.id 
_pdbx_validate_torsion.PDB_model_num 
_pdbx_validate_torsion.auth_comp_id 
_pdbx_validate_torsion.auth_asym_id 
_pdbx_validate_torsion.auth_seq_id 
_pdbx_validate_torsion.PDB_ins_code 
_pdbx_validate_torsion.label_alt_id 
_pdbx_validate_torsion.phi 
_pdbx_validate_torsion.psi 
1 1 GLU A 22  ? ? -135.34 -59.90 
2 1 PHE A 43  ? ? -67.71  5.25   
3 1 SER A 56  ? ? -37.94  -39.24 
4 1 SER A 179 ? ? -43.63  -6.67  
5 1 LEU A 181 ? ? -86.16  -92.77 
6 1 VAL A 182 ? ? -44.49  65.71  
# 
_em_3d_fitting.id                1 
_em_3d_fitting.entry_id          8JGC 
_em_3d_fitting.method            ? 
_em_3d_fitting.target_criteria   ? 
_em_3d_fitting.details           ? 
_em_3d_fitting.overall_b_value   ? 
_em_3d_fitting.ref_space         ? 
_em_3d_fitting.ref_protocol      ? 
# 
_em_3d_reconstruction.entry_id                    8JGC 
_em_3d_reconstruction.id                          1 
_em_3d_reconstruction.method                      ? 
_em_3d_reconstruction.algorithm                   ? 
_em_3d_reconstruction.citation_id                 ? 
_em_3d_reconstruction.details                     ? 
_em_3d_reconstruction.resolution                  3.44 
_em_3d_reconstruction.resolution_method           'FSC 0.143 CUT-OFF' 
_em_3d_reconstruction.magnification_calibration   ? 
_em_3d_reconstruction.nominal_pixel_size          ? 
_em_3d_reconstruction.actual_pixel_size           ? 
_em_3d_reconstruction.num_particles               85541 
_em_3d_reconstruction.euler_angles_details        ? 
_em_3d_reconstruction.num_class_averages          ? 
_em_3d_reconstruction.refinement_type             ? 
_em_3d_reconstruction.image_processing_id         1 
_em_3d_reconstruction.symmetry_type               POINT 
# 
_em_buffer.id            1 
_em_buffer.specimen_id   1 
_em_buffer.name          ? 
_em_buffer.details       ? 
_em_buffer.pH            7.8 
# 
_em_entity_assembly.id                   1 
_em_entity_assembly.parent_id            0 
_em_entity_assembly.source               'MULTIPLE SOURCES' 
_em_entity_assembly.type                 COMPLEX 
_em_entity_assembly.name                 LOV2-Mi3 
_em_entity_assembly.details              ? 
_em_entity_assembly.synonym              ? 
_em_entity_assembly.oligomeric_details   ? 
_em_entity_assembly.entity_id_list       1 
# 
_em_imaging.entry_id                        8JGC 
_em_imaging.id                              1 
_em_imaging.astigmatism                     ? 
_em_imaging.electron_beam_tilt_params       ? 
_em_imaging.residual_tilt                   ? 
_em_imaging.microscope_model                'FEI TITAN KRIOS' 
_em_imaging.specimen_holder_type            ? 
_em_imaging.specimen_holder_model           ? 
_em_imaging.details                         ? 
_em_imaging.date                            ? 
_em_imaging.accelerating_voltage            300 
_em_imaging.illumination_mode               'FLOOD BEAM' 
_em_imaging.mode                            'BRIGHT FIELD' 
_em_imaging.nominal_cs                      ? 
_em_imaging.nominal_defocus_min             1500 
_em_imaging.nominal_defocus_max             2500 
_em_imaging.calibrated_defocus_min          ? 
_em_imaging.calibrated_defocus_max          ? 
_em_imaging.tilt_angle_min                  ? 
_em_imaging.tilt_angle_max                  ? 
_em_imaging.nominal_magnification           ? 
_em_imaging.calibrated_magnification        ? 
_em_imaging.electron_source                 'FIELD EMISSION GUN' 
_em_imaging.citation_id                     ? 
_em_imaging.temperature                     ? 
_em_imaging.detector_distance               ? 
_em_imaging.recording_temperature_minimum   ? 
_em_imaging.recording_temperature_maximum   ? 
_em_imaging.alignment_procedure             ? 
_em_imaging.c2_aperture_diameter            ? 
_em_imaging.specimen_id                     1 
_em_imaging.cryogen                         ? 
# 
_em_vitrification.entry_id              8JGC 
_em_vitrification.id                    1 
_em_vitrification.specimen_id           1 
_em_vitrification.cryogen_name          ETHANE 
_em_vitrification.humidity              ? 
_em_vitrification.temp                  ? 
_em_vitrification.chamber_temperature   ? 
_em_vitrification.instrument            ? 
_em_vitrification.method                ? 
_em_vitrification.time_resolved_state   ? 
_em_vitrification.citation_id           ? 
_em_vitrification.details               ? 
# 
_em_experiment.entry_id                8JGC 
_em_experiment.id                      1 
_em_experiment.reconstruction_method   'SINGLE PARTICLE' 
_em_experiment.aggregation_state       PARTICLE 
_em_experiment.entity_assembly_id      1 
# 
loop_
_pdbx_unobs_or_zero_occ_residues.id 
_pdbx_unobs_or_zero_occ_residues.PDB_model_num 
_pdbx_unobs_or_zero_occ_residues.polymer_flag 
_pdbx_unobs_or_zero_occ_residues.occupancy_flag 
_pdbx_unobs_or_zero_occ_residues.auth_asym_id 
_pdbx_unobs_or_zero_occ_residues.auth_comp_id 
_pdbx_unobs_or_zero_occ_residues.auth_seq_id 
_pdbx_unobs_or_zero_occ_residues.PDB_ins_code 
_pdbx_unobs_or_zero_occ_residues.label_asym_id 
_pdbx_unobs_or_zero_occ_residues.label_comp_id 
_pdbx_unobs_or_zero_occ_residues.label_seq_id 
1   1 Y 1 A MET -163 ? A MET 1   
2   1 Y 1 A GLY -162 ? A GLY 2   
3   1 Y 1 A SER -161 ? A SER 3   
4   1 Y 1 A SER -160 ? A SER 4   
5   1 Y 1 A GLU -159 ? A GLU 5   
6   1 Y 1 A PHE -158 ? A PHE 6   
7   1 Y 1 A LEU -157 ? A LEU 7   
8   1 Y 1 A ALA -156 ? A ALA 8   
9   1 Y 1 A THR -155 ? A THR 9   
10  1 Y 1 A THR -154 ? A THR 10  
11  1 Y 1 A LEU -153 ? A LEU 11  
12  1 Y 1 A GLU -152 ? A GLU 12  
13  1 Y 1 A ARG -151 ? A ARG 13  
14  1 Y 1 A ILE -150 ? A ILE 14  
15  1 Y 1 A GLU -149 ? A GLU 15  
16  1 Y 1 A LYS -148 ? A LYS 16  
17  1 Y 1 A ASN -147 ? A ASN 17  
18  1 Y 1 A PHE -146 ? A PHE 18  
19  1 Y 1 A VAL -145 ? A VAL 19  
20  1 Y 1 A ILE -144 ? A ILE 20  
21  1 Y 1 A THR -143 ? A THR 21  
22  1 Y 1 A ASP -142 ? A ASP 22  
23  1 Y 1 A PRO -141 ? A PRO 23  
24  1 Y 1 A ARG -140 ? A ARG 24  
25  1 Y 1 A LEU -139 ? A LEU 25  
26  1 Y 1 A PRO -138 ? A PRO 26  
27  1 Y 1 A ASP -137 ? A ASP 27  
28  1 Y 1 A ASN -136 ? A ASN 28  
29  1 Y 1 A PRO -135 ? A PRO 29  
30  1 Y 1 A ILE -134 ? A ILE 30  
31  1 Y 1 A ILE -133 ? A ILE 31  
32  1 Y 1 A PHE -132 ? A PHE 32  
33  1 Y 1 A ALA -131 ? A ALA 33  
34  1 Y 1 A SER -130 ? A SER 34  
35  1 Y 1 A ASP -129 ? A ASP 35  
36  1 Y 1 A SER -128 ? A SER 36  
37  1 Y 1 A PHE -127 ? A PHE 37  
38  1 Y 1 A LEU -126 ? A LEU 38  
39  1 Y 1 A GLN -125 ? A GLN 39  
40  1 Y 1 A LEU -124 ? A LEU 40  
41  1 Y 1 A THR -123 ? A THR 41  
42  1 Y 1 A GLU -122 ? A GLU 42  
43  1 Y 1 A TYR -121 ? A TYR 43  
44  1 Y 1 A SER -120 ? A SER 44  
45  1 Y 1 A ARG -119 ? A ARG 45  
46  1 Y 1 A GLU -118 ? A GLU 46  
47  1 Y 1 A GLU -117 ? A GLU 47  
48  1 Y 1 A ILE -116 ? A ILE 48  
49  1 Y 1 A LEU -115 ? A LEU 49  
50  1 Y 1 A GLY -114 ? A GLY 50  
51  1 Y 1 A ARG -113 ? A ARG 51  
52  1 Y 1 A ASN -112 ? A ASN 52  
53  1 Y 1 A CYS -111 ? A CYS 53  
54  1 Y 1 A ARG -110 ? A ARG 54  
55  1 Y 1 A PHE -109 ? A PHE 55  
56  1 Y 1 A LEU -108 ? A LEU 56  
57  1 Y 1 A GLN -107 ? A GLN 57  
58  1 Y 1 A GLY -106 ? A GLY 58  
59  1 Y 1 A PRO -105 ? A PRO 59  
60  1 Y 1 A GLU -104 ? A GLU 60  
61  1 Y 1 A THR -103 ? A THR 61  
62  1 Y 1 A ASP -102 ? A ASP 62  
63  1 Y 1 A ARG -101 ? A ARG 63  
64  1 Y 1 A ALA -100 ? A ALA 64  
65  1 Y 1 A THR -99  ? A THR 65  
66  1 Y 1 A VAL -98  ? A VAL 66  
67  1 Y 1 A ARG -97  ? A ARG 67  
68  1 Y 1 A LYS -96  ? A LYS 68  
69  1 Y 1 A ILE -95  ? A ILE 69  
70  1 Y 1 A ARG -94  ? A ARG 70  
71  1 Y 1 A ASP -93  ? A ASP 71  
72  1 Y 1 A ALA -92  ? A ALA 72  
73  1 Y 1 A ILE -91  ? A ILE 73  
74  1 Y 1 A ASP -90  ? A ASP 74  
75  1 Y 1 A ASN -89  ? A ASN 75  
76  1 Y 1 A GLN -88  ? A GLN 76  
77  1 Y 1 A THR -87  ? A THR 77  
78  1 Y 1 A GLU -86  ? A GLU 78  
79  1 Y 1 A VAL -85  ? A VAL 79  
80  1 Y 1 A THR -84  ? A THR 80  
81  1 Y 1 A VAL -83  ? A VAL 81  
82  1 Y 1 A GLN -82  ? A GLN 82  
83  1 Y 1 A LEU -81  ? A LEU 83  
84  1 Y 1 A ILE -80  ? A ILE 84  
85  1 Y 1 A ASN -79  ? A ASN 85  
86  1 Y 1 A TYR -78  ? A TYR 86  
87  1 Y 1 A THR -77  ? A THR 87  
88  1 Y 1 A LYS -76  ? A LYS 88  
89  1 Y 1 A SER -75  ? A SER 89  
90  1 Y 1 A GLY -74  ? A GLY 90  
91  1 Y 1 A LYS -73  ? A LYS 91  
92  1 Y 1 A LYS -72  ? A LYS 92  
93  1 Y 1 A PHE -71  ? A PHE 93  
94  1 Y 1 A TRP -70  ? A TRP 94  
95  1 Y 1 A ASN -69  ? A ASN 95  
96  1 Y 1 A VAL -68  ? A VAL 96  
97  1 Y 1 A PHE -67  ? A PHE 97  
98  1 Y 1 A HIS -66  ? A HIS 98  
99  1 Y 1 A LEU -65  ? A LEU 99  
100 1 Y 1 A GLN -64  ? A GLN 100 
101 1 Y 1 A PRO -63  ? A PRO 101 
102 1 Y 1 A MET -62  ? A MET 102 
103 1 Y 1 A ARG -61  ? A ARG 103 
104 1 Y 1 A ASP -60  ? A ASP 104 
105 1 Y 1 A TYR -59  ? A TYR 105 
106 1 Y 1 A LYS -58  ? A LYS 106 
107 1 Y 1 A GLY -57  ? A GLY 107 
108 1 Y 1 A ASP -56  ? A ASP 108 
109 1 Y 1 A VAL -55  ? A VAL 109 
110 1 Y 1 A GLN -54  ? A GLN 110 
111 1 Y 1 A TYR -53  ? A TYR 111 
112 1 Y 1 A PHE -52  ? A PHE 112 
113 1 Y 1 A ILE -51  ? A ILE 113 
114 1 Y 1 A GLY -50  ? A GLY 114 
115 1 Y 1 A VAL -49  ? A VAL 115 
116 1 Y 1 A GLN -48  ? A GLN 116 
117 1 Y 1 A LEU -47  ? A LEU 117 
118 1 Y 1 A ASP -46  ? A ASP 118 
119 1 Y 1 A GLY -45  ? A GLY 119 
120 1 Y 1 A THR -44  ? A THR 120 
121 1 Y 1 A GLU -43  ? A GLU 121 
122 1 Y 1 A ARG -42  ? A ARG 122 
123 1 Y 1 A LEU -41  ? A LEU 123 
124 1 Y 1 A HIS -40  ? A HIS 124 
125 1 Y 1 A GLY -39  ? A GLY 125 
126 1 Y 1 A ALA -38  ? A ALA 126 
127 1 Y 1 A ALA -37  ? A ALA 127 
128 1 Y 1 A GLU -36  ? A GLU 128 
129 1 Y 1 A ARG -35  ? A ARG 129 
130 1 Y 1 A GLU -34  ? A GLU 130 
131 1 Y 1 A ALA -33  ? A ALA 131 
132 1 Y 1 A VAL -32  ? A VAL 132 
133 1 Y 1 A CYS -31  ? A CYS 133 
134 1 Y 1 A LEU -30  ? A LEU 134 
135 1 Y 1 A ILE -29  ? A ILE 135 
136 1 Y 1 A LYS -28  ? A LYS 136 
137 1 Y 1 A LYS -27  ? A LYS 137 
138 1 Y 1 A THR -26  ? A THR 138 
139 1 Y 1 A ALA -25  ? A ALA 139 
140 1 Y 1 A PHE -24  ? A PHE 140 
141 1 Y 1 A GLN -23  ? A GLN 141 
142 1 Y 1 A ILE -22  ? A ILE 142 
143 1 Y 1 A ALA -21  ? A ALA 143 
144 1 Y 1 A GLU -20  ? A GLU 144 
145 1 Y 1 A ALA -19  ? A ALA 145 
146 1 Y 1 A ALA -18  ? A ALA 146 
147 1 Y 1 A ASN -17  ? A ASN 147 
148 1 Y 1 A ASP -16  ? A ASP 148 
149 1 Y 1 A GLU -15  ? A GLU 149 
150 1 Y 1 A ASN -14  ? A ASN 150 
151 1 Y 1 A TYR -13  ? A TYR 151 
152 1 Y 1 A PHE -12  ? A PHE 152 
153 1 Y 1 A GLY -11  ? A GLY 153 
154 1 Y 1 A GLY -10  ? A GLY 154 
155 1 Y 1 A SER -9   ? A SER 155 
156 1 Y 1 A GLY -8   ? A GLY 156 
157 1 Y 1 A GLY -7   ? A GLY 157 
158 1 Y 1 A SER -6   ? A SER 158 
159 1 Y 1 A GLY -5   ? A GLY 159 
160 1 Y 1 A GLY -4   ? A GLY 160 
161 1 Y 1 A SER -3   ? A SER 161 
162 1 Y 1 A GLY -2   ? A GLY 162 
163 1 Y 1 A GLY -1   ? A GLY 163 
164 1 Y 1 A SER 0    ? A SER 164 
165 1 Y 1 A MET 1    ? A MET 165 
166 1 Y 1 A THR 204  ? A THR 368 
167 1 Y 1 A GLU 205  ? A GLU 369 
168 1 Y 1 A GLY 206  ? A GLY 370 
169 1 Y 1 A SER 207  ? A SER 371 
170 1 Y 1 A GLY 208  ? A GLY 372 
171 1 Y 1 A HIS 209  ? A HIS 373 
172 1 Y 1 A HIS 210  ? A HIS 374 
173 1 Y 1 A HIS 211  ? A HIS 375 
174 1 Y 1 A HIS 212  ? A HIS 376 
175 1 Y 1 A HIS 213  ? A HIS 377 
176 1 Y 1 A HIS 214  ? A HIS 378 
# 
loop_
_chem_comp_atom.comp_id 
_chem_comp_atom.atom_id 
_chem_comp_atom.type_symbol 
_chem_comp_atom.pdbx_aromatic_flag 
_chem_comp_atom.pdbx_stereo_config 
_chem_comp_atom.pdbx_ordinal 
ALA N    N N N 1   
ALA CA   C N S 2   
ALA C    C N N 3   
ALA O    O N N 4   
ALA CB   C N N 5   
ALA OXT  O N N 6   
ALA H    H N N 7   
ALA H2   H N N 8   
ALA HA   H N N 9   
ALA HB1  H N N 10  
ALA HB2  H N N 11  
ALA HB3  H N N 12  
ALA HXT  H N N 13  
ARG N    N N N 14  
ARG CA   C N S 15  
ARG C    C N N 16  
ARG O    O N N 17  
ARG CB   C N N 18  
ARG CG   C N N 19  
ARG CD   C N N 20  
ARG NE   N N N 21  
ARG CZ   C N N 22  
ARG NH1  N N N 23  
ARG NH2  N N N 24  
ARG OXT  O N N 25  
ARG H    H N N 26  
ARG H2   H N N 27  
ARG HA   H N N 28  
ARG HB2  H N N 29  
ARG HB3  H N N 30  
ARG HG2  H N N 31  
ARG HG3  H N N 32  
ARG HD2  H N N 33  
ARG HD3  H N N 34  
ARG HE   H N N 35  
ARG HH11 H N N 36  
ARG HH12 H N N 37  
ARG HH21 H N N 38  
ARG HH22 H N N 39  
ARG HXT  H N N 40  
ASN N    N N N 41  
ASN CA   C N S 42  
ASN C    C N N 43  
ASN O    O N N 44  
ASN CB   C N N 45  
ASN CG   C N N 46  
ASN OD1  O N N 47  
ASN ND2  N N N 48  
ASN OXT  O N N 49  
ASN H    H N N 50  
ASN H2   H N N 51  
ASN HA   H N N 52  
ASN HB2  H N N 53  
ASN HB3  H N N 54  
ASN HD21 H N N 55  
ASN HD22 H N N 56  
ASN HXT  H N N 57  
ASP N    N N N 58  
ASP CA   C N S 59  
ASP C    C N N 60  
ASP O    O N N 61  
ASP CB   C N N 62  
ASP CG   C N N 63  
ASP OD1  O N N 64  
ASP OD2  O N N 65  
ASP OXT  O N N 66  
ASP H    H N N 67  
ASP H2   H N N 68  
ASP HA   H N N 69  
ASP HB2  H N N 70  
ASP HB3  H N N 71  
ASP HD2  H N N 72  
ASP HXT  H N N 73  
CYS N    N N N 74  
CYS CA   C N R 75  
CYS C    C N N 76  
CYS O    O N N 77  
CYS CB   C N N 78  
CYS SG   S N N 79  
CYS OXT  O N N 80  
CYS H    H N N 81  
CYS H2   H N N 82  
CYS HA   H N N 83  
CYS HB2  H N N 84  
CYS HB3  H N N 85  
CYS HG   H N N 86  
CYS HXT  H N N 87  
GLN N    N N N 88  
GLN CA   C N S 89  
GLN C    C N N 90  
GLN O    O N N 91  
GLN CB   C N N 92  
GLN CG   C N N 93  
GLN CD   C N N 94  
GLN OE1  O N N 95  
GLN NE2  N N N 96  
GLN OXT  O N N 97  
GLN H    H N N 98  
GLN H2   H N N 99  
GLN HA   H N N 100 
GLN HB2  H N N 101 
GLN HB3  H N N 102 
GLN HG2  H N N 103 
GLN HG3  H N N 104 
GLN HE21 H N N 105 
GLN HE22 H N N 106 
GLN HXT  H N N 107 
GLU N    N N N 108 
GLU CA   C N S 109 
GLU C    C N N 110 
GLU O    O N N 111 
GLU CB   C N N 112 
GLU CG   C N N 113 
GLU CD   C N N 114 
GLU OE1  O N N 115 
GLU OE2  O N N 116 
GLU OXT  O N N 117 
GLU H    H N N 118 
GLU H2   H N N 119 
GLU HA   H N N 120 
GLU HB2  H N N 121 
GLU HB3  H N N 122 
GLU HG2  H N N 123 
GLU HG3  H N N 124 
GLU HE2  H N N 125 
GLU HXT  H N N 126 
GLY N    N N N 127 
GLY CA   C N N 128 
GLY C    C N N 129 
GLY O    O N N 130 
GLY OXT  O N N 131 
GLY H    H N N 132 
GLY H2   H N N 133 
GLY HA2  H N N 134 
GLY HA3  H N N 135 
GLY HXT  H N N 136 
HIS N    N N N 137 
HIS CA   C N S 138 
HIS C    C N N 139 
HIS O    O N N 140 
HIS CB   C N N 141 
HIS CG   C Y N 142 
HIS ND1  N Y N 143 
HIS CD2  C Y N 144 
HIS CE1  C Y N 145 
HIS NE2  N Y N 146 
HIS OXT  O N N 147 
HIS H    H N N 148 
HIS H2   H N N 149 
HIS HA   H N N 150 
HIS HB2  H N N 151 
HIS HB3  H N N 152 
HIS HD1  H N N 153 
HIS HD2  H N N 154 
HIS HE1  H N N 155 
HIS HE2  H N N 156 
HIS HXT  H N N 157 
ILE N    N N N 158 
ILE CA   C N S 159 
ILE C    C N N 160 
ILE O    O N N 161 
ILE CB   C N S 162 
ILE CG1  C N N 163 
ILE CG2  C N N 164 
ILE CD1  C N N 165 
ILE OXT  O N N 166 
ILE H    H N N 167 
ILE H2   H N N 168 
ILE HA   H N N 169 
ILE HB   H N N 170 
ILE HG12 H N N 171 
ILE HG13 H N N 172 
ILE HG21 H N N 173 
ILE HG22 H N N 174 
ILE HG23 H N N 175 
ILE HD11 H N N 176 
ILE HD12 H N N 177 
ILE HD13 H N N 178 
ILE HXT  H N N 179 
LEU N    N N N 180 
LEU CA   C N S 181 
LEU C    C N N 182 
LEU O    O N N 183 
LEU CB   C N N 184 
LEU CG   C N N 185 
LEU CD1  C N N 186 
LEU CD2  C N N 187 
LEU OXT  O N N 188 
LEU H    H N N 189 
LEU H2   H N N 190 
LEU HA   H N N 191 
LEU HB2  H N N 192 
LEU HB3  H N N 193 
LEU HG   H N N 194 
LEU HD11 H N N 195 
LEU HD12 H N N 196 
LEU HD13 H N N 197 
LEU HD21 H N N 198 
LEU HD22 H N N 199 
LEU HD23 H N N 200 
LEU HXT  H N N 201 
LYS N    N N N 202 
LYS CA   C N S 203 
LYS C    C N N 204 
LYS O    O N N 205 
LYS CB   C N N 206 
LYS CG   C N N 207 
LYS CD   C N N 208 
LYS CE   C N N 209 
LYS NZ   N N N 210 
LYS OXT  O N N 211 
LYS H    H N N 212 
LYS H2   H N N 213 
LYS HA   H N N 214 
LYS HB2  H N N 215 
LYS HB3  H N N 216 
LYS HG2  H N N 217 
LYS HG3  H N N 218 
LYS HD2  H N N 219 
LYS HD3  H N N 220 
LYS HE2  H N N 221 
LYS HE3  H N N 222 
LYS HZ1  H N N 223 
LYS HZ2  H N N 224 
LYS HZ3  H N N 225 
LYS HXT  H N N 226 
MET N    N N N 227 
MET CA   C N S 228 
MET C    C N N 229 
MET O    O N N 230 
MET CB   C N N 231 
MET CG   C N N 232 
MET SD   S N N 233 
MET CE   C N N 234 
MET OXT  O N N 235 
MET H    H N N 236 
MET H2   H N N 237 
MET HA   H N N 238 
MET HB2  H N N 239 
MET HB3  H N N 240 
MET HG2  H N N 241 
MET HG3  H N N 242 
MET HE1  H N N 243 
MET HE2  H N N 244 
MET HE3  H N N 245 
MET HXT  H N N 246 
PHE N    N N N 247 
PHE CA   C N S 248 
PHE C    C N N 249 
PHE O    O N N 250 
PHE CB   C N N 251 
PHE CG   C Y N 252 
PHE CD1  C Y N 253 
PHE CD2  C Y N 254 
PHE CE1  C Y N 255 
PHE CE2  C Y N 256 
PHE CZ   C Y N 257 
PHE OXT  O N N 258 
PHE H    H N N 259 
PHE H2   H N N 260 
PHE HA   H N N 261 
PHE HB2  H N N 262 
PHE HB3  H N N 263 
PHE HD1  H N N 264 
PHE HD2  H N N 265 
PHE HE1  H N N 266 
PHE HE2  H N N 267 
PHE HZ   H N N 268 
PHE HXT  H N N 269 
PRO N    N N N 270 
PRO CA   C N S 271 
PRO C    C N N 272 
PRO O    O N N 273 
PRO CB   C N N 274 
PRO CG   C N N 275 
PRO CD   C N N 276 
PRO OXT  O N N 277 
PRO H    H N N 278 
PRO HA   H N N 279 
PRO HB2  H N N 280 
PRO HB3  H N N 281 
PRO HG2  H N N 282 
PRO HG3  H N N 283 
PRO HD2  H N N 284 
PRO HD3  H N N 285 
PRO HXT  H N N 286 
SER N    N N N 287 
SER CA   C N S 288 
SER C    C N N 289 
SER O    O N N 290 
SER CB   C N N 291 
SER OG   O N N 292 
SER OXT  O N N 293 
SER H    H N N 294 
SER H2   H N N 295 
SER HA   H N N 296 
SER HB2  H N N 297 
SER HB3  H N N 298 
SER HG   H N N 299 
SER HXT  H N N 300 
THR N    N N N 301 
THR CA   C N S 302 
THR C    C N N 303 
THR O    O N N 304 
THR CB   C N R 305 
THR OG1  O N N 306 
THR CG2  C N N 307 
THR OXT  O N N 308 
THR H    H N N 309 
THR H2   H N N 310 
THR HA   H N N 311 
THR HB   H N N 312 
THR HG1  H N N 313 
THR HG21 H N N 314 
THR HG22 H N N 315 
THR HG23 H N N 316 
THR HXT  H N N 317 
TRP N    N N N 318 
TRP CA   C N S 319 
TRP C    C N N 320 
TRP O    O N N 321 
TRP CB   C N N 322 
TRP CG   C Y N 323 
TRP CD1  C Y N 324 
TRP CD2  C Y N 325 
TRP NE1  N Y N 326 
TRP CE2  C Y N 327 
TRP CE3  C Y N 328 
TRP CZ2  C Y N 329 
TRP CZ3  C Y N 330 
TRP CH2  C Y N 331 
TRP OXT  O N N 332 
TRP H    H N N 333 
TRP H2   H N N 334 
TRP HA   H N N 335 
TRP HB2  H N N 336 
TRP HB3  H N N 337 
TRP HD1  H N N 338 
TRP HE1  H N N 339 
TRP HE3  H N N 340 
TRP HZ2  H N N 341 
TRP HZ3  H N N 342 
TRP HH2  H N N 343 
TRP HXT  H N N 344 
TYR N    N N N 345 
TYR CA   C N S 346 
TYR C    C N N 347 
TYR O    O N N 348 
TYR CB   C N N 349 
TYR CG   C Y N 350 
TYR CD1  C Y N 351 
TYR CD2  C Y N 352 
TYR CE1  C Y N 353 
TYR CE2  C Y N 354 
TYR CZ   C Y N 355 
TYR OH   O N N 356 
TYR OXT  O N N 357 
TYR H    H N N 358 
TYR H2   H N N 359 
TYR HA   H N N 360 
TYR HB2  H N N 361 
TYR HB3  H N N 362 
TYR HD1  H N N 363 
TYR HD2  H N N 364 
TYR HE1  H N N 365 
TYR HE2  H N N 366 
TYR HH   H N N 367 
TYR HXT  H N N 368 
VAL N    N N N 369 
VAL CA   C N S 370 
VAL C    C N N 371 
VAL O    O N N 372 
VAL CB   C N N 373 
VAL CG1  C N N 374 
VAL CG2  C N N 375 
VAL OXT  O N N 376 
VAL H    H N N 377 
VAL H2   H N N 378 
VAL HA   H N N 379 
VAL HB   H N N 380 
VAL HG11 H N N 381 
VAL HG12 H N N 382 
VAL HG13 H N N 383 
VAL HG21 H N N 384 
VAL HG22 H N N 385 
VAL HG23 H N N 386 
VAL HXT  H N N 387 
# 
loop_
_chem_comp_bond.comp_id 
_chem_comp_bond.atom_id_1 
_chem_comp_bond.atom_id_2 
_chem_comp_bond.value_order 
_chem_comp_bond.pdbx_aromatic_flag 
_chem_comp_bond.pdbx_stereo_config 
_chem_comp_bond.pdbx_ordinal 
ALA N   CA   sing N N 1   
ALA N   H    sing N N 2   
ALA N   H2   sing N N 3   
ALA CA  C    sing N N 4   
ALA CA  CB   sing N N 5   
ALA CA  HA   sing N N 6   
ALA C   O    doub N N 7   
ALA C   OXT  sing N N 8   
ALA CB  HB1  sing N N 9   
ALA CB  HB2  sing N N 10  
ALA CB  HB3  sing N N 11  
ALA OXT HXT  sing N N 12  
ARG N   CA   sing N N 13  
ARG N   H    sing N N 14  
ARG N   H2   sing N N 15  
ARG CA  C    sing N N 16  
ARG CA  CB   sing N N 17  
ARG CA  HA   sing N N 18  
ARG C   O    doub N N 19  
ARG C   OXT  sing N N 20  
ARG CB  CG   sing N N 21  
ARG CB  HB2  sing N N 22  
ARG CB  HB3  sing N N 23  
ARG CG  CD   sing N N 24  
ARG CG  HG2  sing N N 25  
ARG CG  HG3  sing N N 26  
ARG CD  NE   sing N N 27  
ARG CD  HD2  sing N N 28  
ARG CD  HD3  sing N N 29  
ARG NE  CZ   sing N N 30  
ARG NE  HE   sing N N 31  
ARG CZ  NH1  sing N N 32  
ARG CZ  NH2  doub N N 33  
ARG NH1 HH11 sing N N 34  
ARG NH1 HH12 sing N N 35  
ARG NH2 HH21 sing N N 36  
ARG NH2 HH22 sing N N 37  
ARG OXT HXT  sing N N 38  
ASN N   CA   sing N N 39  
ASN N   H    sing N N 40  
ASN N   H2   sing N N 41  
ASN CA  C    sing N N 42  
ASN CA  CB   sing N N 43  
ASN CA  HA   sing N N 44  
ASN C   O    doub N N 45  
ASN C   OXT  sing N N 46  
ASN CB  CG   sing N N 47  
ASN CB  HB2  sing N N 48  
ASN CB  HB3  sing N N 49  
ASN CG  OD1  doub N N 50  
ASN CG  ND2  sing N N 51  
ASN ND2 HD21 sing N N 52  
ASN ND2 HD22 sing N N 53  
ASN OXT HXT  sing N N 54  
ASP N   CA   sing N N 55  
ASP N   H    sing N N 56  
ASP N   H2   sing N N 57  
ASP CA  C    sing N N 58  
ASP CA  CB   sing N N 59  
ASP CA  HA   sing N N 60  
ASP C   O    doub N N 61  
ASP C   OXT  sing N N 62  
ASP CB  CG   sing N N 63  
ASP CB  HB2  sing N N 64  
ASP CB  HB3  sing N N 65  
ASP CG  OD1  doub N N 66  
ASP CG  OD2  sing N N 67  
ASP OD2 HD2  sing N N 68  
ASP OXT HXT  sing N N 69  
CYS N   CA   sing N N 70  
CYS N   H    sing N N 71  
CYS N   H2   sing N N 72  
CYS CA  C    sing N N 73  
CYS CA  CB   sing N N 74  
CYS CA  HA   sing N N 75  
CYS C   O    doub N N 76  
CYS C   OXT  sing N N 77  
CYS CB  SG   sing N N 78  
CYS CB  HB2  sing N N 79  
CYS CB  HB3  sing N N 80  
CYS SG  HG   sing N N 81  
CYS OXT HXT  sing N N 82  
GLN N   CA   sing N N 83  
GLN N   H    sing N N 84  
GLN N   H2   sing N N 85  
GLN CA  C    sing N N 86  
GLN CA  CB   sing N N 87  
GLN CA  HA   sing N N 88  
GLN C   O    doub N N 89  
GLN C   OXT  sing N N 90  
GLN CB  CG   sing N N 91  
GLN CB  HB2  sing N N 92  
GLN CB  HB3  sing N N 93  
GLN CG  CD   sing N N 94  
GLN CG  HG2  sing N N 95  
GLN CG  HG3  sing N N 96  
GLN CD  OE1  doub N N 97  
GLN CD  NE2  sing N N 98  
GLN NE2 HE21 sing N N 99  
GLN NE2 HE22 sing N N 100 
GLN OXT HXT  sing N N 101 
GLU N   CA   sing N N 102 
GLU N   H    sing N N 103 
GLU N   H2   sing N N 104 
GLU CA  C    sing N N 105 
GLU CA  CB   sing N N 106 
GLU CA  HA   sing N N 107 
GLU C   O    doub N N 108 
GLU C   OXT  sing N N 109 
GLU CB  CG   sing N N 110 
GLU CB  HB2  sing N N 111 
GLU CB  HB3  sing N N 112 
GLU CG  CD   sing N N 113 
GLU CG  HG2  sing N N 114 
GLU CG  HG3  sing N N 115 
GLU CD  OE1  doub N N 116 
GLU CD  OE2  sing N N 117 
GLU OE2 HE2  sing N N 118 
GLU OXT HXT  sing N N 119 
GLY N   CA   sing N N 120 
GLY N   H    sing N N 121 
GLY N   H2   sing N N 122 
GLY CA  C    sing N N 123 
GLY CA  HA2  sing N N 124 
GLY CA  HA3  sing N N 125 
GLY C   O    doub N N 126 
GLY C   OXT  sing N N 127 
GLY OXT HXT  sing N N 128 
HIS N   CA   sing N N 129 
HIS N   H    sing N N 130 
HIS N   H2   sing N N 131 
HIS CA  C    sing N N 132 
HIS CA  CB   sing N N 133 
HIS CA  HA   sing N N 134 
HIS C   O    doub N N 135 
HIS C   OXT  sing N N 136 
HIS CB  CG   sing N N 137 
HIS CB  HB2  sing N N 138 
HIS CB  HB3  sing N N 139 
HIS CG  ND1  sing Y N 140 
HIS CG  CD2  doub Y N 141 
HIS ND1 CE1  doub Y N 142 
HIS ND1 HD1  sing N N 143 
HIS CD2 NE2  sing Y N 144 
HIS CD2 HD2  sing N N 145 
HIS CE1 NE2  sing Y N 146 
HIS CE1 HE1  sing N N 147 
HIS NE2 HE2  sing N N 148 
HIS OXT HXT  sing N N 149 
ILE N   CA   sing N N 150 
ILE N   H    sing N N 151 
ILE N   H2   sing N N 152 
ILE CA  C    sing N N 153 
ILE CA  CB   sing N N 154 
ILE CA  HA   sing N N 155 
ILE C   O    doub N N 156 
ILE C   OXT  sing N N 157 
ILE CB  CG1  sing N N 158 
ILE CB  CG2  sing N N 159 
ILE CB  HB   sing N N 160 
ILE CG1 CD1  sing N N 161 
ILE CG1 HG12 sing N N 162 
ILE CG1 HG13 sing N N 163 
ILE CG2 HG21 sing N N 164 
ILE CG2 HG22 sing N N 165 
ILE CG2 HG23 sing N N 166 
ILE CD1 HD11 sing N N 167 
ILE CD1 HD12 sing N N 168 
ILE CD1 HD13 sing N N 169 
ILE OXT HXT  sing N N 170 
LEU N   CA   sing N N 171 
LEU N   H    sing N N 172 
LEU N   H2   sing N N 173 
LEU CA  C    sing N N 174 
LEU CA  CB   sing N N 175 
LEU CA  HA   sing N N 176 
LEU C   O    doub N N 177 
LEU C   OXT  sing N N 178 
LEU CB  CG   sing N N 179 
LEU CB  HB2  sing N N 180 
LEU CB  HB3  sing N N 181 
LEU CG  CD1  sing N N 182 
LEU CG  CD2  sing N N 183 
LEU CG  HG   sing N N 184 
LEU CD1 HD11 sing N N 185 
LEU CD1 HD12 sing N N 186 
LEU CD1 HD13 sing N N 187 
LEU CD2 HD21 sing N N 188 
LEU CD2 HD22 sing N N 189 
LEU CD2 HD23 sing N N 190 
LEU OXT HXT  sing N N 191 
LYS N   CA   sing N N 192 
LYS N   H    sing N N 193 
LYS N   H2   sing N N 194 
LYS CA  C    sing N N 195 
LYS CA  CB   sing N N 196 
LYS CA  HA   sing N N 197 
LYS C   O    doub N N 198 
LYS C   OXT  sing N N 199 
LYS CB  CG   sing N N 200 
LYS CB  HB2  sing N N 201 
LYS CB  HB3  sing N N 202 
LYS CG  CD   sing N N 203 
LYS CG  HG2  sing N N 204 
LYS CG  HG3  sing N N 205 
LYS CD  CE   sing N N 206 
LYS CD  HD2  sing N N 207 
LYS CD  HD3  sing N N 208 
LYS CE  NZ   sing N N 209 
LYS CE  HE2  sing N N 210 
LYS CE  HE3  sing N N 211 
LYS NZ  HZ1  sing N N 212 
LYS NZ  HZ2  sing N N 213 
LYS NZ  HZ3  sing N N 214 
LYS OXT HXT  sing N N 215 
MET N   CA   sing N N 216 
MET N   H    sing N N 217 
MET N   H2   sing N N 218 
MET CA  C    sing N N 219 
MET CA  CB   sing N N 220 
MET CA  HA   sing N N 221 
MET C   O    doub N N 222 
MET C   OXT  sing N N 223 
MET CB  CG   sing N N 224 
MET CB  HB2  sing N N 225 
MET CB  HB3  sing N N 226 
MET CG  SD   sing N N 227 
MET CG  HG2  sing N N 228 
MET CG  HG3  sing N N 229 
MET SD  CE   sing N N 230 
MET CE  HE1  sing N N 231 
MET CE  HE2  sing N N 232 
MET CE  HE3  sing N N 233 
MET OXT HXT  sing N N 234 
PHE N   CA   sing N N 235 
PHE N   H    sing N N 236 
PHE N   H2   sing N N 237 
PHE CA  C    sing N N 238 
PHE CA  CB   sing N N 239 
PHE CA  HA   sing N N 240 
PHE C   O    doub N N 241 
PHE C   OXT  sing N N 242 
PHE CB  CG   sing N N 243 
PHE CB  HB2  sing N N 244 
PHE CB  HB3  sing N N 245 
PHE CG  CD1  doub Y N 246 
PHE CG  CD2  sing Y N 247 
PHE CD1 CE1  sing Y N 248 
PHE CD1 HD1  sing N N 249 
PHE CD2 CE2  doub Y N 250 
PHE CD2 HD2  sing N N 251 
PHE CE1 CZ   doub Y N 252 
PHE CE1 HE1  sing N N 253 
PHE CE2 CZ   sing Y N 254 
PHE CE2 HE2  sing N N 255 
PHE CZ  HZ   sing N N 256 
PHE OXT HXT  sing N N 257 
PRO N   CA   sing N N 258 
PRO N   CD   sing N N 259 
PRO N   H    sing N N 260 
PRO CA  C    sing N N 261 
PRO CA  CB   sing N N 262 
PRO CA  HA   sing N N 263 
PRO C   O    doub N N 264 
PRO C   OXT  sing N N 265 
PRO CB  CG   sing N N 266 
PRO CB  HB2  sing N N 267 
PRO CB  HB3  sing N N 268 
PRO CG  CD   sing N N 269 
PRO CG  HG2  sing N N 270 
PRO CG  HG3  sing N N 271 
PRO CD  HD2  sing N N 272 
PRO CD  HD3  sing N N 273 
PRO OXT HXT  sing N N 274 
SER N   CA   sing N N 275 
SER N   H    sing N N 276 
SER N   H2   sing N N 277 
SER CA  C    sing N N 278 
SER CA  CB   sing N N 279 
SER CA  HA   sing N N 280 
SER C   O    doub N N 281 
SER C   OXT  sing N N 282 
SER CB  OG   sing N N 283 
SER CB  HB2  sing N N 284 
SER CB  HB3  sing N N 285 
SER OG  HG   sing N N 286 
SER OXT HXT  sing N N 287 
THR N   CA   sing N N 288 
THR N   H    sing N N 289 
THR N   H2   sing N N 290 
THR CA  C    sing N N 291 
THR CA  CB   sing N N 292 
THR CA  HA   sing N N 293 
THR C   O    doub N N 294 
THR C   OXT  sing N N 295 
THR CB  OG1  sing N N 296 
THR CB  CG2  sing N N 297 
THR CB  HB   sing N N 298 
THR OG1 HG1  sing N N 299 
THR CG2 HG21 sing N N 300 
THR CG2 HG22 sing N N 301 
THR CG2 HG23 sing N N 302 
THR OXT HXT  sing N N 303 
TRP N   CA   sing N N 304 
TRP N   H    sing N N 305 
TRP N   H2   sing N N 306 
TRP CA  C    sing N N 307 
TRP CA  CB   sing N N 308 
TRP CA  HA   sing N N 309 
TRP C   O    doub N N 310 
TRP C   OXT  sing N N 311 
TRP CB  CG   sing N N 312 
TRP CB  HB2  sing N N 313 
TRP CB  HB3  sing N N 314 
TRP CG  CD1  doub Y N 315 
TRP CG  CD2  sing Y N 316 
TRP CD1 NE1  sing Y N 317 
TRP CD1 HD1  sing N N 318 
TRP CD2 CE2  doub Y N 319 
TRP CD2 CE3  sing Y N 320 
TRP NE1 CE2  sing Y N 321 
TRP NE1 HE1  sing N N 322 
TRP CE2 CZ2  sing Y N 323 
TRP CE3 CZ3  doub Y N 324 
TRP CE3 HE3  sing N N 325 
TRP CZ2 CH2  doub Y N 326 
TRP CZ2 HZ2  sing N N 327 
TRP CZ3 CH2  sing Y N 328 
TRP CZ3 HZ3  sing N N 329 
TRP CH2 HH2  sing N N 330 
TRP OXT HXT  sing N N 331 
TYR N   CA   sing N N 332 
TYR N   H    sing N N 333 
TYR N   H2   sing N N 334 
TYR CA  C    sing N N 335 
TYR CA  CB   sing N N 336 
TYR CA  HA   sing N N 337 
TYR C   O    doub N N 338 
TYR C   OXT  sing N N 339 
TYR CB  CG   sing N N 340 
TYR CB  HB2  sing N N 341 
TYR CB  HB3  sing N N 342 
TYR CG  CD1  doub Y N 343 
TYR CG  CD2  sing Y N 344 
TYR CD1 CE1  sing Y N 345 
TYR CD1 HD1  sing N N 346 
TYR CD2 CE2  doub Y N 347 
TYR CD2 HD2  sing N N 348 
TYR CE1 CZ   doub Y N 349 
TYR CE1 HE1  sing N N 350 
TYR CE2 CZ   sing Y N 351 
TYR CE2 HE2  sing N N 352 
TYR CZ  OH   sing N N 353 
TYR OH  HH   sing N N 354 
TYR OXT HXT  sing N N 355 
VAL N   CA   sing N N 356 
VAL N   H    sing N N 357 
VAL N   H2   sing N N 358 
VAL CA  C    sing N N 359 
VAL CA  CB   sing N N 360 
VAL CA  HA   sing N N 361 
VAL C   O    doub N N 362 
VAL C   OXT  sing N N 363 
VAL CB  CG1  sing N N 364 
VAL CB  CG2  sing N N 365 
VAL CB  HB   sing N N 366 
VAL CG1 HG11 sing N N 367 
VAL CG1 HG12 sing N N 368 
VAL CG1 HG13 sing N N 369 
VAL CG2 HG21 sing N N 370 
VAL CG2 HG22 sing N N 371 
VAL CG2 HG23 sing N N 372 
VAL OXT HXT  sing N N 373 
# 
_em_admin.current_status     REL 
_em_admin.deposition_date    2023-05-20 
_em_admin.deposition_site    PDBJ 
_em_admin.entry_id           8JGC 
_em_admin.last_update        2024-10-23 
_em_admin.map_release_date   2024-04-24 
_em_admin.title              'Cryo-EM structure of Mi3 fused with LOV2' 
# 
_em_ctf_correction.details                  ? 
_em_ctf_correction.em_image_processing_id   1 
_em_ctf_correction.id                       1 
_em_ctf_correction.type                     'PHASE FLIPPING AND AMPLITUDE CORRECTION' 
# 
_em_entity_assembly_naturalsource.cell                 ? 
_em_entity_assembly_naturalsource.cellular_location    ? 
_em_entity_assembly_naturalsource.entity_assembly_id   1 
_em_entity_assembly_naturalsource.id                   2 
_em_entity_assembly_naturalsource.ncbi_tax_id          2336 
_em_entity_assembly_naturalsource.organism             'Thermotoga maritima' 
_em_entity_assembly_naturalsource.organelle            ? 
_em_entity_assembly_naturalsource.organ                ? 
_em_entity_assembly_naturalsource.strain               ? 
_em_entity_assembly_naturalsource.tissue               ? 
# 
_em_entity_assembly_recombinant.cell                 ? 
_em_entity_assembly_recombinant.entity_assembly_id   1 
_em_entity_assembly_recombinant.id                   2 
_em_entity_assembly_recombinant.ncbi_tax_id          562 
_em_entity_assembly_recombinant.organism             'Escherichia coli' 
_em_entity_assembly_recombinant.plasmid              ? 
_em_entity_assembly_recombinant.strain               ? 
# 
_em_image_processing.details              ? 
_em_image_processing.id                   1 
_em_image_processing.image_recording_id   1 
# 
_em_image_recording.average_exposure_time               ? 
_em_image_recording.avg_electron_dose_per_subtomogram   ? 
_em_image_recording.avg_electron_dose_per_image         50.0 
_em_image_recording.details                             ? 
_em_image_recording.detector_mode                       ? 
_em_image_recording.film_or_detector_model              'GATAN K3 BIOQUANTUM (6k x 4k)' 
_em_image_recording.id                                  1 
_em_image_recording.imaging_id                          1 
_em_image_recording.num_diffraction_images              ? 
_em_image_recording.num_grids_imaged                    ? 
_em_image_recording.num_real_images                     ? 
# 
loop_
_em_software.category 
_em_software.details 
_em_software.id 
_em_software.image_processing_id 
_em_software.fitting_id 
_em_software.imaging_id 
_em_software.name 
_em_software.version 
'PARTICLE SELECTION'       ? 1  1 ? ? ?      ?         
'MODEL REFINEMENT'         ? 2  ? ? ? PHENIX dev_3951: 
'IMAGE ACQUISITION'        ? 3  ? ? 1 ?      ?         
MASKING                    ? 4  ? ? ? ?      ?         
'CTF CORRECTION'           ? 5  1 ? ? ?      ?         
'LAYERLINE INDEXING'       ? 6  ? ? ? ?      ?         
'DIFFRACTION INDEXING'     ? 7  ? ? ? ?      ?         
'MODEL FITTING'            ? 8  ? ? ? ?      ?         
OTHER                      ? 9  ? ? ? ?      ?         
'INITIAL EULER ASSIGNMENT' ? 10 1 ? ? ?      ?         
'FINAL EULER ASSIGNMENT'   ? 11 1 ? ? ?      ?         
CLASSIFICATION             ? 12 1 ? ? ?      ?         
RECONSTRUCTION             ? 13 1 ? ? ?      ?         
# 
_em_specimen.concentration           ? 
_em_specimen.details                 ? 
_em_specimen.embedding_applied       NO 
_em_specimen.experiment_id           1 
_em_specimen.id                      1 
_em_specimen.shadowing_applied       NO 
_em_specimen.staining_applied        NO 
_em_specimen.vitrification_applied   YES 
# 
_pdbx_audit_support.funding_organization   'National Natural Science Foundation of China (NSFC)' 
_pdbx_audit_support.country                China 
_pdbx_audit_support.grant_number           ? 
_pdbx_audit_support.ordinal                1 
# 
_atom_sites.entry_id                    8JGC 
_atom_sites.Cartn_transf_matrix[1][1]   ? 
_atom_sites.Cartn_transf_matrix[1][2]   ? 
_atom_sites.Cartn_transf_matrix[1][3]   ? 
_atom_sites.Cartn_transf_matrix[2][1]   ? 
_atom_sites.Cartn_transf_matrix[2][2]   ? 
_atom_sites.Cartn_transf_matrix[2][3]   ? 
_atom_sites.Cartn_transf_matrix[3][1]   ? 
_atom_sites.Cartn_transf_matrix[3][2]   ? 
_atom_sites.Cartn_transf_matrix[3][3]   ? 
_atom_sites.Cartn_transf_vector[1]      ? 
_atom_sites.Cartn_transf_vector[2]      ? 
_atom_sites.Cartn_transf_vector[3]      ? 
_atom_sites.fract_transf_matrix[1][1]   1.000000 
_atom_sites.fract_transf_matrix[1][2]   0.000000 
_atom_sites.fract_transf_matrix[1][3]   0.000000 
_atom_sites.fract_transf_matrix[2][1]   0.000000 
_atom_sites.fract_transf_matrix[2][2]   1.000000 
_atom_sites.fract_transf_matrix[2][3]   0.000000 
_atom_sites.fract_transf_matrix[3][1]   0.000000 
_atom_sites.fract_transf_matrix[3][2]   0.000000 
_atom_sites.fract_transf_matrix[3][3]   1.000000 
_atom_sites.fract_transf_vector[1]      0.00000 
_atom_sites.fract_transf_vector[2]      0.00000 
_atom_sites.fract_transf_vector[3]      0.00000 
_atom_sites.solution_primary            ? 
_atom_sites.solution_secondary          ? 
_atom_sites.solution_hydrogens          ? 
_atom_sites.special_details             ? 
# 
loop_
_atom_type.symbol 
C 
N 
O 
S 
# 
loop_
_atom_site.group_PDB 
_atom_site.id 
_atom_site.type_symbol 
_atom_site.label_atom_id 
_atom_site.label_alt_id 
_atom_site.label_comp_id 
_atom_site.label_asym_id 
_atom_site.label_entity_id 
_atom_site.label_seq_id 
_atom_site.pdbx_PDB_ins_code 
_atom_site.Cartn_x 
_atom_site.Cartn_y 
_atom_site.Cartn_z 
_atom_site.occupancy 
_atom_site.B_iso_or_equiv 
_atom_site.pdbx_formal_charge 
_atom_site.auth_seq_id 
_atom_site.auth_comp_id 
_atom_site.auth_asym_id 
_atom_site.auth_atom_id 
_atom_site.pdbx_PDB_model_num 
ATOM 1    N N   . LYS A 1 166 ? 10.340  -10.076 -6.900  1.00 54.36 ? 2   LYS A N   1 
ATOM 2    C CA  . LYS A 1 166 ? 10.441  -9.577  -5.535  1.00 54.36 ? 2   LYS A CA  1 
ATOM 3    C C   . LYS A 1 166 ? 9.088   -9.100  -5.014  1.00 54.36 ? 2   LYS A C   1 
ATOM 4    O O   . LYS A 1 166 ? 8.204   -9.909  -4.685  1.00 54.36 ? 2   LYS A O   1 
ATOM 5    N N   . MET A 1 167 ? 8.923   -7.774  -4.976  1.00 51.05 ? 3   MET A N   1 
ATOM 6    C CA  . MET A 1 167 ? 7.737   -7.192  -4.362  1.00 51.05 ? 3   MET A CA  1 
ATOM 7    C C   . MET A 1 167 ? 6.465   -7.791  -4.936  1.00 51.05 ? 3   MET A C   1 
ATOM 8    O O   . MET A 1 167 ? 5.478   -7.959  -4.214  1.00 51.05 ? 3   MET A O   1 
ATOM 9    N N   . GLU A 1 168 ? 6.482   -8.152  -6.217  1.00 49.04 ? 4   GLU A N   1 
ATOM 10   C CA  . GLU A 1 168 ? 5.298   -8.720  -6.849  1.00 49.04 ? 4   GLU A CA  1 
ATOM 11   C C   . GLU A 1 168 ? 4.864   -10.008 -6.157  1.00 49.04 ? 4   GLU A C   1 
ATOM 12   O O   . GLU A 1 168 ? 3.695   -10.161 -5.777  1.00 49.04 ? 4   GLU A O   1 
ATOM 13   C CB  . GLU A 1 168 ? 5.589   -8.955  -8.327  1.00 49.04 ? 4   GLU A CB  1 
ATOM 14   C CG  . GLU A 1 168 ? 6.160   -7.725  -9.017  1.00 49.04 ? 4   GLU A CG  1 
ATOM 15   C CD  . GLU A 1 168 ? 6.824   -8.042  -10.342 1.00 49.04 ? 4   GLU A CD  1 
ATOM 16   O OE1 . GLU A 1 168 ? 7.043   -9.236  -10.634 1.00 49.04 ? 4   GLU A OE1 1 
ATOM 17   O OE2 . GLU A 1 168 ? 7.138   -7.092  -11.089 1.00 49.04 ? 4   GLU A OE2 1 
ATOM 18   N N   . GLU A 1 169 ? 5.797   -10.944 -5.964  1.00 49.93 ? 5   GLU A N   1 
ATOM 19   C CA  . GLU A 1 169 ? 5.417   -12.199 -5.325  1.00 49.93 ? 5   GLU A CA  1 
ATOM 20   C C   . GLU A 1 169 ? 5.184   -12.025 -3.831  1.00 49.93 ? 5   GLU A C   1 
ATOM 21   O O   . GLU A 1 169 ? 4.350   -12.737 -3.258  1.00 49.93 ? 5   GLU A O   1 
ATOM 22   C CB  . GLU A 1 169 ? 6.459   -13.288 -5.584  1.00 49.93 ? 5   GLU A CB  1 
ATOM 23   C CG  . GLU A 1 169 ? 7.732   -13.171 -4.777  1.00 49.93 ? 5   GLU A CG  1 
ATOM 24   C CD  . GLU A 1 169 ? 8.866   -12.575 -5.575  1.00 49.93 ? 5   GLU A CD  1 
ATOM 25   O OE1 . GLU A 1 169 ? 8.593   -11.950 -6.621  1.00 49.93 ? 5   GLU A OE1 1 
ATOM 26   O OE2 . GLU A 1 169 ? 10.032  -12.725 -5.153  1.00 49.93 ? 5   GLU A OE2 1 
ATOM 27   N N   . LEU A 1 170 ? 5.881   -11.085 -3.179  1.00 47.12 ? 6   LEU A N   1 
ATOM 28   C CA  . LEU A 1 170 ? 5.525   -10.776 -1.795  1.00 47.12 ? 6   LEU A CA  1 
ATOM 29   C C   . LEU A 1 170 ? 4.069   -10.344 -1.687  1.00 47.12 ? 6   LEU A C   1 
ATOM 30   O O   . LEU A 1 170 ? 3.343   -10.795 -0.796  1.00 47.12 ? 6   LEU A O   1 
ATOM 31   C CB  . LEU A 1 170 ? 6.443   -9.705  -1.207  1.00 47.12 ? 6   LEU A CB  1 
ATOM 32   C CG  . LEU A 1 170 ? 7.847   -10.083 -0.728  1.00 47.12 ? 6   LEU A CG  1 
ATOM 33   C CD1 . LEU A 1 170 ? 8.821   -10.405 -1.831  1.00 47.12 ? 6   LEU A CD1 1 
ATOM 34   C CD2 . LEU A 1 170 ? 8.393   -8.958  0.139   1.00 47.12 ? 6   LEU A CD2 1 
ATOM 35   N N   . PHE A 1 171 ? 3.626   -9.467  -2.590  1.00 44.90 ? 7   PHE A N   1 
ATOM 36   C CA  . PHE A 1 171 ? 2.236   -9.023  -2.572  1.00 44.90 ? 7   PHE A CA  1 
ATOM 37   C C   . PHE A 1 171 ? 1.291   -10.185 -2.822  1.00 44.90 ? 7   PHE A C   1 
ATOM 38   O O   . PHE A 1 171 ? 0.303   -10.367 -2.098  1.00 44.90 ? 7   PHE A O   1 
ATOM 39   C CB  . PHE A 1 171 ? 2.016   -7.932  -3.614  1.00 44.90 ? 7   PHE A CB  1 
ATOM 40   C CG  . PHE A 1 171 ? 2.294   -6.555  -3.115  1.00 44.90 ? 7   PHE A CG  1 
ATOM 41   C CD1 . PHE A 1 171 ? 3.563   -6.022  -3.192  1.00 44.90 ? 7   PHE A CD1 1 
ATOM 42   C CD2 . PHE A 1 171 ? 1.288   -5.791  -2.579  1.00 44.90 ? 7   PHE A CD2 1 
ATOM 43   C CE1 . PHE A 1 171 ? 3.827   -4.761  -2.742  1.00 44.90 ? 7   PHE A CE1 1 
ATOM 44   C CE2 . PHE A 1 171 ? 1.548   -4.527  -2.129  1.00 44.90 ? 7   PHE A CE2 1 
ATOM 45   C CZ  . PHE A 1 171 ? 2.820   -4.011  -2.208  1.00 44.90 ? 7   PHE A CZ  1 
ATOM 46   N N   . LYS A 1 172 ? 1.590   -10.992 -3.841  1.00 44.59 ? 8   LYS A N   1 
ATOM 47   C CA  . LYS A 1 172 ? 0.726   -12.123 -4.160  1.00 44.59 ? 8   LYS A CA  1 
ATOM 48   C C   . LYS A 1 172 ? 0.589   -13.062 -2.971  1.00 44.59 ? 8   LYS A C   1 
ATOM 49   O O   . LYS A 1 172 ? -0.499  -13.588 -2.712  1.00 44.59 ? 8   LYS A O   1 
ATOM 50   C CB  . LYS A 1 172 ? 1.273   -12.879 -5.369  1.00 44.59 ? 8   LYS A CB  1 
ATOM 51   C CG  . LYS A 1 172 ? 1.261   -12.078 -6.652  1.00 44.59 ? 8   LYS A CG  1 
ATOM 52   C CD  . LYS A 1 172 ? 2.441   -12.429 -7.531  1.00 44.59 ? 8   LYS A CD  1 
ATOM 53   C CE  . LYS A 1 172 ? 2.577   -11.438 -8.666  1.00 44.59 ? 8   LYS A CE  1 
ATOM 54   N NZ  . LYS A 1 172 ? 2.562   -10.050 -8.146  1.00 44.59 ? 8   LYS A NZ  1 
ATOM 55   N N   . LYS A 1 173 ? 1.684   -13.284 -2.238  1.00 46.23 ? 9   LYS A N   1 
ATOM 56   C CA  . LYS A 1 173 ? 1.646   -14.216 -1.116  1.00 46.23 ? 9   LYS A CA  1 
ATOM 57   C C   . LYS A 1 173 ? 0.928   -13.625 0.092   1.00 46.23 ? 9   LYS A C   1 
ATOM 58   O O   . LYS A 1 173 ? 0.128   -14.311 0.738   1.00 46.23 ? 9   LYS A O   1 
ATOM 59   C CB  . LYS A 1 173 ? 3.064   -14.637 -0.736  1.00 46.23 ? 9   LYS A CB  1 
ATOM 60   C CG  . LYS A 1 173 ? 3.177   -15.152 0.683   1.00 46.23 ? 9   LYS A CG  1 
ATOM 61   C CD  . LYS A 1 173 ? 4.507   -15.832 0.943   1.00 46.23 ? 9   LYS A CD  1 
ATOM 62   C CE  . LYS A 1 173 ? 4.461   -16.619 2.240   1.00 46.23 ? 9   LYS A CE  1 
ATOM 63   N NZ  . LYS A 1 173 ? 5.672   -17.457 2.423   1.00 46.23 ? 9   LYS A NZ  1 
ATOM 64   N N   . HIS A 1 174 ? 1.194   -12.357 0.419   1.00 42.75 ? 10  HIS A N   1 
ATOM 65   C CA  . HIS A 1 174 ? 0.659   -11.818 1.665   1.00 42.75 ? 10  HIS A CA  1 
ATOM 66   C C   . HIS A 1 174 ? -0.793  -11.372 1.543   1.00 42.75 ? 10  HIS A C   1 
ATOM 67   O O   . HIS A 1 174 ? -1.583  -11.632 2.458   1.00 42.75 ? 10  HIS A O   1 
ATOM 68   C CB  . HIS A 1 174 ? 1.525   -10.669 2.174   1.00 42.75 ? 10  HIS A CB  1 
ATOM 69   C CG  . HIS A 1 174 ? 2.800   -11.114 2.817   1.00 42.75 ? 10  HIS A CG  1 
ATOM 70   N ND1 . HIS A 1 174 ? 3.992   -11.199 2.131   1.00 42.75 ? 10  HIS A ND1 1 
ATOM 71   C CD2 . HIS A 1 174 ? 3.064   -11.516 4.081   1.00 42.75 ? 10  HIS A CD2 1 
ATOM 72   C CE1 . HIS A 1 174 ? 4.939   -11.618 2.952   1.00 42.75 ? 10  HIS A CE1 1 
ATOM 73   N NE2 . HIS A 1 174 ? 4.401   -11.820 4.140   1.00 42.75 ? 10  HIS A NE2 1 
ATOM 74   N N   . LYS A 1 175 ? -1.161  -10.680 0.461   1.00 36.55 ? 11  LYS A N   1 
ATOM 75   C CA  . LYS A 1 175 ? -2.551  -10.344 0.147   1.00 36.55 ? 11  LYS A CA  1 
ATOM 76   C C   . LYS A 1 175 ? -3.121  -9.176  0.951   1.00 36.55 ? 11  LYS A C   1 
ATOM 77   O O   . LYS A 1 175 ? -4.345  -9.052  1.036   1.00 36.55 ? 11  LYS A O   1 
ATOM 78   C CB  . LYS A 1 175 ? -3.486  -11.547 0.335   1.00 36.55 ? 11  LYS A CB  1 
ATOM 79   C CG  . LYS A 1 175 ? -3.608  -12.515 -0.822  1.00 36.55 ? 11  LYS A CG  1 
ATOM 80   C CD  . LYS A 1 175 ? -4.564  -13.638 -0.437  1.00 36.55 ? 11  LYS A CD  1 
ATOM 81   C CE  . LYS A 1 175 ? -5.288  -14.214 -1.639  1.00 36.55 ? 11  LYS A CE  1 
ATOM 82   N NZ  . LYS A 1 175 ? -6.464  -15.033 -1.230  1.00 36.55 ? 11  LYS A NZ  1 
ATOM 83   N N   . ILE A 1 176 ? -2.299  -8.320  1.567   1.00 29.94 ? 12  ILE A N   1 
ATOM 84   C CA  . ILE A 1 176 ? -2.814  -7.105  2.207   1.00 29.94 ? 12  ILE A CA  1 
ATOM 85   C C   . ILE A 1 176 ? -1.682  -6.156  2.580   1.00 29.94 ? 12  ILE A C   1 
ATOM 86   O O   . ILE A 1 176 ? -0.574  -6.589  2.907   1.00 29.94 ? 12  ILE A O   1 
ATOM 87   C CB  . ILE A 1 176 ? -3.656  -7.433  3.451   1.00 29.94 ? 12  ILE A CB  1 
ATOM 88   C CG1 . ILE A 1 176 ? -4.191  -6.160  4.089   1.00 29.94 ? 12  ILE A CG1 1 
ATOM 89   C CG2 . ILE A 1 176 ? -2.834  -8.199  4.449   1.00 29.94 ? 12  ILE A CG2 1 
ATOM 90   C CD1 . ILE A 1 176 ? -5.216  -6.412  5.149   1.00 29.94 ? 12  ILE A CD1 1 
ATOM 91   N N   . VAL A 1 177 ? -1.835  -4.849  2.364   1.00 27.23 ? 13  VAL A N   1 
ATOM 92   C CA  . VAL A 1 177 ? -0.853  -3.852  2.805   1.00 27.23 ? 13  VAL A CA  1 
ATOM 93   C C   . VAL A 1 177 ? -1.497  -3.057  3.939   1.00 27.23 ? 13  VAL A C   1 
ATOM 94   O O   . VAL A 1 177 ? -2.558  -3.411  4.422   1.00 27.23 ? 13  VAL A O   1 
ATOM 95   C CB  . VAL A 1 177 ? -0.469  -2.849  1.708   1.00 27.23 ? 13  VAL A CB  1 
ATOM 96   C CG1 . VAL A 1 177 ? 0.995   -2.461  1.789   1.00 27.23 ? 13  VAL A CG1 1 
ATOM 97   C CG2 . VAL A 1 177 ? -0.735  -3.427  0.345   1.00 27.23 ? 13  VAL A CG2 1 
ATOM 98   N N   . ALA A 1 178 ? -0.864  -1.985  4.393   1.00 26.76 ? 14  ALA A N   1 
ATOM 99   C CA  . ALA A 1 178 ? -1.449  -1.166  5.442   1.00 26.76 ? 14  ALA A CA  1 
ATOM 100  C C   . ALA A 1 178 ? -0.907  0.247   5.329   1.00 26.76 ? 14  ALA A C   1 
ATOM 101  O O   . ALA A 1 178 ? 0.305   0.461   5.300   1.00 26.76 ? 14  ALA A O   1 
ATOM 102  C CB  . ALA A 1 178 ? -1.195  -1.749  6.813   1.00 26.76 ? 14  ALA A CB  1 
ATOM 103  N N   . VAL A 1 179 ? -1.816  1.208   5.229   1.00 26.68 ? 15  VAL A N   1 
ATOM 104  C CA  . VAL A 1 179 ? -1.444  2.602   5.093   1.00 26.68 ? 15  VAL A CA  1 
ATOM 105  C C   . VAL A 1 179 ? -1.736  3.242   6.414   1.00 26.68 ? 15  VAL A C   1 
ATOM 106  O O   . VAL A 1 179 ? -2.888  3.387   6.781   1.00 26.68 ? 15  VAL A O   1 
ATOM 107  C CB  . VAL A 1 179 ? -2.232  3.310   3.982   1.00 26.68 ? 15  VAL A CB  1 
ATOM 108  C CG1 . VAL A 1 179 ? -1.286  3.979   3.004   1.00 26.68 ? 15  VAL A CG1 1 
ATOM 109  C CG2 . VAL A 1 179 ? -3.118  2.332   3.237   1.00 26.68 ? 15  VAL A CG2 1 
ATOM 110  N N   . LEU A 1 180 ? -0.678  3.606   7.126   1.00 31.37 ? 16  LEU A N   1 
ATOM 111  C CA  . LEU A 1 180 ? -0.793  4.184   8.455   1.00 31.37 ? 16  LEU A CA  1 
ATOM 112  C C   . LEU A 1 180 ? -0.700  5.681   8.483   1.00 31.37 ? 16  LEU A C   1 
ATOM 113  O O   . LEU A 1 180 ? 0.313   6.253   8.105   1.00 31.37 ? 16  LEU A O   1 
ATOM 114  C CB  . LEU A 1 180 ? 0.315   3.653   9.362   1.00 31.37 ? 16  LEU A CB  1 
ATOM 115  C CG  . LEU A 1 180 ? 0.019   2.561   10.378  1.00 31.37 ? 16  LEU A CG  1 
ATOM 116  C CD1 . LEU A 1 180 ? -1.447  2.158   10.386  1.00 31.37 ? 16  LEU A CD1 1 
ATOM 117  C CD2 . LEU A 1 180 ? 0.898   1.376   10.048  1.00 31.37 ? 16  LEU A CD2 1 
ATOM 118  N N   . ARG A 1 181 ? -1.758  6.310   8.970   1.00 36.17 ? 17  ARG A N   1 
ATOM 119  C CA  . ARG A 1 181 ? -1.780  7.745   9.098   1.00 36.17 ? 17  ARG A CA  1 
ATOM 120  C C   . ARG A 1 181 ? -2.027  8.080   10.550  1.00 36.17 ? 17  ARG A C   1 
ATOM 121  O O   . ARG A 1 181 ? -3.149  7.977   11.026  1.00 36.17 ? 17  ARG A O   1 
ATOM 122  C CB  . ARG A 1 181 ? -2.870  8.352   8.230   1.00 36.17 ? 17  ARG A CB  1 
ATOM 123  C CG  . ARG A 1 181 ? -2.401  9.538   7.401   1.00 36.17 ? 17  ARG A CG  1 
ATOM 124  C CD  . ARG A 1 181 ? -2.790  9.386   5.939   1.00 36.17 ? 17  ARG A CD  1 
ATOM 125  N NE  . ARG A 1 181 ? -3.979  8.559   5.791   1.00 36.17 ? 17  ARG A NE  1 
ATOM 126  C CZ  . ARG A 1 181 ? -4.227  7.825   4.725   1.00 36.17 ? 17  ARG A CZ  1 
ATOM 127  N NH1 . ARG A 1 181 ? -3.367  7.830   3.729   1.00 36.17 ? 17  ARG A NH1 1 
ATOM 128  N NH2 . ARG A 1 181 ? -5.323  7.091   4.655   1.00 36.17 ? 17  ARG A NH2 1 
ATOM 129  N N   . ALA A 1 182 ? -0.958  8.431   11.257  1.00 46.17 ? 18  ALA A N   1 
ATOM 130  C CA  . ALA A 1 182 ? -1.033  8.826   12.655  1.00 46.17 ? 18  ALA A CA  1 
ATOM 131  C C   . ALA A 1 182 ? -0.321  10.159  12.815  1.00 46.17 ? 18  ALA A C   1 
ATOM 132  O O   . ALA A 1 182 ? 0.561   10.505  12.030  1.00 46.17 ? 18  ALA A O   1 
ATOM 133  C CB  . ALA A 1 182 ? -0.422  7.769   13.575  1.00 46.17 ? 18  ALA A CB  1 
ATOM 134  N N   . ASN A 1 183 ? -0.707  10.906  13.849  1.00 52.83 ? 19  ASN A N   1 
ATOM 135  C CA  . ASN A 1 183 ? -0.291  12.303  13.934  1.00 52.83 ? 19  ASN A CA  1 
ATOM 136  C C   . ASN A 1 183 ? 1.013   12.479  14.708  1.00 52.83 ? 19  ASN A C   1 
ATOM 137  O O   . ASN A 1 183 ? 1.772   13.417  14.442  1.00 52.83 ? 19  ASN A O   1 
ATOM 138  C CB  . ASN A 1 183 ? -1.406  13.142  14.558  1.00 52.83 ? 19  ASN A CB  1 
ATOM 139  C CG  . ASN A 1 183 ? -2.035  12.471  15.753  1.00 52.83 ? 19  ASN A CG  1 
ATOM 140  O OD1 . ASN A 1 183 ? -1.463  11.549  16.331  1.00 52.83 ? 19  ASN A OD1 1 
ATOM 141  N ND2 . ASN A 1 183 ? -3.220  12.928  16.131  1.00 52.83 ? 19  ASN A ND2 1 
ATOM 142  N N   . SER A 1 184 ? 1.292   11.627  15.681  1.00 51.72 ? 20  SER A N   1 
ATOM 143  C CA  . SER A 1 184 ? 2.533   11.793  16.428  1.00 51.72 ? 20  SER A CA  1 
ATOM 144  C C   . SER A 1 184 ? 3.626   10.943  15.818  1.00 51.72 ? 20  SER A C   1 
ATOM 145  O O   . SER A 1 184 ? 3.449   10.376  14.759  1.00 51.72 ? 20  SER A O   1 
ATOM 146  C CB  . SER A 1 184 ? 2.335   11.420  17.893  1.00 51.72 ? 20  SER A CB  1 
ATOM 147  O OG  . SER A 1 184 ? 1.399   10.371  18.027  1.00 51.72 ? 20  SER A OG  1 
ATOM 148  N N   . VAL A 1 185 ? 4.773   10.884  16.466  1.00 49.35 ? 21  VAL A N   1 
ATOM 149  C CA  . VAL A 1 185 ? 5.846   10.039  15.978  1.00 49.35 ? 21  VAL A CA  1 
ATOM 150  C C   . VAL A 1 185 ? 6.117   8.996   17.044  1.00 49.35 ? 21  VAL A C   1 
ATOM 151  O O   . VAL A 1 185 ? 7.249   8.616   17.299  1.00 49.35 ? 21  VAL A O   1 
ATOM 152  C CB  . VAL A 1 185 ? 7.107   10.830  15.638  1.00 49.35 ? 21  VAL A CB  1 
ATOM 153  C CG1 . VAL A 1 185 ? 8.193   9.904   15.125  1.00 49.35 ? 21  VAL A CG1 1 
ATOM 154  C CG2 . VAL A 1 185 ? 6.779   11.864  14.583  1.00 49.35 ? 21  VAL A CG2 1 
ATOM 155  N N   . GLU A 1 186 ? 5.041   8.569   17.688  1.00 49.50 ? 22  GLU A N   1 
ATOM 156  C CA  . GLU A 1 186 ? 5.082   7.544   18.700  1.00 49.50 ? 22  GLU A CA  1 
ATOM 157  C C   . GLU A 1 186 ? 3.914   6.650   18.358  1.00 49.50 ? 22  GLU A C   1 
ATOM 158  O O   . GLU A 1 186 ? 4.109   5.474   18.109  1.00 49.50 ? 22  GLU A O   1 
ATOM 159  C CB  . GLU A 1 186 ? 4.939   8.125   20.090  1.00 49.50 ? 22  GLU A CB  1 
ATOM 160  C CG  . GLU A 1 186 ? 5.136   7.085   21.172  1.00 49.50 ? 22  GLU A CG  1 
ATOM 161  C CD  . GLU A 1 186 ? 4.058   6.029   21.137  1.00 49.50 ? 22  GLU A CD  1 
ATOM 162  O OE1 . GLU A 1 186 ? 2.902   6.392   20.862  1.00 49.50 ? 22  GLU A OE1 1 
ATOM 163  O OE2 . GLU A 1 186 ? 4.361   4.844   21.377  1.00 49.50 ? 22  GLU A OE2 1 
ATOM 164  N N   . GLU A 1 187 ? 2.702   7.200   18.354  1.00 49.05 ? 23  GLU A N   1 
ATOM 165  C CA  . GLU A 1 187 ? 1.539   6.427   17.952  1.00 49.05 ? 23  GLU A CA  1 
ATOM 166  C C   . GLU A 1 187 ? 1.735   5.779   16.595  1.00 49.05 ? 23  GLU A C   1 
ATOM 167  O O   . GLU A 1 187 ? 0.972   4.877   16.239  1.00 49.05 ? 23  GLU A O   1 
ATOM 168  C CB  . GLU A 1 187 ? 0.296   7.309   17.936  1.00 49.05 ? 23  GLU A CB  1 
ATOM 169  C CG  . GLU A 1 187 ? -0.996  6.556   18.177  1.00 49.05 ? 23  GLU A CG  1 
ATOM 170  C CD  . GLU A 1 187 ? -0.959  5.692   19.423  1.00 49.05 ? 23  GLU A CD  1 
ATOM 171  O OE1 . GLU A 1 187 ? -0.303  6.080   20.412  1.00 49.05 ? 23  GLU A OE1 1 
ATOM 172  O OE2 . GLU A 1 187 ? -1.595  4.620   19.417  1.00 49.05 ? 23  GLU A OE2 1 
ATOM 173  N N   . ALA A 1 188 ? 2.727   6.221   15.828  1.00 48.04 ? 24  ALA A N   1 
ATOM 174  C CA  . ALA A 1 188 ? 3.124   5.464   14.653  1.00 48.04 ? 24  ALA A CA  1 
ATOM 175  C C   . ALA A 1 188 ? 3.728   4.129   15.060  1.00 48.04 ? 24  ALA A C   1 
ATOM 176  O O   . ALA A 1 188 ? 3.322   3.079   14.555  1.00 48.04 ? 24  ALA A O   1 
ATOM 177  C CB  . ALA A 1 188 ? 4.115   6.270   13.815  1.00 48.04 ? 24  ALA A CB  1 
ATOM 178  N N   . LYS A 1 189 ? 4.686   4.153   15.987  1.00 45.34 ? 25  LYS A N   1 
ATOM 179  C CA  . LYS A 1 189 ? 5.376   2.926   16.371  1.00 45.34 ? 25  LYS A CA  1 
ATOM 180  C C   . LYS A 1 189 ? 4.441   1.965   17.089  1.00 45.34 ? 25  LYS A C   1 
ATOM 181  O O   . LYS A 1 189 ? 4.494   0.748   16.867  1.00 45.34 ? 25  LYS A O   1 
ATOM 182  C CB  . LYS A 1 189 ? 6.577   3.265   17.246  1.00 45.34 ? 25  LYS A CB  1 
ATOM 183  C CG  . LYS A 1 189 ? 7.755   3.781   16.463  1.00 45.34 ? 25  LYS A CG  1 
ATOM 184  C CD  . LYS A 1 189 ? 8.949   4.025   17.343  1.00 45.34 ? 25  LYS A CD  1 
ATOM 185  C CE  . LYS A 1 189 ? 8.612   5.012   18.429  1.00 45.34 ? 25  LYS A CE  1 
ATOM 186  N NZ  . LYS A 1 189 ? 7.966   6.213   17.847  1.00 45.34 ? 25  LYS A NZ  1 
ATOM 187  N N   . LYS A 1 190 ? 3.572   2.491   17.950  1.00 42.73 ? 26  LYS A N   1 
ATOM 188  C CA  . LYS A 1 190 ? 2.672   1.614   18.689  1.00 42.73 ? 26  LYS A CA  1 
ATOM 189  C C   . LYS A 1 190 ? 1.725   0.882   17.750  1.00 42.73 ? 26  LYS A C   1 
ATOM 190  O O   . LYS A 1 190 ? 1.487   -0.321  17.907  1.00 42.73 ? 26  LYS A O   1 
ATOM 191  C CB  . LYS A 1 190 ? 1.895   2.412   19.727  1.00 42.73 ? 26  LYS A CB  1 
ATOM 192  C CG  . LYS A 1 190 ? 2.356   2.139   21.146  1.00 42.73 ? 26  LYS A CG  1 
ATOM 193  C CD  . LYS A 1 190 ? 3.849   2.399   21.267  1.00 42.73 ? 26  LYS A CD  1 
ATOM 194  C CE  . LYS A 1 190 ? 4.415   1.925   22.588  1.00 42.73 ? 26  LYS A CE  1 
ATOM 195  N NZ  . LYS A 1 190 ? 5.904   1.881   22.533  1.00 42.73 ? 26  LYS A NZ  1 
ATOM 196  N N   . LYS A 1 191 ? 1.201   1.579   16.739  1.00 39.68 ? 27  LYS A N   1 
ATOM 197  C CA  . LYS A 1 191 ? 0.272   0.931   15.818  1.00 39.68 ? 27  LYS A CA  1 
ATOM 198  C C   . LYS A 1 191 ? 0.992   0.081   14.781  1.00 39.68 ? 27  LYS A C   1 
ATOM 199  O O   . LYS A 1 191 ? 0.426   -0.905  14.300  1.00 39.68 ? 27  LYS A O   1 
ATOM 200  C CB  . LYS A 1 191 ? -0.624  1.973   15.166  1.00 39.68 ? 27  LYS A CB  1 
ATOM 201  C CG  . LYS A 1 191 ? -1.753  2.390   16.081  1.00 39.68 ? 27  LYS A CG  1 
ATOM 202  C CD  . LYS A 1 191 ? -2.293  3.754   15.729  1.00 39.68 ? 27  LYS A CD  1 
ATOM 203  C CE  . LYS A 1 191 ? -3.567  4.049   16.496  1.00 39.68 ? 27  LYS A CE  1 
ATOM 204  N NZ  . LYS A 1 191 ? -4.205  5.322   16.053  1.00 39.68 ? 27  LYS A NZ  1 
ATOM 205  N N   . ALA A 1 192 ? 2.241   0.407   14.451  1.00 38.64 ? 28  ALA A N   1 
ATOM 206  C CA  . ALA A 1 192 ? 3.041   -0.510  13.649  1.00 38.64 ? 28  ALA A CA  1 
ATOM 207  C C   . ALA A 1 192 ? 3.189   -1.849  14.353  1.00 38.64 ? 28  ALA A C   1 
ATOM 208  O O   . ALA A 1 192 ? 2.942   -2.911  13.766  1.00 38.64 ? 28  ALA A O   1 
ATOM 209  C CB  . ALA A 1 192 ? 4.411   0.099   13.367  1.00 38.64 ? 28  ALA A CB  1 
ATOM 210  N N   . LEU A 1 193 ? 3.566   -1.817  15.634  1.00 36.22 ? 29  LEU A N   1 
ATOM 211  C CA  . LEU A 1 193 ? 3.694   -3.060  16.389  1.00 36.22 ? 29  LEU A CA  1 
ATOM 212  C C   . LEU A 1 193 ? 2.355   -3.770  16.513  1.00 36.22 ? 29  LEU A C   1 
ATOM 213  O O   . LEU A 1 193 ? 2.283   -4.999  16.390  1.00 36.22 ? 29  LEU A O   1 
ATOM 214  C CB  . LEU A 1 193 ? 4.277   -2.777  17.768  1.00 36.22 ? 29  LEU A CB  1 
ATOM 215  C CG  . LEU A 1 193 ? 5.741   -2.359  17.743  1.00 36.22 ? 29  LEU A CG  1 
ATOM 216  C CD1 . LEU A 1 193 ? 6.176   -1.846  19.095  1.00 36.22 ? 29  LEU A CD1 1 
ATOM 217  C CD2 . LEU A 1 193 ? 6.594   -3.525  17.315  1.00 36.22 ? 29  LEU A CD2 1 
ATOM 218  N N   . ALA A 1 194 ? 1.283   -3.018  16.758  1.00 33.21 ? 30  ALA A N   1 
ATOM 219  C CA  . ALA A 1 194 ? -0.020  -3.647  16.910  1.00 33.21 ? 30  ALA A CA  1 
ATOM 220  C C   . ALA A 1 194 ? -0.419  -4.397  15.646  1.00 33.21 ? 30  ALA A C   1 
ATOM 221  O O   . ALA A 1 194 ? -0.813  -5.568  15.705  1.00 33.21 ? 30  ALA A O   1 
ATOM 222  C CB  . ALA A 1 194 ? -1.064  -2.603  17.277  1.00 33.21 ? 30  ALA A CB  1 
ATOM 223  N N   . VAL A 1 195 ? -0.296  -3.754  14.481  1.00 34.79 ? 31  VAL A N   1 
ATOM 224  C CA  . VAL A 1 195 ? -0.689  -4.446  13.256  1.00 34.79 ? 31  VAL A CA  1 
ATOM 225  C C   . VAL A 1 195 ? 0.228   -5.630  13.005  1.00 34.79 ? 31  VAL A C   1 
ATOM 226  O O   . VAL A 1 195 ? -0.224  -6.674  12.527  1.00 34.79 ? 31  VAL A O   1 
ATOM 227  C CB  . VAL A 1 195 ? -0.742  -3.498  12.044  1.00 34.79 ? 31  VAL A CB  1 
ATOM 228  C CG1 . VAL A 1 195 ? -1.757  -2.427  12.274  1.00 34.79 ? 31  VAL A CG1 1 
ATOM 229  C CG2 . VAL A 1 195 ? 0.608   -2.911  11.742  1.00 34.79 ? 31  VAL A CG2 1 
ATOM 230  N N   . PHE A 1 196 ? 1.517   -5.515  13.337  1.00 36.14 ? 32  PHE A N   1 
ATOM 231  C CA  . PHE A 1 196 ? 2.376   -6.680  13.162  1.00 36.14 ? 32  PHE A CA  1 
ATOM 232  C C   . PHE A 1 196 ? 1.831   -7.861  13.944  1.00 36.14 ? 32  PHE A C   1 
ATOM 233  O O   . PHE A 1 196 ? 1.655   -8.952  13.396  1.00 36.14 ? 32  PHE A O   1 
ATOM 234  C CB  . PHE A 1 196 ? 3.808   -6.390  13.590  1.00 36.14 ? 32  PHE A CB  1 
ATOM 235  C CG  . PHE A 1 196 ? 4.782   -7.421  13.115  1.00 36.14 ? 32  PHE A CG  1 
ATOM 236  C CD1 . PHE A 1 196 ? 4.770   -8.696  13.633  1.00 36.14 ? 32  PHE A CD1 1 
ATOM 237  C CD2 . PHE A 1 196 ? 5.705   -7.121  12.143  1.00 36.14 ? 32  PHE A CD2 1 
ATOM 238  C CE1 . PHE A 1 196 ? 5.650   -9.649  13.189  1.00 36.14 ? 32  PHE A CE1 1 
ATOM 239  C CE2 . PHE A 1 196 ? 6.595   -8.072  11.703  1.00 36.14 ? 32  PHE A CE2 1 
ATOM 240  C CZ  . PHE A 1 196 ? 6.565   -9.336  12.225  1.00 36.14 ? 32  PHE A CZ  1 
ATOM 241  N N   . LEU A 1 197 ? 1.541   -7.656  15.227  1.00 34.18 ? 33  LEU A N   1 
ATOM 242  C CA  . LEU A 1 197 ? 1.038   -8.765  16.034  1.00 34.18 ? 33  LEU A CA  1 
ATOM 243  C C   . LEU A 1 197 ? -0.298  -9.265  15.508  1.00 34.18 ? 33  LEU A C   1 
ATOM 244  O O   . LEU A 1 197 ? -0.636  -10.438 15.691  1.00 34.18 ? 33  LEU A O   1 
ATOM 245  C CB  . LEU A 1 197 ? 0.902   -8.358  17.499  1.00 34.18 ? 33  LEU A CB  1 
ATOM 246  C CG  . LEU A 1 197 ? 2.153   -7.758  18.119  1.00 34.18 ? 33  LEU A CG  1 
ATOM 247  C CD1 . LEU A 1 197 ? 1.842   -7.341  19.517  1.00 34.18 ? 33  LEU A CD1 1 
ATOM 248  C CD2 . LEU A 1 197 ? 3.289   -8.738  18.078  1.00 34.18 ? 33  LEU A CD2 1 
ATOM 249  N N   . GLY A 1 198 ? -1.069  -8.395  14.858  1.00 35.79 ? 34  GLY A N   1 
ATOM 250  C CA  . GLY A 1 198 ? -2.290  -8.865  14.240  1.00 35.79 ? 34  GLY A CA  1 
ATOM 251  C C   . GLY A 1 198 ? -2.061  -9.861  13.126  1.00 35.79 ? 34  GLY A C   1 
ATOM 252  O O   . GLY A 1 198 ? -2.918  -10.717 12.888  1.00 35.79 ? 34  GLY A O   1 
ATOM 253  N N   . GLY A 1 199 ? -0.922  -9.774  12.446  1.00 36.76 ? 35  GLY A N   1 
ATOM 254  C CA  . GLY A 1 199 ? -0.597  -10.660 11.343  1.00 36.76 ? 35  GLY A CA  1 
ATOM 255  C C   . GLY A 1 199 ? -0.105  -9.971  10.090  1.00 36.76 ? 35  GLY A C   1 
ATOM 256  O O   . GLY A 1 199 ? 0.360   -10.661 9.175   1.00 36.76 ? 35  GLY A O   1 
ATOM 257  N N   . VAL A 1 200 ? -0.147  -8.649  10.003  1.00 36.41 ? 36  VAL A N   1 
ATOM 258  C CA  . VAL A 1 200 ? 0.151   -7.933  8.769   1.00 36.41 ? 36  VAL A CA  1 
ATOM 259  C C   . VAL A 1 200 ? 1.655   -7.705  8.667   1.00 36.41 ? 36  VAL A C   1 
ATOM 260  O O   . VAL A 1 200 ? 2.239   -6.989  9.485   1.00 36.41 ? 36  VAL A O   1 
ATOM 261  C CB  . VAL A 1 200 ? -0.608  -6.602  8.716   1.00 36.41 ? 36  VAL A CB  1 
ATOM 262  C CG1 . VAL A 1 200 ? -0.090  -5.760  7.596   1.00 36.41 ? 36  VAL A CG1 1 
ATOM 263  C CG2 . VAL A 1 200 ? -2.091  -6.851  8.564   1.00 36.41 ? 36  VAL A CG2 1 
ATOM 264  N N   . HIS A 1 201 ? 2.281   -8.297  7.651   1.00 41.54 ? 37  HIS A N   1 
ATOM 265  C CA  . HIS A 1 201 ? 3.717   -8.178  7.445   1.00 41.54 ? 37  HIS A CA  1 
ATOM 266  C C   . HIS A 1 201 ? 4.109   -7.032  6.524   1.00 41.54 ? 37  HIS A C   1 
ATOM 267  O O   . HIS A 1 201 ? 5.307   -6.772  6.370   1.00 41.54 ? 37  HIS A O   1 
ATOM 268  C CB  . HIS A 1 201 ? 4.283   -9.476  6.865   1.00 41.54 ? 37  HIS A CB  1 
ATOM 269  C CG  . HIS A 1 201 ? 4.201   -10.645 7.793   1.00 41.54 ? 37  HIS A CG  1 
ATOM 270  N ND1 . HIS A 1 201 ? 5.316   -11.231 8.349   1.00 41.54 ? 37  HIS A ND1 1 
ATOM 271  C CD2 . HIS A 1 201 ? 3.138   -11.345 8.251   1.00 41.54 ? 37  HIS A CD2 1 
ATOM 272  C CE1 . HIS A 1 201 ? 4.943   -12.239 9.116   1.00 41.54 ? 37  HIS A CE1 1 
ATOM 273  N NE2 . HIS A 1 201 ? 3.627   -12.329 9.075   1.00 41.54 ? 37  HIS A NE2 1 
ATOM 274  N N   . LEU A 1 202 ? 3.147   -6.356  5.900   1.00 35.81 ? 38  LEU A N   1 
ATOM 275  C CA  . LEU A 1 202 ? 3.413   -5.244  4.995   1.00 35.81 ? 38  LEU A CA  1 
ATOM 276  C C   . LEU A 1 202 ? 2.883   -3.966  5.631   1.00 35.81 ? 38  LEU A C   1 
ATOM 277  O O   . LEU A 1 202 ? 1.699   -3.883  5.960   1.00 35.81 ? 38  LEU A O   1 
ATOM 278  C CB  . LEU A 1 202 ? 2.759   -5.480  3.634   1.00 35.81 ? 38  LEU A CB  1 
ATOM 279  C CG  . LEU A 1 202 ? 3.336   -6.563  2.723   1.00 35.81 ? 38  LEU A CG  1 
ATOM 280  C CD1 . LEU A 1 202 ? 2.275   -7.120  1.813   1.00 35.81 ? 38  LEU A CD1 1 
ATOM 281  C CD2 . LEU A 1 202 ? 4.471   -6.004  1.906   1.00 35.81 ? 38  LEU A CD2 1 
ATOM 282  N N   . ILE A 1 203 ? 3.753   -2.978  5.811   1.00 37.37 ? 39  ILE A N   1 
ATOM 283  C CA  . ILE A 1 203 ? 3.385   -1.735  6.476   1.00 37.37 ? 39  ILE A CA  1 
ATOM 284  C C   . ILE A 1 203 ? 3.854   -0.570  5.622   1.00 37.37 ? 39  ILE A C   1 
ATOM 285  O O   . ILE A 1 203 ? 5.005   -0.551  5.174   1.00 37.37 ? 39  ILE A O   1 
ATOM 286  C CB  . ILE A 1 203 ? 3.980   -1.644  7.892   1.00 37.37 ? 39  ILE A CB  1 
ATOM 287  C CG1 . ILE A 1 203 ? 3.401   -2.739  8.782   1.00 37.37 ? 39  ILE A CG1 1 
ATOM 288  C CG2 . ILE A 1 203 ? 3.693   -0.294  8.502   1.00 37.37 ? 39  ILE A CG2 1 
ATOM 289  C CD1 . ILE A 1 203 ? 4.288   -3.116  9.944   1.00 37.37 ? 39  ILE A CD1 1 
ATOM 290  N N   . GLU A 1 204 ? 2.964   0.400   5.401   1.00 34.29 ? 40  GLU A N   1 
ATOM 291  C CA  . GLU A 1 204 ? 3.235   1.570   4.577   1.00 34.29 ? 40  GLU A CA  1 
ATOM 292  C C   . GLU A 1 204 ? 3.151   2.812   5.448   1.00 34.29 ? 40  GLU A C   1 
ATOM 293  O O   . GLU A 1 204 ? 2.096   3.095   6.020   1.00 34.29 ? 40  GLU A O   1 
ATOM 294  C CB  . GLU A 1 204 ? 2.248   1.647   3.413   1.00 34.29 ? 40  GLU A CB  1 
ATOM 295  C CG  . GLU A 1 204 ? 2.473   2.816   2.469   1.00 34.29 ? 40  GLU A CG  1 
ATOM 296  C CD  . GLU A 1 204 ? 1.443   2.898   1.343   1.00 34.29 ? 40  GLU A CD  1 
ATOM 297  O OE1 . GLU A 1 204 ? 1.326   1.936   0.558   1.00 34.29 ? 40  GLU A OE1 1 
ATOM 298  O OE2 . GLU A 1 204 ? 0.739   3.924   1.252   1.00 34.29 ? 40  GLU A OE2 1 
ATOM 299  N N   . ILE A 1 205 ? 4.253   3.551   5.541   1.00 36.19 ? 41  ILE A N   1 
ATOM 300  C CA  . ILE A 1 205 ? 4.368   4.722   6.407   1.00 36.19 ? 41  ILE A CA  1 
ATOM 301  C C   . ILE A 1 205 ? 4.151   5.957   5.543   1.00 36.19 ? 41  ILE A C   1 
ATOM 302  O O   . ILE A 1 205 ? 5.089   6.462   4.923   1.00 36.19 ? 41  ILE A O   1 
ATOM 303  C CB  . ILE A 1 205 ? 5.729   4.780   7.098   1.00 36.19 ? 41  ILE A CB  1 
ATOM 304  C CG1 . ILE A 1 205 ? 5.949   3.552   7.977   1.00 36.19 ? 41  ILE A CG1 1 
ATOM 305  C CG2 . ILE A 1 205 ? 5.845   6.037   7.915   1.00 36.19 ? 41  ILE A CG2 1 
ATOM 306  C CD1 . ILE A 1 205 ? 5.109   3.528   9.218   1.00 36.19 ? 41  ILE A CD1 1 
ATOM 307  N N   . THR A 1 206 ? 2.923   6.465   5.509   1.00 35.79 ? 42  THR A N   1 
ATOM 308  C CA  . THR A 1 206 ? 2.625   7.612   4.660   1.00 35.79 ? 42  THR A CA  1 
ATOM 309  C C   . THR A 1 206 ? 3.203   8.884   5.251   1.00 35.79 ? 42  THR A C   1 
ATOM 310  O O   . THR A 1 206 ? 3.068   9.146   6.446   1.00 35.79 ? 42  THR A O   1 
ATOM 311  C CB  . THR A 1 206 ? 1.124   7.766   4.483   1.00 35.79 ? 42  THR A CB  1 
ATOM 312  O OG1 . THR A 1 206 ? 0.499   7.737   5.769   1.00 35.79 ? 42  THR A OG1 1 
ATOM 313  C CG2 . THR A 1 206 ? 0.583   6.651   3.629   1.00 35.79 ? 42  THR A CG2 1 
ATOM 314  N N   . PHE A 1 207 ? 3.811   9.691   4.407   1.00 38.13 ? 43  PHE A N   1 
ATOM 315  C CA  . PHE A 1 207 ? 4.552   10.842  4.902   1.00 38.13 ? 43  PHE A CA  1 
ATOM 316  C C   . PHE A 1 207 ? 3.689   11.901  5.519   1.00 38.13 ? 43  PHE A C   1 
ATOM 317  O O   . PHE A 1 207 ? 4.249   12.953  5.847   1.00 38.13 ? 43  PHE A O   1 
ATOM 318  C CB  . PHE A 1 207 ? 5.377   11.469  3.786   1.00 38.13 ? 43  PHE A CB  1 
ATOM 319  C CG  . PHE A 1 207 ? 6.654   10.758  3.515   1.00 38.13 ? 43  PHE A CG  1 
ATOM 320  C CD1 . PHE A 1 207 ? 6.782   9.420   3.776   1.00 38.13 ? 43  PHE A CD1 1 
ATOM 321  C CD2 . PHE A 1 207 ? 7.743   11.444  3.031   1.00 38.13 ? 43  PHE A CD2 1 
ATOM 322  C CE1 . PHE A 1 207 ? 7.959   8.775   3.530   1.00 38.13 ? 43  PHE A CE1 1 
ATOM 323  C CE2 . PHE A 1 207 ? 8.922   10.802  2.790   1.00 38.13 ? 43  PHE A CE2 1 
ATOM 324  C CZ  . PHE A 1 207 ? 9.032   9.468   3.040   1.00 38.13 ? 43  PHE A CZ  1 
ATOM 325  N N   . THR A 1 208 ? 2.378   11.744  5.693   1.00 41.09 ? 44  THR A N   1 
ATOM 326  C CA  . THR A 1 208 ? 1.634   12.707  6.494   1.00 41.09 ? 44  THR A CA  1 
ATOM 327  C C   . THR A 1 208 ? 1.952   12.573  7.978   1.00 41.09 ? 44  THR A C   1 
ATOM 328  O O   . THR A 1 208 ? 1.672   13.499  8.747   1.00 41.09 ? 44  THR A O   1 
ATOM 329  C CB  . THR A 1 208 ? 0.133   12.548  6.266   1.00 41.09 ? 44  THR A CB  1 
ATOM 330  O OG1 . THR A 1 208 ? -0.270  11.226  6.633   1.00 41.09 ? 44  THR A OG1 1 
ATOM 331  C CG2 . THR A 1 208 ? -0.203  12.778  4.810   1.00 41.09 ? 44  THR A CG2 1 
ATOM 332  N N   . VAL A 1 209 ? 2.523   11.447  8.393   1.00 42.98 ? 45  VAL A N   1 
ATOM 333  C CA  . VAL A 1 209 ? 3.012   11.257  9.754   1.00 42.98 ? 45  VAL A CA  1 
ATOM 334  C C   . VAL A 1 209 ? 4.317   12.029  9.887   1.00 42.98 ? 45  VAL A C   1 
ATOM 335  O O   . VAL A 1 209 ? 5.279   11.728  9.165   1.00 42.98 ? 45  VAL A O   1 
ATOM 336  C CB  . VAL A 1 209 ? 3.214   9.769   10.071  1.00 42.98 ? 45  VAL A CB  1 
ATOM 337  C CG1 . VAL A 1 209 ? 3.534   9.581   11.528  1.00 42.98 ? 45  VAL A CG1 1 
ATOM 338  C CG2 . VAL A 1 209 ? 1.982   8.975   9.699   1.00 42.98 ? 45  VAL A CG2 1 
ATOM 339  N N   . PRO A 1 210 ? 4.405   13.008  10.789  1.00 44.90 ? 46  PRO A N   1 
ATOM 340  C CA  . PRO A 1 210 ? 5.602   13.858  10.847  1.00 44.90 ? 46  PRO A CA  1 
ATOM 341  C C   . PRO A 1 210 ? 6.864   13.042  11.086  1.00 44.90 ? 46  PRO A C   1 
ATOM 342  O O   . PRO A 1 210 ? 6.886   12.124  11.906  1.00 44.90 ? 46  PRO A O   1 
ATOM 343  C CB  . PRO A 1 210 ? 5.313   14.797  12.021  1.00 44.90 ? 46  PRO A CB  1 
ATOM 344  C CG  . PRO A 1 210 ? 3.841   14.762  12.195  1.00 44.90 ? 46  PRO A CG  1 
ATOM 345  C CD  . PRO A 1 210 ? 3.393   13.402  11.779  1.00 44.90 ? 46  PRO A CD  1 
ATOM 346  N N   . ASP A 1 211 ? 7.921   13.396  10.359  1.00 44.01 ? 47  ASP A N   1 
ATOM 347  C CA  . ASP A 1 211 ? 9.188   12.674  10.410  1.00 44.01 ? 47  ASP A CA  1 
ATOM 348  C C   . ASP A 1 211 ? 8.981   11.188  10.127  1.00 44.01 ? 47  ASP A C   1 
ATOM 349  O O   . ASP A 1 211 ? 9.476   10.311  10.840  1.00 44.01 ? 47  ASP A O   1 
ATOM 350  C CB  . ASP A 1 211 ? 9.882   12.890  11.752  1.00 44.01 ? 47  ASP A CB  1 
ATOM 351  C CG  . ASP A 1 211 ? 10.117  14.355  12.050  1.00 44.01 ? 47  ASP A CG  1 
ATOM 352  O OD1 . ASP A 1 211 ? 10.504  15.090  11.118  1.00 44.01 ? 47  ASP A OD1 1 
ATOM 353  O OD2 . ASP A 1 211 ? 9.921   14.770  13.212  1.00 44.01 ? 47  ASP A OD2 1 
ATOM 354  N N   . ALA A 1 212 ? 8.222   10.908  9.068   1.00 43.87 ? 48  ALA A N   1 
ATOM 355  C CA  . ALA A 1 212 ? 7.966   9.523   8.704   1.00 43.87 ? 48  ALA A CA  1 
ATOM 356  C C   . ALA A 1 212 ? 9.241   8.804   8.289   1.00 43.87 ? 48  ALA A C   1 
ATOM 357  O O   . ALA A 1 212 ? 9.339   7.584   8.450   1.00 43.87 ? 48  ALA A O   1 
ATOM 358  C CB  . ALA A 1 212 ? 6.930   9.452   7.593   1.00 43.87 ? 48  ALA A CB  1 
ATOM 359  N N   . ASP A 1 213 ? 10.235  9.528   7.772   1.00 45.27 ? 49  ASP A N   1 
ATOM 360  C CA  . ASP A 1 213 ? 11.527  8.896   7.530   1.00 45.27 ? 49  ASP A CA  1 
ATOM 361  C C   . ASP A 1 213 ? 12.149  8.423   8.837   1.00 45.27 ? 49  ASP A C   1 
ATOM 362  O O   . ASP A 1 213 ? 12.704  7.319   8.910   1.00 45.27 ? 49  ASP A O   1 
ATOM 363  C CB  . ASP A 1 213 ? 12.461  9.859   6.799   1.00 45.27 ? 49  ASP A CB  1 
ATOM 364  C CG  . ASP A 1 213 ? 12.918  11.001  7.673   1.00 45.27 ? 49  ASP A CG  1 
ATOM 365  O OD1 . ASP A 1 213 ? 12.118  11.457  8.516   1.00 45.27 ? 49  ASP A OD1 1 
ATOM 366  O OD2 . ASP A 1 213 ? 14.077  11.439  7.521   1.00 45.27 ? 49  ASP A OD2 1 
ATOM 367  N N   . THR A 1 214 ? 12.046  9.238   9.888   1.00 44.28 ? 50  THR A N   1 
ATOM 368  C CA  . THR A 1 214 ? 12.521  8.822   11.199  1.00 44.28 ? 50  THR A CA  1 
ATOM 369  C C   . THR A 1 214 ? 11.746  7.618   11.701  1.00 44.28 ? 50  THR A C   1 
ATOM 370  O O   . THR A 1 214 ? 12.317  6.719   12.325  1.00 44.28 ? 50  THR A O   1 
ATOM 371  C CB  . THR A 1 214 ? 12.412  9.982   12.187  1.00 44.28 ? 50  THR A CB  1 
ATOM 372  O OG1 . THR A 1 214 ? 13.183  11.090  11.708  1.00 44.28 ? 50  THR A OG1 1 
ATOM 373  C CG2 . THR A 1 214 ? 12.922  9.572   13.550  1.00 44.28 ? 50  THR A CG2 1 
ATOM 374  N N   . VAL A 1 215 ? 10.440  7.579   11.441  1.00 43.74 ? 51  VAL A N   1 
ATOM 375  C CA  . VAL A 1 215 ? 9.650   6.435   11.888  1.00 43.74 ? 51  VAL A CA  1 
ATOM 376  C C   . VAL A 1 215 ? 10.095  5.161   11.180  1.00 43.74 ? 51  VAL A C   1 
ATOM 377  O O   . VAL A 1 215 ? 10.188  4.097   11.800  1.00 43.74 ? 51  VAL A O   1 
ATOM 378  C CB  . VAL A 1 215 ? 8.149   6.707   11.696  1.00 43.74 ? 51  VAL A CB  1 
ATOM 379  C CG1 . VAL A 1 215 ? 7.362   5.444   11.901  1.00 43.74 ? 51  VAL A CG1 1 
ATOM 380  C CG2 . VAL A 1 215 ? 7.690   7.750   12.678  1.00 43.74 ? 51  VAL A CG2 1 
ATOM 381  N N   . ILE A 1 216 ? 10.381  5.235   9.880   1.00 42.13 ? 52  ILE A N   1 
ATOM 382  C CA  . ILE A 1 216 ? 10.898  4.053   9.186   1.00 42.13 ? 52  ILE A CA  1 
ATOM 383  C C   . ILE A 1 216 ? 12.248  3.644   9.761   1.00 42.13 ? 52  ILE A C   1 
ATOM 384  O O   . ILE A 1 216 ? 12.513  2.455   10.003  1.00 42.13 ? 52  ILE A O   1 
ATOM 385  C CB  . ILE A 1 216 ? 10.997  4.297   7.669   1.00 42.13 ? 52  ILE A CB  1 
ATOM 386  C CG1 . ILE A 1 216 ? 9.687   4.835   7.100   1.00 42.13 ? 52  ILE A CG1 1 
ATOM 387  C CG2 . ILE A 1 216 ? 11.395  3.022   6.960   1.00 42.13 ? 52  ILE A CG2 1 
ATOM 388  C CD1 . ILE A 1 216 ? 9.875   5.702   5.879   1.00 42.13 ? 52  ILE A CD1 1 
ATOM 389  N N   . LYS A 1 217 ? 13.124  4.621   9.985   1.00 43.28 ? 53  LYS A N   1 
ATOM 390  C CA  . LYS A 1 217 ? 14.443  4.332   10.534  1.00 43.28 ? 53  LYS A CA  1 
ATOM 391  C C   . LYS A 1 217 ? 14.343  3.642   11.889  1.00 43.28 ? 53  LYS A C   1 
ATOM 392  O O   . LYS A 1 217 ? 15.129  2.738   12.194  1.00 43.28 ? 53  LYS A O   1 
ATOM 393  C CB  . LYS A 1 217 ? 15.237  5.628   10.638  1.00 43.28 ? 53  LYS A CB  1 
ATOM 394  C CG  . LYS A 1 217 ? 16.534  5.527   11.381  1.00 43.28 ? 53  LYS A CG  1 
ATOM 395  C CD  . LYS A 1 217 ? 17.274  6.837   11.256  1.00 43.28 ? 53  LYS A CD  1 
ATOM 396  C CE  . LYS A 1 217 ? 16.470  7.966   11.872  1.00 43.28 ? 53  LYS A CE  1 
ATOM 397  N NZ  . LYS A 1 217 ? 17.161  9.274   11.740  1.00 43.28 ? 53  LYS A NZ  1 
ATOM 398  N N   . GLU A 1 218 ? 13.382  4.050   12.714  1.00 44.00 ? 54  GLU A N   1 
ATOM 399  C CA  . GLU A 1 218 ? 13.214  3.419   14.016  1.00 44.00 ? 54  GLU A CA  1 
ATOM 400  C C   . GLU A 1 218 ? 12.569  2.042   13.908  1.00 44.00 ? 54  GLU A C   1 
ATOM 401  O O   . GLU A 1 218 ? 12.982  1.114   14.609  1.00 44.00 ? 54  GLU A O   1 
ATOM 402  C CB  . GLU A 1 218 ? 12.405  4.325   14.934  1.00 44.00 ? 54  GLU A CB  1 
ATOM 403  C CG  . GLU A 1 218 ? 13.177  5.551   15.365  1.00 44.00 ? 54  GLU A CG  1 
ATOM 404  C CD  . GLU A 1 218 ? 12.403  6.417   16.329  1.00 44.00 ? 54  GLU A CD  1 
ATOM 405  O OE1 . GLU A 1 218 ? 11.218  6.117   16.576  1.00 44.00 ? 54  GLU A OE1 1 
ATOM 406  O OE2 . GLU A 1 218 ? 12.979  7.399   16.843  1.00 44.00 ? 54  GLU A OE2 1 
ATOM 407  N N   . LEU A 1 219 ? 11.572  1.874   13.038  1.00 43.57 ? 55  LEU A N   1 
ATOM 408  C CA  . LEU A 1 219 ? 10.974  0.560   12.818  1.00 43.57 ? 55  LEU A CA  1 
ATOM 409  C C   . LEU A 1 219 ? 11.889  -0.401  12.081  1.00 43.57 ? 55  LEU A C   1 
ATOM 410  O O   . LEU A 1 219 ? 11.476  -1.537  11.832  1.00 43.57 ? 55  LEU A O   1 
ATOM 411  C CB  . LEU A 1 219 ? 9.664   0.660   12.040  1.00 43.57 ? 55  LEU A CB  1 
ATOM 412  C CG  . LEU A 1 219 ? 8.351   0.968   12.748  1.00 43.57 ? 55  LEU A CG  1 
ATOM 413  C CD1 . LEU A 1 219 ? 8.036   -0.160  13.697  1.00 43.57 ? 55  LEU A CD1 1 
ATOM 414  C CD2 . LEU A 1 219 ? 8.404   2.267   13.477  1.00 43.57 ? 55  LEU A CD2 1 
ATOM 415  N N   . SER A 1 220 ? 13.082  0.039   11.690  1.00 42.82 ? 56  SER A N   1 
ATOM 416  C CA  . SER A 1 220 ? 14.076  -0.846  11.087  1.00 42.82 ? 56  SER A CA  1 
ATOM 417  C C   . SER A 1 220 ? 14.122  -2.242  11.706  1.00 42.82 ? 56  SER A C   1 
ATOM 418  O O   . SER A 1 220 ? 14.283  -3.232  10.987  1.00 42.82 ? 56  SER A O   1 
ATOM 419  C CB  . SER A 1 220 ? 15.466  -0.217  11.189  1.00 42.82 ? 56  SER A CB  1 
ATOM 420  O OG  . SER A 1 220 ? 16.030  -0.445  12.468  1.00 42.82 ? 56  SER A OG  1 
ATOM 421  N N   . PHE A 1 221 ? 13.980  -2.340  13.031  1.00 44.20 ? 57  PHE A N   1 
ATOM 422  C CA  . PHE A 1 221 ? 14.095  -3.638  13.689  1.00 44.20 ? 57  PHE A CA  1 
ATOM 423  C C   . PHE A 1 221 ? 12.982  -4.603  13.303  1.00 44.20 ? 57  PHE A C   1 
ATOM 424  O O   . PHE A 1 221 ? 13.147  -5.813  13.479  1.00 44.20 ? 57  PHE A O   1 
ATOM 425  C CB  . PHE A 1 221 ? 14.129  -3.469  15.211  1.00 44.20 ? 57  PHE A CB  1 
ATOM 426  C CG  . PHE A 1 221 ? 12.878  -2.882  15.796  1.00 44.20 ? 57  PHE A CG  1 
ATOM 427  C CD1 . PHE A 1 221 ? 11.776  -3.676  16.062  1.00 44.20 ? 57  PHE A CD1 1 
ATOM 428  C CD2 . PHE A 1 221 ? 12.817  -1.540  16.112  1.00 44.20 ? 57  PHE A CD2 1 
ATOM 429  C CE1 . PHE A 1 221 ? 10.631  -3.131  16.607  1.00 44.20 ? 57  PHE A CE1 1 
ATOM 430  C CE2 . PHE A 1 221 ? 11.672  -0.991  16.658  1.00 44.20 ? 57  PHE A CE2 1 
ATOM 431  C CZ  . PHE A 1 221 ? 10.579  -1.787  16.907  1.00 44.20 ? 57  PHE A CZ  1 
ATOM 432  N N   . LEU A 1 222 ? 11.849  -4.109  12.797  1.00 45.92 ? 58  LEU A N   1 
ATOM 433  C CA  . LEU A 1 222 ? 10.779  -5.013  12.393  1.00 45.92 ? 58  LEU A CA  1 
ATOM 434  C C   . LEU A 1 222 ? 11.074  -5.696  11.066  1.00 45.92 ? 58  LEU A C   1 
ATOM 435  O O   . LEU A 1 222 ? 10.485  -6.744  10.776  1.00 45.92 ? 58  LEU A O   1 
ATOM 436  C CB  . LEU A 1 222 ? 9.450   -4.262  12.322  1.00 45.92 ? 58  LEU A CB  1 
ATOM 437  C CG  . LEU A 1 222 ? 8.581   -4.411  13.568  1.00 45.92 ? 58  LEU A CG  1 
ATOM 438  C CD1 . LEU A 1 222 ? 7.251   -3.718  13.396  1.00 45.92 ? 58  LEU A CD1 1 
ATOM 439  C CD2 . LEU A 1 222 ? 8.378   -5.868  13.883  1.00 45.92 ? 58  LEU A CD2 1 
ATOM 440  N N   . LYS A 1 223 ? 11.975  -5.134  10.257  1.00 48.47 ? 59  LYS A N   1 
ATOM 441  C CA  . LYS A 1 223 ? 12.474  -5.870  9.104   1.00 48.47 ? 59  LYS A CA  1 
ATOM 442  C C   . LYS A 1 223 ? 13.176  -7.147  9.535   1.00 48.47 ? 59  LYS A C   1 
ATOM 443  O O   . LYS A 1 223 ? 13.138  -8.153  8.818   1.00 48.47 ? 59  LYS A O   1 
ATOM 444  C CB  . LYS A 1 223 ? 13.427  -5.001  8.288   1.00 48.47 ? 59  LYS A CB  1 
ATOM 445  C CG  . LYS A 1 223 ? 12.848  -3.675  7.845   1.00 48.47 ? 59  LYS A CG  1 
ATOM 446  C CD  . LYS A 1 223 ? 13.760  -2.987  6.840   1.00 48.47 ? 59  LYS A CD  1 
ATOM 447  C CE  . LYS A 1 223 ? 14.176  -3.938  5.728   1.00 48.47 ? 59  LYS A CE  1 
ATOM 448  N NZ  . LYS A 1 223 ? 14.762  -3.217  4.565   1.00 48.47 ? 59  LYS A NZ  1 
ATOM 449  N N   . GLU A 1 224 ? 13.826  -7.124  10.700  1.00 48.93 ? 60  GLU A N   1 
ATOM 450  C CA  . GLU A 1 224 ? 14.485  -8.320  11.206  1.00 48.93 ? 60  GLU A CA  1 
ATOM 451  C C   . GLU A 1 224 ? 13.479  -9.391  11.600  1.00 48.93 ? 60  GLU A C   1 
ATOM 452  O O   . GLU A 1 224 ? 13.691  -10.570 11.306  1.00 48.93 ? 60  GLU A O   1 
ATOM 453  C CB  . GLU A 1 224 ? 15.377  -7.956  12.387  1.00 48.93 ? 60  GLU A CB  1 
ATOM 454  C CG  . GLU A 1 224 ? 16.488  -6.996  12.013  1.00 48.93 ? 60  GLU A CG  1 
ATOM 455  C CD  . GLU A 1 224 ? 17.284  -6.526  13.208  1.00 48.93 ? 60  GLU A CD  1 
ATOM 456  O OE1 . GLU A 1 224 ? 16.874  -6.818  14.350  1.00 48.93 ? 60  GLU A OE1 1 
ATOM 457  O OE2 . GLU A 1 224 ? 18.322  -5.862  13.006  1.00 48.93 ? 60  GLU A OE2 1 
ATOM 458  N N   . MET A 1 225 ? 12.385  -9.011  12.251  1.00 50.15 ? 61  MET A N   1 
ATOM 459  C CA  . MET A 1 225 ? 11.360  -9.989  12.579  1.00 50.15 ? 61  MET A CA  1 
ATOM 460  C C   . MET A 1 225 ? 10.547  -10.411 11.368  1.00 50.15 ? 61  MET A C   1 
ATOM 461  O O   . MET A 1 225 ? 9.881   -11.448 11.428  1.00 50.15 ? 61  MET A O   1 
ATOM 462  C CB  . MET A 1 225 ? 10.424  -9.450  13.658  1.00 50.15 ? 61  MET A CB  1 
ATOM 463  C CG  . MET A 1 225 ? 10.989  -9.521  15.065  1.00 50.15 ? 61  MET A CG  1 
ATOM 464  S SD  . MET A 1 225 ? 9.799   -9.018  16.317  1.00 50.15 ? 61  MET A SD  1 
ATOM 465  C CE  . MET A 1 225 ? 8.471   -10.175 16.000  1.00 50.15 ? 61  MET A CE  1 
ATOM 466  N N   . GLY A 1 226 ? 10.578  -9.638  10.282  1.00 46.81 ? 62  GLY A N   1 
ATOM 467  C CA  . GLY A 1 226 ? 9.976   -10.083 9.038   1.00 46.81 ? 62  GLY A CA  1 
ATOM 468  C C   . GLY A 1 226 ? 8.911   -9.186  8.440   1.00 46.81 ? 62  GLY A C   1 
ATOM 469  O O   . GLY A 1 226 ? 8.039   -9.672  7.715   1.00 46.81 ? 62  GLY A O   1 
ATOM 470  N N   . ALA A 1 227 ? 8.957   -7.889  8.733   1.00 45.16 ? 63  ALA A N   1 
ATOM 471  C CA  . ALA A 1 227 ? 8.008   -6.940  8.168   1.00 45.16 ? 63  ALA A CA  1 
ATOM 472  C C   . ALA A 1 227 ? 8.625   -6.191  6.993   1.00 45.16 ? 63  ALA A C   1 
ATOM 473  O O   . ALA A 1 227 ? 9.840   -6.205  6.785   1.00 45.16 ? 63  ALA A O   1 
ATOM 474  C CB  . ALA A 1 227 ? 7.540   -5.941  9.221   1.00 45.16 ? 63  ALA A CB  1 
ATOM 475  N N   . ILE A 1 228 ? 7.766   -5.527  6.223   1.00 42.44 ? 64  ILE A N   1 
ATOM 476  C CA  . ILE A 1 228 ? 8.180   -4.761  5.053   1.00 42.44 ? 64  ILE A CA  1 
ATOM 477  C C   . ILE A 1 228 ? 7.669   -3.337  5.214   1.00 42.44 ? 64  ILE A C   1 
ATOM 478  O O   . ILE A 1 228 ? 6.454   -3.099  5.200   1.00 42.44 ? 64  ILE A O   1 
ATOM 479  C CB  . ILE A 1 228 ? 7.672   -5.383  3.748   1.00 42.44 ? 64  ILE A CB  1 
ATOM 480  C CG1 . ILE A 1 228 ? 8.320   -6.748  3.514   1.00 42.44 ? 64  ILE A CG1 1 
ATOM 481  C CG2 . ILE A 1 228 ? 7.948   -4.461  2.584   1.00 42.44 ? 64  ILE A CG2 1 
ATOM 482  C CD1 . ILE A 1 228 ? 7.518   -7.912  4.046   1.00 42.44 ? 64  ILE A CD1 1 
ATOM 483  N N   . ILE A 1 229 ? 8.593   -2.387  5.341   1.00 43.75 ? 65  ILE A N   1 
ATOM 484  C CA  . ILE A 1 229 ? 8.278   -0.990  5.625   1.00 43.75 ? 65  ILE A CA  1 
ATOM 485  C C   . ILE A 1 229 ? 8.595   -0.170  4.384   1.00 43.75 ? 65  ILE A C   1 
ATOM 486  O O   . ILE A 1 229 ? 9.731   -0.190  3.893   1.00 43.75 ? 65  ILE A O   1 
ATOM 487  C CB  . ILE A 1 229 ? 9.066   -0.469  6.835   1.00 43.75 ? 65  ILE A CB  1 
ATOM 488  C CG1 . ILE A 1 229 ? 9.041   -1.485  7.975   1.00 43.75 ? 65  ILE A CG1 1 
ATOM 489  C CG2 . ILE A 1 229 ? 8.493   0.847   7.311   1.00 43.75 ? 65  ILE A CG2 1 
ATOM 490  C CD1 . ILE A 1 229 ? 7.672   -1.721  8.550   1.00 43.75 ? 65  ILE A CD1 1 
ATOM 491  N N   . GLY A 1 230 ? 7.599   0.560   3.879   1.00 38.22 ? 66  GLY A N   1 
ATOM 492  C CA  . GLY A 1 230 ? 7.772   1.388   2.705   1.00 38.22 ? 66  GLY A CA  1 
ATOM 493  C C   . GLY A 1 230 ? 6.971   2.672   2.809   1.00 38.22 ? 66  GLY A C   1 
ATOM 494  O O   . GLY A 1 230 ? 5.977   2.750   3.531   1.00 38.22 ? 66  GLY A O   1 
ATOM 495  N N   . ALA A 1 231 ? 7.416   3.667   2.055   1.00 36.42 ? 67  ALA A N   1 
ATOM 496  C CA  . ALA A 1 231 ? 6.837   4.999   2.112   1.00 36.42 ? 67  ALA A CA  1 
ATOM 497  C C   . ALA A 1 231 ? 5.421   4.999   1.564   1.00 36.42 ? 67  ALA A C   1 
ATOM 498  O O   . ALA A 1 231 ? 4.909   3.983   1.102   1.00 36.42 ? 67  ALA A O   1 
ATOM 499  C CB  . ALA A 1 231 ? 7.690   5.994   1.331   1.00 36.42 ? 67  ALA A CB  1 
ATOM 500  N N   . GLY A 1 232 ? 4.785   6.162   1.636   1.00 35.22 ? 68  GLY A N   1 
ATOM 501  C CA  . GLY A 1 232 ? 3.457   6.334   1.088   1.00 35.22 ? 68  GLY A CA  1 
ATOM 502  C C   . GLY A 1 232 ? 3.144   7.810   0.965   1.00 35.22 ? 68  GLY A C   1 
ATOM 503  O O   . GLY A 1 232 ? 3.657   8.634   1.719   1.00 35.22 ? 68  GLY A O   1 
ATOM 504  N N   . THR A 1 233 ? 2.282   8.133   0.007   1.00 31.07 ? 69  THR A N   1 
ATOM 505  C CA  . THR A 1 233 ? 1.991   9.521   -0.332  1.00 31.07 ? 69  THR A CA  1 
ATOM 506  C C   . THR A 1 233 ? 3.289   10.286  -0.569  1.00 31.07 ? 69  THR A C   1 
ATOM 507  O O   . THR A 1 233 ? 3.565   11.318  0.042   1.00 31.07 ? 69  THR A O   1 
ATOM 508  C CB  . THR A 1 233 ? 1.129   10.187  0.742   1.00 31.07 ? 69  THR A CB  1 
ATOM 509  O OG1 . THR A 1 233 ? 0.029   9.330   1.058   1.00 31.07 ? 69  THR A OG1 1 
ATOM 510  C CG2 . THR A 1 233 ? 0.564   11.498  0.256   1.00 31.07 ? 69  THR A CG2 1 
ATOM 511  N N   . VAL A 1 234 ? 4.111   9.742   -1.458  1.00 35.20 ? 70  VAL A N   1 
ATOM 512  C CA  . VAL A 1 234 ? 5.352   10.383  -1.866  1.00 35.20 ? 70  VAL A CA  1 
ATOM 513  C C   . VAL A 1 234 ? 5.033   11.257  -3.073  1.00 35.20 ? 70  VAL A C   1 
ATOM 514  O O   . VAL A 1 234 ? 4.867   10.755  -4.187  1.00 35.20 ? 70  VAL A O   1 
ATOM 515  C CB  . VAL A 1 234 ? 6.427   9.348   -2.204  1.00 35.20 ? 70  VAL A CB  1 
ATOM 516  C CG1 . VAL A 1 234 ? 7.672   10.029  -2.718  1.00 35.20 ? 70  VAL A CG1 1 
ATOM 517  C CG2 . VAL A 1 234 ? 6.727   8.507   -1.004  1.00 35.20 ? 70  VAL A CG2 1 
ATOM 518  N N   . THR A 1 235 ? 4.947   12.567  -2.857  1.00 39.70 ? 71  THR A N   1 
ATOM 519  C CA  . THR A 1 235 ? 4.506   13.497  -3.887  1.00 39.70 ? 71  THR A CA  1 
ATOM 520  C C   . THR A 1 235 ? 5.649   14.355  -4.425  1.00 39.70 ? 71  THR A C   1 
ATOM 521  O O   . THR A 1 235 ? 5.413   15.261  -5.229  1.00 39.70 ? 71  THR A O   1 
ATOM 522  C CB  . THR A 1 235 ? 3.361   14.364  -3.324  1.00 39.70 ? 71  THR A CB  1 
ATOM 523  O OG1 . THR A 1 235 ? 2.326   13.507  -2.836  1.00 39.70 ? 71  THR A OG1 1 
ATOM 524  C CG2 . THR A 1 235 ? 2.722   15.225  -4.386  1.00 39.70 ? 71  THR A CG2 1 
ATOM 525  N N   . SER A 1 236 ? 6.891   14.074  -4.051  1.00 45.41 ? 72  SER A N   1 
ATOM 526  C CA  . SER A 1 236 ? 7.983   14.875  -4.576  1.00 45.41 ? 72  SER A CA  1 
ATOM 527  C C   . SER A 1 236 ? 9.273   14.070  -4.578  1.00 45.41 ? 72  SER A C   1 
ATOM 528  O O   . SER A 1 236 ? 9.407   13.051  -3.893  1.00 45.41 ? 72  SER A O   1 
ATOM 529  C CB  . SER A 1 236 ? 8.165   16.169  -3.781  1.00 45.41 ? 72  SER A CB  1 
ATOM 530  O OG  . SER A 1 236 ? 8.869   15.941  -2.575  1.00 45.41 ? 72  SER A OG  1 
ATOM 531  N N   . VAL A 1 237 ? 10.232  14.565  -5.356  1.00 49.64 ? 73  VAL A N   1 
ATOM 532  C CA  . VAL A 1 237 ? 11.499  13.868  -5.518  1.00 49.64 ? 73  VAL A CA  1 
ATOM 533  C C   . VAL A 1 237 ? 12.294  13.886  -4.218  1.00 49.64 ? 73  VAL A C   1 
ATOM 534  O O   . VAL A 1 237 ? 12.982  12.917  -3.887  1.00 49.64 ? 73  VAL A O   1 
ATOM 535  C CB  . VAL A 1 237 ? 12.288  14.494  -6.676  1.00 49.64 ? 73  VAL A CB  1 
ATOM 536  C CG1 . VAL A 1 237 ? 13.504  13.664  -6.992  1.00 49.64 ? 73  VAL A CG1 1 
ATOM 537  C CG2 . VAL A 1 237 ? 11.402  14.629  -7.886  1.00 49.64 ? 73  VAL A CG2 1 
ATOM 538  N N   . GLU A 1 238 ? 12.221  14.984  -3.465  1.00 51.44 ? 74  GLU A N   1 
ATOM 539  C CA  . GLU A 1 238 ? 12.915  15.034  -2.180  1.00 51.44 ? 74  GLU A CA  1 
ATOM 540  C C   . GLU A 1 238 ? 12.301  14.068  -1.172  1.00 51.44 ? 74  GLU A C   1 
ATOM 541  O O   . GLU A 1 238 ? 13.024  13.428  -0.398  1.00 51.44 ? 74  GLU A O   1 
ATOM 542  C CB  . GLU A 1 238 ? 12.914  16.460  -1.636  1.00 51.44 ? 74  GLU A CB  1 
ATOM 543  C CG  . GLU A 1 238 ? 13.806  17.405  -2.416  1.00 51.44 ? 74  GLU A CG  1 
ATOM 544  C CD  . GLU A 1 238 ? 13.151  17.922  -3.680  1.00 51.44 ? 74  GLU A CD  1 
ATOM 545  O OE1 . GLU A 1 238 ? 11.973  17.586  -3.922  1.00 51.44 ? 74  GLU A OE1 1 
ATOM 546  O OE2 . GLU A 1 238 ? 13.817  18.663  -4.433  1.00 51.44 ? 74  GLU A OE2 1 
ATOM 547  N N   . GLN A 1 239 ? 10.973  13.960  -1.150  1.00 45.88 ? 75  GLN A N   1 
ATOM 548  C CA  . GLN A 1 239 ? 10.349  12.969  -0.284  1.00 45.88 ? 75  GLN A CA  1 
ATOM 549  C C   . GLN A 1 239 ? 10.780  11.566  -0.680  1.00 45.88 ? 75  GLN A C   1 
ATOM 550  O O   . GLN A 1 239 ? 11.035  10.721  0.187   1.00 45.88 ? 75  GLN A O   1 
ATOM 551  C CB  . GLN A 1 239 ? 8.829   13.096  -0.328  1.00 45.88 ? 75  GLN A CB  1 
ATOM 552  C CG  . GLN A 1 239 ? 8.291   14.341  0.347   1.00 45.88 ? 75  GLN A CG  1 
ATOM 553  C CD  . GLN A 1 239 ? 6.793   14.285  0.567   1.00 45.88 ? 75  GLN A CD  1 
ATOM 554  O OE1 . GLN A 1 239 ? 6.094   13.480  -0.044  1.00 45.88 ? 75  GLN A OE1 1 
ATOM 555  N NE2 . GLN A 1 239 ? 6.292   15.152  1.431   1.00 45.88 ? 75  GLN A NE2 1 
ATOM 556  N N   . ALA A 1 240 ? 10.881  11.298  -1.984  1.00 47.56 ? 76  ALA A N   1 
ATOM 557  C CA  . ALA A 1 240 ? 11.389  9.998   -2.415  1.00 47.56 ? 76  ALA A CA  1 
ATOM 558  C C   . ALA A 1 240 ? 12.832  9.791   -1.968  1.00 47.56 ? 76  ALA A C   1 
ATOM 559  O O   . ALA A 1 240 ? 13.213  8.683   -1.574  1.00 47.56 ? 76  ALA A O   1 
ATOM 560  C CB  . ALA A 1 240 ? 11.275  9.862   -3.929  1.00 47.56 ? 76  ALA A CB  1 
ATOM 561  N N   . ARG A 1 241 ? 13.650  10.844  -2.035  1.00 49.21 ? 77  ARG A N   1 
ATOM 562  C CA  . ARG A 1 241 ? 15.019  10.772  -1.533  1.00 49.21 ? 77  ARG A CA  1 
ATOM 563  C C   . ARG A 1 241 ? 15.046  10.356  -0.072  1.00 49.21 ? 77  ARG A C   1 
ATOM 564  O O   . ARG A 1 241 ? 15.788  9.448   0.319   1.00 49.21 ? 77  ARG A O   1 
ATOM 565  C CB  . ARG A 1 241 ? 15.713  12.125  -1.692  1.00 49.21 ? 77  ARG A CB  1 
ATOM 566  C CG  . ARG A 1 241 ? 17.231  12.053  -1.747  1.00 49.21 ? 77  ARG A CG  1 
ATOM 567  C CD  . ARG A 1 241 ? 17.758  11.252  -2.918  1.00 49.21 ? 77  ARG A CD  1 
ATOM 568  N NE  . ARG A 1 241 ? 16.878  11.335  -4.075  1.00 49.21 ? 77  ARG A NE  1 
ATOM 569  C CZ  . ARG A 1 241 ? 16.991  12.254  -5.025  1.00 49.21 ? 77  ARG A CZ  1 
ATOM 570  N NH1 . ARG A 1 241 ? 17.930  13.185  -4.976  1.00 49.21 ? 77  ARG A NH1 1 
ATOM 571  N NH2 . ARG A 1 241 ? 16.144  12.238  -6.047  1.00 49.21 ? 77  ARG A NH2 1 
ATOM 572  N N   . LYS A 1 242 ? 14.249  11.030  0.757   1.00 49.14 ? 78  LYS A N   1 
ATOM 573  C CA  . LYS A 1 242 ? 14.239  10.721  2.182   1.00 49.14 ? 78  LYS A CA  1 
ATOM 574  C C   . LYS A 1 242 ? 13.765  9.299   2.431   1.00 49.14 ? 78  LYS A C   1 
ATOM 575  O O   . LYS A 1 242 ? 14.332  8.583   3.264   1.00 49.14 ? 78  LYS A O   1 
ATOM 576  C CB  . LYS A 1 242 ? 13.359  11.715  2.931   1.00 49.14 ? 78  LYS A CB  1 
ATOM 577  C CG  . LYS A 1 242 ? 13.939  13.112  3.023   1.00 49.14 ? 78  LYS A CG  1 
ATOM 578  C CD  . LYS A 1 242 ? 13.012  14.021  3.808   1.00 49.14 ? 78  LYS A CD  1 
ATOM 579  C CE  . LYS A 1 242 ? 13.343  15.483  3.584   1.00 49.14 ? 78  LYS A CE  1 
ATOM 580  N NZ  . LYS A 1 242 ? 12.328  16.373  4.208   1.00 49.14 ? 78  LYS A NZ  1 
ATOM 581  N N   . ALA A 1 243 ? 12.728  8.866   1.716   1.00 44.83 ? 79  ALA A N   1 
ATOM 582  C CA  . ALA A 1 243 ? 12.217  7.515   1.903   1.00 44.83 ? 79  ALA A CA  1 
ATOM 583  C C   . ALA A 1 243 ? 13.261  6.472   1.530   1.00 44.83 ? 79  ALA A C   1 
ATOM 584  O O   . ALA A 1 243 ? 13.419  5.463   2.224   1.00 44.83 ? 79  ALA A O   1 
ATOM 585  C CB  . ALA A 1 243 ? 10.948  7.313   1.083   1.00 44.83 ? 79  ALA A CB  1 
ATOM 586  N N   . VAL A 1 244 ? 13.981  6.688   0.429   1.00 47.87 ? 80  VAL A N   1 
ATOM 587  C CA  . VAL A 1 244 ? 14.941  5.672   0.013   1.00 47.87 ? 80  VAL A CA  1 
ATOM 588  C C   . VAL A 1 244 ? 16.182  5.718   0.897   1.00 47.87 ? 80  VAL A C   1 
ATOM 589  O O   . VAL A 1 244 ? 16.882  4.711   1.049   1.00 47.87 ? 80  VAL A O   1 
ATOM 590  C CB  . VAL A 1 244 ? 15.289  5.826   -1.480  1.00 47.87 ? 80  VAL A CB  1 
ATOM 591  C CG1 . VAL A 1 244 ? 16.012  7.134   -1.746  1.00 47.87 ? 80  VAL A CG1 1 
ATOM 592  C CG2 . VAL A 1 244 ? 16.095  4.638   -1.973  1.00 47.87 ? 80  VAL A CG2 1 
ATOM 593  N N   . GLU A 1 245 ? 16.474  6.872   1.505   1.00 48.57 ? 81  GLU A N   1 
ATOM 594  C CA  . GLU A 1 245 ? 17.582  6.930   2.452   1.00 48.57 ? 81  GLU A CA  1 
ATOM 595  C C   . GLU A 1 245 ? 17.243  6.203   3.744   1.00 48.57 ? 81  GLU A C   1 
ATOM 596  O O   . GLU A 1 245 ? 18.053  5.422   4.254   1.00 48.57 ? 81  GLU A O   1 
ATOM 597  C CB  . GLU A 1 245 ? 17.951  8.380   2.752   1.00 48.57 ? 81  GLU A CB  1 
ATOM 598  C CG  . GLU A 1 245 ? 18.855  9.022   1.729   1.00 48.57 ? 81  GLU A CG  1 
ATOM 599  C CD  . GLU A 1 245 ? 19.156  10.464  2.070   1.00 48.57 ? 81  GLU A CD  1 
ATOM 600  O OE1 . GLU A 1 245 ? 18.765  10.904  3.171   1.00 48.57 ? 81  GLU A OE1 1 
ATOM 601  O OE2 . GLU A 1 245 ? 19.783  11.158  1.242   1.00 48.57 ? 81  GLU A OE2 1 
ATOM 602  N N   . SER A 1 246 ? 16.051  6.431   4.283   1.00 45.62 ? 82  SER A N   1 
ATOM 603  C CA  . SER A 1 246 ? 15.659  5.815   5.542   1.00 45.62 ? 82  SER A CA  1 
ATOM 604  C C   . SER A 1 246 ? 15.282  4.349   5.392   1.00 45.62 ? 82  SER A C   1 
ATOM 605  O O   . SER A 1 246 ? 14.660  3.792   6.299   1.00 45.62 ? 82  SER A O   1 
ATOM 606  C CB  . SER A 1 246 ? 14.499  6.586   6.170   1.00 45.62 ? 82  SER A CB  1 
ATOM 607  O OG  . SER A 1 246 ? 14.957  7.778   6.780   1.00 45.62 ? 82  SER A OG  1 
ATOM 608  N N   . GLY A 1 247 ? 15.621  3.719   4.272   1.00 45.00 ? 83  GLY A N   1 
ATOM 609  C CA  . GLY A 1 247 ? 15.434  2.292   4.127   1.00 45.00 ? 83  GLY A CA  1 
ATOM 610  C C   . GLY A 1 247 ? 14.037  1.832   3.791   1.00 45.00 ? 83  GLY A C   1 
ATOM 611  O O   . GLY A 1 247 ? 13.669  0.713   4.162   1.00 45.00 ? 83  GLY A O   1 
ATOM 612  N N   . ALA A 1 248 ? 13.239  2.650   3.113   1.00 43.15 ? 84  ALA A N   1 
ATOM 613  C CA  . ALA A 1 248 ? 11.925  2.201   2.679   1.00 43.15 ? 84  ALA A CA  1 
ATOM 614  C C   . ALA A 1 248 ? 12.067  1.173   1.566   1.00 43.15 ? 84  ALA A C   1 
ATOM 615  O O   . ALA A 1 248 ? 12.857  1.356   0.635   1.00 43.15 ? 84  ALA A O   1 
ATOM 616  C CB  . ALA A 1 248 ? 11.084  3.382   2.204   1.00 43.15 ? 84  ALA A CB  1 
ATOM 617  N N   . GLU A 1 249 ? 11.298  0.093   1.659   1.00 41.89 ? 85  GLU A N   1 
ATOM 618  C CA  . GLU A 1 249 ? 11.400  -1.002  0.707   1.00 41.89 ? 85  GLU A CA  1 
ATOM 619  C C   . GLU A 1 249 ? 10.551  -0.806  -0.540  1.00 41.89 ? 85  GLU A C   1 
ATOM 620  O O   . GLU A 1 249 ? 10.733  -1.546  -1.511  1.00 41.89 ? 85  GLU A O   1 
ATOM 621  C CB  . GLU A 1 249 ? 11.005  -2.313  1.383   1.00 41.89 ? 85  GLU A CB  1 
ATOM 622  C CG  . GLU A 1 249 ? 11.849  -2.634  2.593   1.00 41.89 ? 85  GLU A CG  1 
ATOM 623  C CD  . GLU A 1 249 ? 11.109  -3.467  3.609   1.00 41.89 ? 85  GLU A CD  1 
ATOM 624  O OE1 . GLU A 1 249 ? 10.970  -4.690  3.397   1.00 41.89 ? 85  GLU A OE1 1 
ATOM 625  O OE2 . GLU A 1 249 ? 10.665  -2.896  4.624   1.00 41.89 ? 85  GLU A OE2 1 
ATOM 626  N N   . PHE A 1 250 ? 9.627   0.151   -0.534  1.00 41.60 ? 86  PHE A N   1 
ATOM 627  C CA  . PHE A 1 250 ? 8.861   0.472   -1.730  1.00 41.60 ? 86  PHE A CA  1 
ATOM 628  C C   . PHE A 1 250 ? 8.255   1.856   -1.574  1.00 41.60 ? 86  PHE A C   1 
ATOM 629  O O   . PHE A 1 250 ? 8.114   2.372   -0.464  1.00 41.60 ? 86  PHE A O   1 
ATOM 630  C CB  . PHE A 1 250 ? 7.778   -0.573  -2.016  1.00 41.60 ? 86  PHE A CB  1 
ATOM 631  C CG  . PHE A 1 250 ? 6.724   -0.678  -0.959  1.00 41.60 ? 86  PHE A CG  1 
ATOM 632  C CD1 . PHE A 1 250 ? 6.969   -1.344  0.221   1.00 41.60 ? 86  PHE A CD1 1 
ATOM 633  C CD2 . PHE A 1 250 ? 5.468   -0.159  -1.170  1.00 41.60 ? 86  PHE A CD2 1 
ATOM 634  C CE1 . PHE A 1 250 ? 5.992   -1.458  1.181   1.00 41.60 ? 86  PHE A CE1 1 
ATOM 635  C CE2 . PHE A 1 250 ? 4.490   -0.276  -0.210  1.00 41.60 ? 86  PHE A CE2 1 
ATOM 636  C CZ  . PHE A 1 250 ? 4.753   -0.925  0.964   1.00 41.60 ? 86  PHE A CZ  1 
ATOM 637  N N   . ILE A 1 251 ? 7.898   2.448   -2.708  1.00 36.59 ? 87  ILE A N   1 
ATOM 638  C CA  . ILE A 1 251 ? 7.371   3.802   -2.773  1.00 36.59 ? 87  ILE A CA  1 
ATOM 639  C C   . ILE A 1 251 ? 5.947   3.736   -3.294  1.00 36.59 ? 87  ILE A C   1 
ATOM 640  O O   . ILE A 1 251 ? 5.621   2.889   -4.129  1.00 36.59 ? 87  ILE A O   1 
ATOM 641  C CB  . ILE A 1 251 ? 8.236   4.697   -3.679  1.00 36.59 ? 87  ILE A CB  1 
ATOM 642  C CG1 . ILE A 1 251 ? 9.706   4.554   -3.305  1.00 36.59 ? 87  ILE A CG1 1 
ATOM 643  C CG2 . ILE A 1 251 ? 7.792   6.136   -3.577  1.00 36.59 ? 87  ILE A CG2 1 
ATOM 644  C CD1 . ILE A 1 251 ? 10.013  5.028   -1.928  1.00 36.59 ? 87  ILE A CD1 1 
ATOM 645  N N   . VAL A 1 252 ? 5.092   4.612   -2.789  1.00 33.20 ? 88  VAL A N   1 
ATOM 646  C CA  . VAL A 1 252 ? 3.699   4.664   -3.201  1.00 33.20 ? 88  VAL A CA  1 
ATOM 647  C C   . VAL A 1 252 ? 3.283   6.122   -3.285  1.00 33.20 ? 88  VAL A C   1 
ATOM 648  O O   . VAL A 1 252 ? 3.506   6.887   -2.341  1.00 33.20 ? 88  VAL A O   1 
ATOM 649  C CB  . VAL A 1 252 ? 2.789   3.901   -2.227  1.00 33.20 ? 88  VAL A CB  1 
ATOM 650  C CG1 . VAL A 1 252 ? 1.354   4.259   -2.481  1.00 33.20 ? 88  VAL A CG1 1 
ATOM 651  C CG2 . VAL A 1 252 ? 2.994   2.418   -2.369  1.00 33.20 ? 88  VAL A CG2 1 
ATOM 652  N N   . SER A 1 253 ? 2.680   6.503   -4.399  1.00 28.71 ? 89  SER A N   1 
ATOM 653  C CA  . SER A 1 253 ? 2.197   7.853   -4.628  1.00 28.71 ? 89  SER A CA  1 
ATOM 654  C C   . SER A 1 253 ? 0.730   7.770   -5.000  1.00 28.71 ? 89  SER A C   1 
ATOM 655  O O   . SER A 1 253 ? 0.256   6.715   -5.429  1.00 28.71 ? 89  SER A O   1 
ATOM 656  C CB  . SER A 1 253 ? 2.988   8.547   -5.742  1.00 28.71 ? 89  SER A CB  1 
ATOM 657  O OG  . SER A 1 253 ? 2.875   7.829   -6.950  1.00 28.71 ? 89  SER A OG  1 
ATOM 658  N N   . PRO A 1 254 ? -0.032  8.853   -4.811  1.00 25.85 ? 90  PRO A N   1 
ATOM 659  C CA  . PRO A 1 254 ? -1.439  8.835   -5.232  1.00 25.85 ? 90  PRO A CA  1 
ATOM 660  C C   . PRO A 1 254 ? -1.646  9.203   -6.689  1.00 25.85 ? 90  PRO A C   1 
ATOM 661  O O   . PRO A 1 254 ? -2.694  8.864   -7.251  1.00 25.85 ? 90  PRO A O   1 
ATOM 662  C CB  . PRO A 1 254 ? -2.088  9.861   -4.305  1.00 25.85 ? 90  PRO A CB  1 
ATOM 663  C CG  . PRO A 1 254 ? -1.004  10.832  -4.048  1.00 25.85 ? 90  PRO A CG  1 
ATOM 664  C CD  . PRO A 1 254 ? 0.297   10.083  -4.073  1.00 25.85 ? 90  PRO A CD  1 
ATOM 665  N N   . HIS A 1 255 ? -0.683  9.862   -7.319  1.00 28.51 ? 91  HIS A N   1 
ATOM 666  C CA  . HIS A 1 255 ? -0.752  10.262  -8.711  1.00 28.51 ? 91  HIS A CA  1 
ATOM 667  C C   . HIS A 1 255 ? 0.482   9.779   -9.453  1.00 28.51 ? 91  HIS A C   1 
ATOM 668  O O   . HIS A 1 255 ? 1.535   9.547   -8.865  1.00 28.51 ? 91  HIS A O   1 
ATOM 669  C CB  . HIS A 1 255 ? -0.847  11.776  -8.834  1.00 28.51 ? 91  HIS A CB  1 
ATOM 670  C CG  . HIS A 1 255 ? 0.396   12.490  -8.415  1.00 28.51 ? 91  HIS A CG  1 
ATOM 671  N ND1 . HIS A 1 255 ? 1.198   13.169  -9.306  1.00 28.51 ? 91  HIS A ND1 1 
ATOM 672  C CD2 . HIS A 1 255 ? 0.964   12.652  -7.200  1.00 28.51 ? 91  HIS A CD2 1 
ATOM 673  C CE1 . HIS A 1 255 ? 2.211   13.713  -8.657  1.00 28.51 ? 91  HIS A CE1 1 
ATOM 674  N NE2 . HIS A 1 255 ? 2.093   13.414  -7.377  1.00 28.51 ? 91  HIS A NE2 1 
ATOM 675  N N   . LEU A 1 256 ? 0.354   9.652   -10.766 1.00 31.53 ? 92  LEU A N   1 
ATOM 676  C CA  . LEU A 1 256 ? 1.491   9.344   -11.623 1.00 31.53 ? 92  LEU A CA  1 
ATOM 677  C C   . LEU A 1 256 ? 2.511   10.463  -11.505 1.00 31.53 ? 92  LEU A C   1 
ATOM 678  O O   . LEU A 1 256 ? 2.141   11.630  -11.349 1.00 31.53 ? 92  LEU A O   1 
ATOM 679  C CB  . LEU A 1 256 ? 1.054   9.183   -13.075 1.00 31.53 ? 92  LEU A CB  1 
ATOM 680  C CG  . LEU A 1 256 ? -0.257  8.458   -13.315 1.00 31.53 ? 92  LEU A CG  1 
ATOM 681  C CD1 . LEU A 1 256 ? -0.642  8.567   -14.771 1.00 31.53 ? 92  LEU A CD1 1 
ATOM 682  C CD2 . LEU A 1 256 ? -0.058  7.022   -12.940 1.00 31.53 ? 92  LEU A CD2 1 
ATOM 683  N N   . ASP A 1 257 ? 3.790   10.110  -11.557 1.00 43.27 ? 93  ASP A N   1 
ATOM 684  C CA  . ASP A 1 257 ? 4.866   11.091  -11.616 1.00 43.27 ? 93  ASP A CA  1 
ATOM 685  C C   . ASP A 1 257 ? 6.008   10.477  -12.405 1.00 43.27 ? 93  ASP A C   1 
ATOM 686  O O   . ASP A 1 257 ? 6.648   9.526   -11.941 1.00 43.27 ? 93  ASP A O   1 
ATOM 687  C CB  . ASP A 1 257 ? 5.322   11.511  -10.219 1.00 43.27 ? 93  ASP A CB  1 
ATOM 688  C CG  . ASP A 1 257 ? 5.948   12.895  -10.199 1.00 43.27 ? 93  ASP A CG  1 
ATOM 689  O OD1 . ASP A 1 257 ? 6.995   13.088  -10.849 1.00 43.27 ? 93  ASP A OD1 1 
ATOM 690  O OD2 . ASP A 1 257 ? 5.399   13.793  -9.527  1.00 43.27 ? 93  ASP A OD2 1 
ATOM 691  N N   . GLU A 1 258 ? 6.267   11.020  -13.595 1.00 50.87 ? 94  GLU A N   1 
ATOM 692  C CA  . GLU A 1 258 ? 7.340   10.488  -14.427 1.00 50.87 ? 94  GLU A CA  1 
ATOM 693  C C   . GLU A 1 258 ? 8.695   10.651  -13.750 1.00 50.87 ? 94  GLU A C   1 
ATOM 694  O O   . GLU A 1 258 ? 9.563   9.776   -13.859 1.00 50.87 ? 94  GLU A O   1 
ATOM 695  C CB  . GLU A 1 258 ? 7.326   11.173  -15.793 1.00 50.87 ? 94  GLU A CB  1 
ATOM 696  C CG  . GLU A 1 258 ? 8.227   10.520  -16.826 1.00 50.87 ? 94  GLU A CG  1 
ATOM 697  C CD  . GLU A 1 258 ? 9.653   11.028  -16.759 1.00 50.87 ? 94  GLU A CD  1 
ATOM 698  O OE1 . GLU A 1 258 ? 9.848   12.197  -16.364 1.00 50.87 ? 94  GLU A OE1 1 
ATOM 699  O OE2 . GLU A 1 258 ? 10.579  10.259  -17.091 1.00 50.87 ? 94  GLU A OE2 1 
ATOM 700  N N   . GLU A 1 259 ? 8.899   11.768  -13.051 1.00 50.68 ? 95  GLU A N   1 
ATOM 701  C CA  . GLU A 1 259 ? 10.174  11.992  -12.380 1.00 50.68 ? 95  GLU A CA  1 
ATOM 702  C C   . GLU A 1 259 ? 10.427  10.947  -11.302 1.00 50.68 ? 95  GLU A C   1 
ATOM 703  O O   . GLU A 1 259 ? 11.500  10.329  -11.267 1.00 50.68 ? 95  GLU A O   1 
ATOM 704  C CB  . GLU A 1 259 ? 10.202  13.395  -11.784 1.00 50.68 ? 95  GLU A CB  1 
ATOM 705  C CG  . GLU A 1 259 ? 11.558  13.817  -11.282 1.00 50.68 ? 95  GLU A CG  1 
ATOM 706  C CD  . GLU A 1 259 ? 12.552  14.014  -12.400 1.00 50.68 ? 95  GLU A CD  1 
ATOM 707  O OE1 . GLU A 1 259 ? 12.121  14.328  -13.530 1.00 50.68 ? 95  GLU A OE1 1 
ATOM 708  O OE2 . GLU A 1 259 ? 13.764  13.861  -12.150 1.00 50.68 ? 95  GLU A OE2 1 
ATOM 709  N N   . ILE A 1 260 ? 9.453   10.733  -10.414 1.00 46.96 ? 96  ILE A N   1 
ATOM 710  C CA  . ILE A 1 260 ? 9.613   9.716   -9.380  1.00 46.96 ? 96  ILE A CA  1 
ATOM 711  C C   . ILE A 1 260 ? 9.786   8.347   -10.015 1.00 46.96 ? 96  ILE A C   1 
ATOM 712  O O   . ILE A 1 260 ? 10.565  7.520   -9.530  1.00 46.96 ? 96  ILE A O   1 
ATOM 713  C CB  . ILE A 1 260 ? 8.420   9.729   -8.408  1.00 46.96 ? 96  ILE A CB  1 
ATOM 714  C CG1 . ILE A 1 260 ? 8.355   11.036  -7.634  1.00 46.96 ? 96  ILE A CG1 1 
ATOM 715  C CG2 . ILE A 1 260 ? 8.519   8.582   -7.426  1.00 46.96 ? 96  ILE A CG2 1 
ATOM 716  C CD1 . ILE A 1 260 ? 7.046   11.210  -6.891  1.00 46.96 ? 96  ILE A CD1 1 
ATOM 717  N N   . SER A 1 261 ? 9.057   8.077   -11.101 1.00 47.51 ? 97  SER A N   1 
ATOM 718  C CA  . SER A 1 261 ? 9.169   6.766   -11.732 1.00 47.51 ? 97  SER A CA  1 
ATOM 719  C C   . SER A 1 261 ? 10.572  6.529   -12.272 1.00 47.51 ? 97  SER A C   1 
ATOM 720  O O   . SER A 1 261 ? 11.141  5.449   -12.083 1.00 47.51 ? 97  SER A O   1 
ATOM 721  C CB  . SER A 1 261 ? 8.139   6.619   -12.845 1.00 47.51 ? 97  SER A CB  1 
ATOM 722  O OG  . SER A 1 261 ? 8.104   5.281   -13.304 1.00 47.51 ? 97  SER A OG  1 
ATOM 723  N N   . GLN A 1 262 ? 11.158  7.527   -12.932 1.00 50.19 ? 98  GLN A N   1 
ATOM 724  C CA  . GLN A 1 262 ? 12.506  7.340   -13.460 1.00 50.19 ? 98  GLN A CA  1 
ATOM 725  C C   . GLN A 1 262 ? 13.528  7.252   -12.334 1.00 50.19 ? 98  GLN A C   1 
ATOM 726  O O   . GLN A 1 262 ? 14.500  6.490   -12.428 1.00 50.19 ? 98  GLN A O   1 
ATOM 727  C CB  . GLN A 1 262 ? 12.835  8.446   -14.476 1.00 50.19 ? 98  GLN A CB  1 
ATOM 728  C CG  . GLN A 1 262 ? 13.112  9.879   -13.977 1.00 50.19 ? 98  GLN A CG  1 
ATOM 729  C CD  . GLN A 1 262 ? 14.349  10.024  -13.108 1.00 50.19 ? 98  GLN A CD  1 
ATOM 730  O OE1 . GLN A 1 262 ? 15.429  9.558   -13.467 1.00 50.19 ? 98  GLN A OE1 1 
ATOM 731  N NE2 . GLN A 1 262 ? 14.199  10.686  -11.968 1.00 50.19 ? 98  GLN A NE2 1 
ATOM 732  N N   . PHE A 1 263 ? 13.315  7.998   -11.247 1.00 49.76 ? 99  PHE A N   1 
ATOM 733  C CA  . PHE A 1 263 ? 14.237  7.911   -10.119 1.00 49.76 ? 99  PHE A CA  1 
ATOM 734  C C   . PHE A 1 263 ? 14.192  6.536   -9.470  1.00 49.76 ? 99  PHE A C   1 
ATOM 735  O O   . PHE A 1 263 ? 15.237  5.958   -9.145  1.00 49.76 ? 99  PHE A O   1 
ATOM 736  C CB  . PHE A 1 263 ? 13.921  9.001   -9.099  1.00 49.76 ? 99  PHE A CB  1 
ATOM 737  C CG  . PHE A 1 263 ? 14.729  8.898   -7.845  1.00 49.76 ? 99  PHE A CG  1 
ATOM 738  C CD1 . PHE A 1 263 ? 14.217  8.263   -6.731  1.00 49.76 ? 99  PHE A CD1 1 
ATOM 739  C CD2 . PHE A 1 263 ? 16.008  9.410   -7.790  1.00 49.76 ? 99  PHE A CD2 1 
ATOM 740  C CE1 . PHE A 1 263 ? 14.956  8.159   -5.580  1.00 49.76 ? 99  PHE A CE1 1 
ATOM 741  C CE2 . PHE A 1 263 ? 16.755  9.303   -6.642  1.00 49.76 ? 99  PHE A CE2 1 
ATOM 742  C CZ  . PHE A 1 263 ? 16.226  8.678   -5.535  1.00 49.76 ? 99  PHE A CZ  1 
ATOM 743  N N   . ALA A 1 264 ? 12.991  5.996   -9.268  1.00 49.06 ? 100 ALA A N   1 
ATOM 744  C CA  . ALA A 1 264 ? 12.867  4.662   -8.697  1.00 49.06 ? 100 ALA A CA  1 
ATOM 745  C C   . ALA A 1 264 ? 13.405  3.608   -9.653  1.00 49.06 ? 100 ALA A C   1 
ATOM 746  O O   . ALA A 1 264 ? 13.935  2.582   -9.216  1.00 49.06 ? 100 ALA A O   1 
ATOM 747  C CB  . ALA A 1 264 ? 11.411  4.377   -8.338  1.00 49.06 ? 100 ALA A CB  1 
ATOM 748  N N   . LYS A 1 265 ? 13.280  3.839   -10.961 1.00 51.35 ? 101 LYS A N   1 
ATOM 749  C CA  . LYS A 1 265 ? 13.882  2.928   -11.926 1.00 51.35 ? 101 LYS A CA  1 
ATOM 750  C C   . LYS A 1 265 ? 15.397  2.910   -11.785 1.00 51.35 ? 101 LYS A C   1 
ATOM 751  O O   . LYS A 1 265 ? 16.017  1.840   -11.792 1.00 51.35 ? 101 LYS A O   1 
ATOM 752  C CB  . LYS A 1 265 ? 13.485  3.333   -13.344 1.00 51.35 ? 101 LYS A CB  1 
ATOM 753  C CG  . LYS A 1 265 ? 13.961  2.380   -14.428 1.00 51.35 ? 101 LYS A CG  1 
ATOM 754  C CD  . LYS A 1 265 ? 13.143  1.100   -14.423 1.00 51.35 ? 101 LYS A CD  1 
ATOM 755  C CE  . LYS A 1 265 ? 11.716  1.362   -14.881 1.00 51.35 ? 101 LYS A CE  1 
ATOM 756  N NZ  . LYS A 1 265 ? 10.903  0.115   -14.941 1.00 51.35 ? 101 LYS A NZ  1 
ATOM 757  N N   . GLU A 1 266 ? 16.010  4.085   -11.655 1.00 52.08 ? 102 GLU A N   1 
ATOM 758  C CA  . GLU A 1 266 ? 17.459  4.141   -11.499 1.00 52.08 ? 102 GLU A CA  1 
ATOM 759  C C   . GLU A 1 266 ? 17.905  3.507   -10.187 1.00 52.08 ? 102 GLU A C   1 
ATOM 760  O O   . GLU A 1 266 ? 18.902  2.778   -10.152 1.00 52.08 ? 102 GLU A O   1 
ATOM 761  C CB  . GLU A 1 266 ? 17.947  5.583   -11.583 1.00 52.08 ? 102 GLU A CB  1 
ATOM 762  C CG  . GLU A 1 266 ? 17.804  6.203   -12.956 1.00 52.08 ? 102 GLU A CG  1 
ATOM 763  C CD  . GLU A 1 266 ? 18.206  7.661   -12.973 1.00 52.08 ? 102 GLU A CD  1 
ATOM 764  O OE1 . GLU A 1 266 ? 18.784  8.130   -11.968 1.00 52.08 ? 102 GLU A OE1 1 
ATOM 765  O OE2 . GLU A 1 266 ? 17.947  8.340   -13.988 1.00 52.08 ? 102 GLU A OE2 1 
ATOM 766  N N   . LYS A 1 267 ? 17.182  3.767   -9.099  1.00 51.39 ? 103 LYS A N   1 
ATOM 767  C CA  . LYS A 1 267 ? 17.593  3.294   -7.784  1.00 51.39 ? 103 LYS A CA  1 
ATOM 768  C C   . LYS A 1 267 ? 17.132  1.873   -7.477  1.00 51.39 ? 103 LYS A C   1 
ATOM 769  O O   . LYS A 1 267 ? 17.497  1.337   -6.427  1.00 51.39 ? 103 LYS A O   1 
ATOM 770  C CB  . LYS A 1 267 ? 17.072  4.240   -6.700  1.00 51.39 ? 103 LYS A CB  1 
ATOM 771  C CG  . LYS A 1 267 ? 17.930  4.286   -5.453  1.00 51.39 ? 103 LYS A CG  1 
ATOM 772  C CD  . LYS A 1 267 ? 19.289  4.887   -5.746  1.00 51.39 ? 103 LYS A CD  1 
ATOM 773  C CE  . LYS A 1 267 ? 19.210  6.400   -5.820  1.00 51.39 ? 103 LYS A CE  1 
ATOM 774  N NZ  . LYS A 1 267 ? 20.560  7.024   -5.873  1.00 51.39 ? 103 LYS A NZ  1 
ATOM 775  N N   . GLY A 1 268 ? 16.351  1.254   -8.354  1.00 50.40 ? 104 GLY A N   1 
ATOM 776  C CA  . GLY A 1 268 ? 15.895  -0.105  -8.114  1.00 50.40 ? 104 GLY A CA  1 
ATOM 777  C C   . GLY A 1 268 ? 14.945  -0.263  -6.947  1.00 50.40 ? 104 GLY A C   1 
ATOM 778  O O   . GLY A 1 268 ? 15.089  -1.209  -6.162  1.00 50.40 ? 104 GLY A O   1 
ATOM 779  N N   . VAL A 1 269 ? 13.971  0.635   -6.813  1.00 45.91 ? 105 VAL A N   1 
ATOM 780  C CA  . VAL A 1 269 ? 12.986  0.588   -5.739  1.00 45.91 ? 105 VAL A CA  1 
ATOM 781  C C   . VAL A 1 269 ? 11.604  0.434   -6.357  1.00 45.91 ? 105 VAL A C   1 
ATOM 782  O O   . VAL A 1 269 ? 11.234  1.196   -7.255  1.00 45.91 ? 105 VAL A O   1 
ATOM 783  C CB  . VAL A 1 269 ? 13.047  1.848   -4.859  1.00 45.91 ? 105 VAL A CB  1 
ATOM 784  C CG1 . VAL A 1 269 ? 12.145  1.691   -3.656  1.00 45.91 ? 105 VAL A CG1 1 
ATOM 785  C CG2 . VAL A 1 269 ? 14.472  2.125   -4.433  1.00 45.91 ? 105 VAL A CG2 1 
ATOM 786  N N   . PHE A 1 270 ? 10.847  -0.543  -5.872  1.00 39.68 ? 106 PHE A N   1 
ATOM 787  C CA  . PHE A 1 270 ? 9.527   -0.828  -6.418  1.00 39.68 ? 106 PHE A CA  1 
ATOM 788  C C   . PHE A 1 270 ? 8.579   0.337   -6.180  1.00 39.68 ? 106 PHE A C   1 
ATOM 789  O O   . PHE A 1 270 ? 8.196   0.610   -5.041  1.00 39.68 ? 106 PHE A O   1 
ATOM 790  C CB  . PHE A 1 270 ? 8.983   -2.095  -5.773  1.00 39.68 ? 106 PHE A CB  1 
ATOM 791  C CG  . PHE A 1 270 ? 7.557   -2.388  -6.106  1.00 39.68 ? 106 PHE A CG  1 
ATOM 792  C CD1 . PHE A 1 270 ? 7.210   -2.907  -7.332  1.00 39.68 ? 106 PHE A CD1 1 
ATOM 793  C CD2 . PHE A 1 270 ? 6.564   -2.168  -5.177  1.00 39.68 ? 106 PHE A CD2 1 
ATOM 794  C CE1 . PHE A 1 270 ? 5.896   -3.188  -7.630  1.00 39.68 ? 106 PHE A CE1 1 
ATOM 795  C CE2 . PHE A 1 270 ? 5.252   -2.450  -5.471  1.00 39.68 ? 106 PHE A CE2 1 
ATOM 796  C CZ  . PHE A 1 270 ? 4.919   -2.960  -6.698  1.00 39.68 ? 106 PHE A CZ  1 
ATOM 797  N N   . TYR A 1 271 ? 8.186   1.010   -7.260  1.00 37.04 ? 107 TYR A N   1 
ATOM 798  C CA  . TYR A 1 271 ? 7.304   2.169   -7.213  1.00 37.04 ? 107 TYR A CA  1 
ATOM 799  C C   . TYR A 1 271 ? 5.950   1.787   -7.789  1.00 37.04 ? 107 TYR A C   1 
ATOM 800  O O   . TYR A 1 271 ? 5.881   1.179   -8.858  1.00 37.04 ? 107 TYR A O   1 
ATOM 801  C CB  . TYR A 1 271 ? 7.916   3.340   -7.985  1.00 37.04 ? 107 TYR A CB  1 
ATOM 802  C CG  . TYR A 1 271 ? 6.964   4.470   -8.294  1.00 37.04 ? 107 TYR A CG  1 
ATOM 803  C CD1 . TYR A 1 271 ? 6.084   4.943   -7.342  1.00 37.04 ? 107 TYR A CD1 1 
ATOM 804  C CD2 . TYR A 1 271 ? 6.965   5.082   -9.537  1.00 37.04 ? 107 TYR A CD2 1 
ATOM 805  C CE1 . TYR A 1 271 ? 5.218   5.970   -7.623  1.00 37.04 ? 107 TYR A CE1 1 
ATOM 806  C CE2 . TYR A 1 271 ? 6.102   6.114   -9.825  1.00 37.04 ? 107 TYR A CE2 1 
ATOM 807  C CZ  . TYR A 1 271 ? 5.231   6.551   -8.862  1.00 37.04 ? 107 TYR A CZ  1 
ATOM 808  O OH  . TYR A 1 271 ? 4.363   7.579   -9.129  1.00 37.04 ? 107 TYR A OH  1 
ATOM 809  N N   . MET A 1 272 ? 4.878   2.150   -7.084  1.00 32.66 ? 108 MET A N   1 
ATOM 810  C CA  . MET A 1 272 ? 3.518   1.721   -7.410  1.00 32.66 ? 108 MET A CA  1 
ATOM 811  C C   . MET A 1 272 ? 2.616   2.932   -7.585  1.00 32.66 ? 108 MET A C   1 
ATOM 812  O O   . MET A 1 272 ? 1.932   3.337   -6.636  1.00 32.66 ? 108 MET A O   1 
ATOM 813  C CB  . MET A 1 272 ? 2.962   0.809   -6.320  1.00 32.66 ? 108 MET A CB  1 
ATOM 814  C CG  . MET A 1 272 ? 1.634   0.188   -6.674  1.00 32.66 ? 108 MET A CG  1 
ATOM 815  S SD  . MET A 1 272 ? 1.045   -1.061  -5.520  1.00 32.66 ? 108 MET A SD  1 
ATOM 816  C CE  . MET A 1 272 ? 1.029   -0.134  -4.002  1.00 32.66 ? 108 MET A CE  1 
ATOM 817  N N   . PRO A 1 273 ? 2.548   3.522   -8.774  1.00 31.25 ? 109 PRO A N   1 
ATOM 818  C CA  . PRO A 1 273 ? 1.747   4.735   -8.949  1.00 31.25 ? 109 PRO A CA  1 
ATOM 819  C C   . PRO A 1 273 ? 0.265   4.428   -8.842  1.00 31.25 ? 109 PRO A C   1 
ATOM 820  O O   . PRO A 1 273 ? -0.160  3.278   -8.757  1.00 31.25 ? 109 PRO A O   1 
ATOM 821  C CB  . PRO A 1 273 ? 2.125   5.197   -10.352 1.00 31.25 ? 109 PRO A CB  1 
ATOM 822  C CG  . PRO A 1 273 ? 2.395   3.946   -11.066 1.00 31.25 ? 109 PRO A CG  1 
ATOM 823  C CD  . PRO A 1 273 ? 3.017   3.004   -10.069 1.00 31.25 ? 109 PRO A CD  1 
ATOM 824  N N   . GLY A 1 274 ? -0.531  5.488   -8.832  1.00 28.53 ? 110 GLY A N   1 
ATOM 825  C CA  . GLY A 1 274 ? -1.978  5.382   -8.742  1.00 28.53 ? 110 GLY A CA  1 
ATOM 826  C C   . GLY A 1 274 ? -2.627  5.815   -10.044 1.00 28.53 ? 110 GLY A C   1 
ATOM 827  O O   . GLY A 1 274 ? -2.154  6.745   -10.698 1.00 28.53 ? 110 GLY A O   1 
ATOM 828  N N   . VAL A 1 275 ? -3.711  5.132   -10.419 1.00 26.90 ? 111 VAL A N   1 
ATOM 829  C CA  . VAL A 1 275 ? -4.451  5.449   -11.631 1.00 26.90 ? 111 VAL A CA  1 
ATOM 830  C C   . VAL A 1 275 ? -5.942  5.400   -11.345 1.00 26.90 ? 111 VAL A C   1 
ATOM 831  O O   . VAL A 1 275 ? -6.404  4.637   -10.495 1.00 26.90 ? 111 VAL A O   1 
ATOM 832  C CB  . VAL A 1 275 ? -4.125  4.486   -12.772 1.00 26.90 ? 111 VAL A CB  1 
ATOM 833  C CG1 . VAL A 1 275 ? -2.687  4.629   -13.171 1.00 26.90 ? 111 VAL A CG1 1 
ATOM 834  C CG2 . VAL A 1 275 ? -4.439  3.082   -12.345 1.00 26.90 ? 111 VAL A CG2 1 
ATOM 835  N N   . MET A 1 276 ? -6.698  6.206   -12.089 1.00 29.59 ? 112 MET A N   1 
ATOM 836  C CA  . MET A 1 276 ? -8.144  6.277   -11.930 1.00 29.59 ? 112 MET A CA  1 
ATOM 837  C C   . MET A 1 276 ? -8.879  5.957   -13.234 1.00 29.59 ? 112 MET A C   1 
ATOM 838  O O   . MET A 1 276 ? -9.912  5.283   -13.205 1.00 29.59 ? 112 MET A O   1 
ATOM 839  C CB  . MET A 1 276 ? -8.538  7.663   -11.427 1.00 29.59 ? 112 MET A CB  1 
ATOM 840  C CG  . MET A 1 276 ? -10.012 7.838   -11.144 1.00 29.59 ? 112 MET A CG  1 
ATOM 841  S SD  . MET A 1 276 ? -10.386 9.472   -10.471 1.00 29.59 ? 112 MET A SD  1 
ATOM 842  C CE  . MET A 1 276 ? -12.167 9.396   -10.348 1.00 29.59 ? 112 MET A CE  1 
ATOM 843  N N   . THR A 1 277 ? -8.359  6.410   -14.372 1.00 29.32 ? 113 THR A N   1 
ATOM 844  C CA  . THR A 1 277 ? -9.018  6.330   -15.668 1.00 29.32 ? 113 THR A CA  1 
ATOM 845  C C   . THR A 1 277 ? -8.107  5.719   -16.722 1.00 29.32 ? 113 THR A C   1 
ATOM 846  O O   . THR A 1 277 ? -6.883  5.700   -16.560 1.00 29.32 ? 113 THR A O   1 
ATOM 847  C CB  . THR A 1 277 ? -9.471  7.721   -16.137 1.00 29.32 ? 113 THR A CB  1 
ATOM 848  O OG1 . THR A 1 277 ? -8.372  8.634   -16.060 1.00 29.32 ? 113 THR A OG1 1 
ATOM 849  C CG2 . THR A 1 277 ? -10.641 8.218   -15.319 1.00 29.32 ? 113 THR A CG2 1 
ATOM 850  N N   . PRO A 1 278 ? -8.681  5.216   -17.829 1.00 30.52 ? 114 PRO A N   1 
ATOM 851  C CA  . PRO A 1 278 ? -7.866  4.541   -18.851 1.00 30.52 ? 114 PRO A CA  1 
ATOM 852  C C   . PRO A 1 278 ? -6.759  5.374   -19.467 1.00 30.52 ? 114 PRO A C   1 
ATOM 853  O O   . PRO A 1 278 ? -5.738  4.805   -19.858 1.00 30.52 ? 114 PRO A O   1 
ATOM 854  C CB  . PRO A 1 278 ? -8.908  4.148   -19.898 1.00 30.52 ? 114 PRO A CB  1 
ATOM 855  C CG  . PRO A 1 278 ? -10.103 3.897   -19.109 1.00 30.52 ? 114 PRO A CG  1 
ATOM 856  C CD  . PRO A 1 278 ? -10.114 4.961   -18.061 1.00 30.52 ? 114 PRO A CD  1 
ATOM 857  N N   . THR A 1 279 ? -6.911  6.688   -19.592 1.00 29.19 ? 115 THR A N   1 
ATOM 858  C CA  . THR A 1 279 ? -5.810  7.477   -20.131 1.00 29.19 ? 115 THR A CA  1 
ATOM 859  C C   . THR A 1 279 ? -4.607  7.434   -19.199 1.00 29.19 ? 115 THR A C   1 
ATOM 860  O O   . THR A 1 279 ? -3.473  7.200   -19.637 1.00 29.19 ? 115 THR A O   1 
ATOM 861  C CB  . THR A 1 279 ? -6.246  8.918   -20.353 1.00 29.19 ? 115 THR A CB  1 
ATOM 862  O OG1 . THR A 1 279 ? -7.451  8.944   -21.122 1.00 29.19 ? 115 THR A OG1 1 
ATOM 863  C CG2 . THR A 1 279 ? -5.165  9.651   -21.108 1.00 29.19 ? 115 THR A CG2 1 
ATOM 864  N N   . GLU A 1 280 ? -4.841  7.653   -17.899 1.00 31.62 ? 116 GLU A N   1 
ATOM 865  C CA  . GLU A 1 280 ? -3.779  7.531   -16.901 1.00 31.62 ? 116 GLU A CA  1 
ATOM 866  C C   . GLU A 1 280 ? -3.209  6.121   -16.886 1.00 31.62 ? 116 GLU A C   1 
ATOM 867  O O   . GLU A 1 280 ? -1.992  5.930   -16.792 1.00 31.62 ? 116 GLU A O   1 
ATOM 868  C CB  . GLU A 1 280 ? -4.317  7.896   -15.514 1.00 31.62 ? 116 GLU A CB  1 
ATOM 869  C CG  . GLU A 1 280 ? -4.371  9.397   -15.185 1.00 31.62 ? 116 GLU A CG  1 
ATOM 870  C CD  . GLU A 1 280 ? -4.784  9.690   -13.731 1.00 31.62 ? 116 GLU A CD  1 
ATOM 871  O OE1 . GLU A 1 280 ? -5.497  8.870   -13.117 1.00 31.62 ? 116 GLU A OE1 1 
ATOM 872  O OE2 . GLU A 1 280 ? -4.372  10.738  -13.193 1.00 31.62 ? 116 GLU A OE2 1 
ATOM 873  N N   . LEU A 1 281 ? -4.080  5.121   -17.000 1.00 28.35 ? 117 LEU A N   1 
ATOM 874  C CA  . LEU A 1 281 ? -3.659  3.726   -16.980 1.00 28.35 ? 117 LEU A CA  1 
ATOM 875  C C   . LEU A 1 281 ? -2.719  3.397   -18.130 1.00 28.35 ? 117 LEU A C   1 
ATOM 876  O O   . LEU A 1 281 ? -1.712  2.708   -17.946 1.00 28.35 ? 117 LEU A O   1 
ATOM 877  C CB  . LEU A 1 281 ? -4.894  2.843   -17.035 1.00 28.35 ? 117 LEU A CB  1 
ATOM 878  C CG  . LEU A 1 281 ? -4.778  1.405   -16.601 1.00 28.35 ? 117 LEU A CG  1 
ATOM 879  C CD1 . LEU A 1 281 ? -6.130  1.026   -16.166 1.00 28.35 ? 117 LEU A CD1 1 
ATOM 880  C CD2 . LEU A 1 281 ? -4.364  0.563   -17.746 1.00 28.35 ? 117 LEU A CD2 1 
ATOM 881  N N   . VAL A 1 282 ? -3.051  3.850   -19.337 1.00 29.73 ? 118 VAL A N   1 
ATOM 882  C CA  . VAL A 1 282 ? -2.227  3.532   -20.494 1.00 29.73 ? 118 VAL A CA  1 
ATOM 883  C C   . VAL A 1 282 ? -0.946  4.351   -20.481 1.00 29.73 ? 118 VAL A C   1 
ATOM 884  O O   . VAL A 1 282 ? 0.124   3.861   -20.868 1.00 29.73 ? 118 VAL A O   1 
ATOM 885  C CB  . VAL A 1 282 ? -3.031  3.733   -21.784 1.00 29.73 ? 118 VAL A CB  1 
ATOM 886  C CG1 . VAL A 1 282 ? -2.141  3.540   -22.978 1.00 29.73 ? 118 VAL A CG1 1 
ATOM 887  C CG2 . VAL A 1 282 ? -4.182  2.765   -21.820 1.00 29.73 ? 118 VAL A CG2 1 
ATOM 888  N N   . LYS A 1 283 ? -1.020  5.603   -20.028 1.00 32.41 ? 119 LYS A N   1 
ATOM 889  C CA  . LYS A 1 283 ? 0.207   6.354   -19.796 1.00 32.41 ? 119 LYS A CA  1 
ATOM 890  C C   . LYS A 1 283 ? 1.117   5.630   -18.816 1.00 32.41 ? 119 LYS A C   1 
ATOM 891  O O   . LYS A 1 283 ? 2.344   5.692   -18.936 1.00 32.41 ? 119 LYS A O   1 
ATOM 892  C CB  . LYS A 1 283 ? -0.116  7.754   -19.285 1.00 32.41 ? 119 LYS A CB  1 
ATOM 893  C CG  . LYS A 1 283 ? 1.116   8.586   -19.017 1.00 32.41 ? 119 LYS A CG  1 
ATOM 894  C CD  . LYS A 1 283 ? 1.852   8.913   -20.294 1.00 32.41 ? 119 LYS A CD  1 
ATOM 895  C CE  . LYS A 1 283 ? 2.991   9.874   -20.024 1.00 32.41 ? 119 LYS A CE  1 
ATOM 896  N NZ  . LYS A 1 283 ? 4.044   9.249   -19.187 1.00 32.41 ? 119 LYS A NZ  1 
ATOM 897  N N   . ALA A 1 284 ? 0.533   4.935   -17.840 1.00 32.06 ? 120 ALA A N   1 
ATOM 898  C CA  . ALA A 1 284 ? 1.345   4.149   -16.919 1.00 32.06 ? 120 ALA A CA  1 
ATOM 899  C C   . ALA A 1 284 ? 1.964   2.950   -17.624 1.00 32.06 ? 120 ALA A C   1 
ATOM 900  O O   . ALA A 1 284 ? 3.189   2.799   -17.658 1.00 32.06 ? 120 ALA A O   1 
ATOM 901  C CB  . ALA A 1 284 ? 0.499   3.699   -15.733 1.00 32.06 ? 120 ALA A CB  1 
ATOM 902  N N   . MET A 1 285 ? 1.125   2.096   -18.216 1.00 33.11 ? 121 MET A N   1 
ATOM 903  C CA  . MET A 1 285 ? 1.609   0.878   -18.859 1.00 33.11 ? 121 MET A CA  1 
ATOM 904  C C   . MET A 1 285 ? 2.679   1.144   -19.900 1.00 33.11 ? 121 MET A C   1 
ATOM 905  O O   . MET A 1 285 ? 3.569   0.307   -20.065 1.00 33.11 ? 121 MET A O   1 
ATOM 906  C CB  . MET A 1 285 ? 0.464   0.118   -19.518 1.00 33.11 ? 121 MET A CB  1 
ATOM 907  C CG  . MET A 1 285 ? -0.548  -0.459  -18.568 1.00 33.11 ? 121 MET A CG  1 
ATOM 908  S SD  . MET A 1 285 ? -1.890  -1.253  -19.464 1.00 33.11 ? 121 MET A SD  1 
ATOM 909  C CE  . MET A 1 285 ? -1.076  -2.691  -20.130 1.00 33.11 ? 121 MET A CE  1 
ATOM 910  N N   . LYS A 1 286 ? 2.632   2.275   -20.599 1.00 37.07 ? 122 LYS A N   1 
ATOM 911  C CA  . LYS A 1 286 ? 3.680   2.611   -21.552 1.00 37.07 ? 122 LYS A CA  1 
ATOM 912  C C   . LYS A 1 286 ? 4.979   3.028   -20.873 1.00 37.07 ? 122 LYS A C   1 
ATOM 913  O O   . LYS A 1 286 ? 5.934   3.397   -21.562 1.00 37.07 ? 122 LYS A O   1 
ATOM 914  C CB  . LYS A 1 286 ? 3.207   3.714   -22.499 1.00 37.07 ? 122 LYS A CB  1 
ATOM 915  C CG  . LYS A 1 286 ? 2.001   3.325   -23.323 1.00 37.07 ? 122 LYS A CG  1 
ATOM 916  C CD  . LYS A 1 286 ? 2.336   2.208   -24.289 1.00 37.07 ? 122 LYS A CD  1 
ATOM 917  C CE  . LYS A 1 286 ? 1.153   1.870   -25.183 1.00 37.07 ? 122 LYS A CE  1 
ATOM 918  N NZ  . LYS A 1 286 ? 0.073   1.181   -24.424 1.00 37.07 ? 122 LYS A NZ  1 
ATOM 919  N N   . LEU A 1 287 ? 5.035   2.985   -19.542 1.00 37.10 ? 123 LEU A N   1 
ATOM 920  C CA  . LEU A 1 287 ? 6.253   3.293   -18.808 1.00 37.10 ? 123 LEU A CA  1 
ATOM 921  C C   . LEU A 1 287 ? 6.829   2.110   -18.048 1.00 37.10 ? 123 LEU A C   1 
ATOM 922  O O   . LEU A 1 287 ? 7.975   2.193   -17.595 1.00 37.10 ? 123 LEU A O   1 
ATOM 923  C CB  . LEU A 1 287 ? 6.015   4.450   -17.825 1.00 37.10 ? 123 LEU A CB  1 
ATOM 924  C CG  . LEU A 1 287 ? 6.279   5.860   -18.351 1.00 37.10 ? 123 LEU A CG  1 
ATOM 925  C CD1 . LEU A 1 287 ? 7.758   6.034   -18.617 1.00 37.10 ? 123 LEU A CD1 1 
ATOM 926  C CD2 . LEU A 1 287 ? 5.492   6.150   -19.616 1.00 37.10 ? 123 LEU A CD2 1 
ATOM 927  N N   . GLY A 1 288 ? 6.084   1.022   -17.894 1.00 35.66 ? 124 GLY A N   1 
ATOM 928  C CA  . GLY A 1 288 ? 6.597   -0.189  -17.278 1.00 35.66 ? 124 GLY A CA  1 
ATOM 929  C C   . GLY A 1 288 ? 5.803   -0.695  -16.096 1.00 35.66 ? 124 GLY A C   1 
ATOM 930  O O   . GLY A 1 288 ? 5.786   -1.911  -15.860 1.00 35.66 ? 124 GLY A O   1 
ATOM 931  N N   . HIS A 1 289 ? 5.134   0.166   -15.341 1.00 32.59 ? 125 HIS A N   1 
ATOM 932  C CA  . HIS A 1 289 ? 4.413   -0.257  -14.148 1.00 32.59 ? 125 HIS A CA  1 
ATOM 933  C C   . HIS A 1 289 ? 3.127   -0.939  -14.581 1.00 32.59 ? 125 HIS A C   1 
ATOM 934  O O   . HIS A 1 289 ? 2.205   -0.284  -15.068 1.00 32.59 ? 125 HIS A O   1 
ATOM 935  C CB  . HIS A 1 289 ? 4.133   0.937   -13.245 1.00 32.59 ? 125 HIS A CB  1 
ATOM 936  C CG  . HIS A 1 289 ? 5.307   1.843   -13.073 1.00 32.59 ? 125 HIS A CG  1 
ATOM 937  N ND1 . HIS A 1 289 ? 6.205   1.708   -12.039 1.00 32.59 ? 125 HIS A ND1 1 
ATOM 938  C CD2 . HIS A 1 289 ? 5.736   2.893   -13.809 1.00 32.59 ? 125 HIS A CD2 1 
ATOM 939  C CE1 . HIS A 1 289 ? 7.137   2.636   -12.144 1.00 32.59 ? 125 HIS A CE1 1 
ATOM 940  N NE2 . HIS A 1 289 ? 6.875   3.370   -13.209 1.00 32.59 ? 125 HIS A NE2 1 
ATOM 941  N N   . THR A 1 290 ? 3.070   -2.254  -14.445 1.00 31.52 ? 126 THR A N   1 
ATOM 942  C CA  . THR A 1 290 ? 1.889   -2.981  -14.873 1.00 31.52 ? 126 THR A CA  1 
ATOM 943  C C   . THR A 1 290 ? 0.814   -3.172  -13.824 1.00 31.52 ? 126 THR A C   1 
ATOM 944  O O   . THR A 1 290 ? -0.334  -3.415  -14.192 1.00 31.52 ? 126 THR A O   1 
ATOM 945  C CB  . THR A 1 290 ? 2.225   -4.341  -15.479 1.00 31.52 ? 126 THR A CB  1 
ATOM 946  O OG1 . THR A 1 290 ? 1.008   -4.998  -15.848 1.00 31.52 ? 126 THR A OG1 1 
ATOM 947  C CG2 . THR A 1 290 ? 2.968   -5.197  -14.475 1.00 31.52 ? 126 THR A CG2 1 
ATOM 948  N N   . ILE A 1 291 ? 1.175   -3.124  -12.538 1.00 29.63 ? 127 ILE A N   1 
ATOM 949  C CA  . ILE A 1 291 ? 0.179   -3.203  -11.463 1.00 29.63 ? 127 ILE A CA  1 
ATOM 950  C C   . ILE A 1 291 ? 0.236   -1.909  -10.681 1.00 29.63 ? 127 ILE A C   1 
ATOM 951  O O   . ILE A 1 291 ? 1.277   -1.538  -10.156 1.00 29.63 ? 127 ILE A O   1 
ATOM 952  C CB  . ILE A 1 291 ? 0.337   -4.390  -10.537 1.00 29.63 ? 127 ILE A CB  1 
ATOM 953  C CG1 . ILE A 1 291 ? 1.777   -4.494  -10.042 1.00 29.63 ? 127 ILE A CG1 1 
ATOM 954  C CG2 . ILE A 1 291 ? -0.164  -5.638  -11.240 1.00 29.63 ? 127 ILE A CG2 1 
ATOM 955  C CD1 . ILE A 1 291 ? 1.901   -5.085  -8.649  1.00 29.63 ? 127 ILE A CD1 1 
ATOM 956  N N   . LEU A 1 292 ? -0.908  -1.231  -10.633 1.00 24.42 ? 128 LEU A N   1 
ATOM 957  C CA  . LEU A 1 292 ? -1.032  0.079   -10.041 1.00 24.42 ? 128 LEU A CA  1 
ATOM 958  C C   . LEU A 1 292 ? -2.015  0.181   -8.899  1.00 24.42 ? 128 LEU A C   1 
ATOM 959  O O   . LEU A 1 292 ? -2.605  -0.789  -8.503  1.00 24.42 ? 128 LEU A O   1 
ATOM 960  C CB  . LEU A 1 292 ? -1.351  1.101   -11.131 1.00 24.42 ? 128 LEU A CB  1 
ATOM 961  C CG  . LEU A 1 292 ? -1.339  0.672   -12.593 1.00 24.42 ? 128 LEU A CG  1 
ATOM 962  C CD1 . LEU A 1 292 ? -2.753  0.452   -13.069 1.00 24.42 ? 128 LEU A CD1 1 
ATOM 963  C CD2 . LEU A 1 292 ? -0.618  1.676   -13.459 1.00 24.42 ? 128 LEU A CD2 1 
ATOM 964  N N   . LYS A 1 293 ? -2.242  1.406   -8.463  1.00 25.29 ? 129 LYS A N   1 
ATOM 965  C CA  . LYS A 1 293 ? -2.983  1.747   -7.258  1.00 25.29 ? 129 LYS A CA  1 
ATOM 966  C C   . LYS A 1 293 ? -4.316  2.365   -7.658  1.00 25.29 ? 129 LYS A C   1 
ATOM 967  O O   . LYS A 1 293 ? -4.351  3.474   -8.194  1.00 25.29 ? 129 LYS A O   1 
ATOM 968  C CB  . LYS A 1 293 ? -2.159  2.719   -6.411  1.00 25.29 ? 129 LYS A CB  1 
ATOM 969  C CG  . LYS A 1 293 ? -2.685  3.038   -5.025  1.00 25.29 ? 129 LYS A CG  1 
ATOM 970  C CD  . LYS A 1 293 ? -1.781  4.057   -4.342  1.00 25.29 ? 129 LYS A CD  1 
ATOM 971  C CE  . LYS A 1 293 ? -2.323  4.473   -2.986  1.00 25.29 ? 129 LYS A CE  1 
ATOM 972  N NZ  . LYS A 1 293 ? -1.565  5.579   -2.332  1.00 25.29 ? 129 LYS A NZ  1 
ATOM 973  N N   . LEU A 1 294 ? -5.410  1.662   -7.391  1.00 21.76 ? 130 LEU A N   1 
ATOM 974  C CA  . LEU A 1 294 ? -6.733  2.107   -7.830  1.00 21.76 ? 130 LEU A CA  1 
ATOM 975  C C   . LEU A 1 294 ? -7.307  3.152   -6.871  1.00 21.76 ? 130 LEU A C   1 
ATOM 976  O O   . LEU A 1 294 ? -8.342  2.969   -6.235  1.00 21.76 ? 130 LEU A O   1 
ATOM 977  C CB  . LEU A 1 294 ? -7.663  0.912   -7.969  1.00 21.76 ? 130 LEU A CB  1 
ATOM 978  C CG  . LEU A 1 294 ? -8.978  1.176   -8.681  1.00 21.76 ? 130 LEU A CG  1 
ATOM 979  C CD1 . LEU A 1 294 ? -8.684  1.481   -10.107 1.00 21.76 ? 130 LEU A CD1 1 
ATOM 980  C CD2 . LEU A 1 294 ? -9.904  -0.008  -8.567  1.00 21.76 ? 130 LEU A CD2 1 
ATOM 981  N N   . PHE A 1 295 ? -6.617  4.282   -6.793  1.00 23.56 ? 131 PHE A N   1 
ATOM 982  C CA  . PHE A 1 295 ? -7.006  5.353   -5.890  1.00 23.56 ? 131 PHE A CA  1 
ATOM 983  C C   . PHE A 1 295 ? -7.964  6.297   -6.600  1.00 23.56 ? 131 PHE A C   1 
ATOM 984  O O   . PHE A 1 295 ? -7.575  6.909   -7.601  1.00 23.56 ? 131 PHE A O   1 
ATOM 985  C CB  . PHE A 1 295 ? -5.777  6.115   -5.422  1.00 23.56 ? 131 PHE A CB  1 
ATOM 986  C CG  . PHE A 1 295 ? -6.041  7.086   -4.309  1.00 23.56 ? 131 PHE A CG  1 
ATOM 987  C CD1 . PHE A 1 295 ? -6.946  6.789   -3.310  1.00 23.56 ? 131 PHE A CD1 1 
ATOM 988  C CD2 . PHE A 1 295 ? -5.363  8.289   -4.250  1.00 23.56 ? 131 PHE A CD2 1 
ATOM 989  C CE1 . PHE A 1 295 ? -7.183  7.680   -2.287  1.00 23.56 ? 131 PHE A CE1 1 
ATOM 990  C CE2 . PHE A 1 295 ? -5.603  9.186   -3.232  1.00 23.56 ? 131 PHE A CE2 1 
ATOM 991  C CZ  . PHE A 1 295 ? -6.511  8.878   -2.250  1.00 23.56 ? 131 PHE A CZ  1 
ATOM 992  N N   . PRO A 1 296 ? -9.210  6.464   -6.124  1.00 24.71 ? 132 PRO A N   1 
ATOM 993  C CA  . PRO A 1 296 ? -9.894  5.757   -5.041  1.00 24.71 ? 132 PRO A CA  1 
ATOM 994  C C   . PRO A 1 296 ? -10.913 4.692   -5.463  1.00 24.71 ? 132 PRO A C   1 
ATOM 995  O O   . PRO A 1 296 ? -11.750 4.898   -6.353  1.00 24.71 ? 132 PRO A O   1 
ATOM 996  C CB  . PRO A 1 296 ? -10.597 6.892   -4.292  1.00 24.71 ? 132 PRO A CB  1 
ATOM 997  C CG  . PRO A 1 296 ? -10.869 7.906   -5.317  1.00 24.71 ? 132 PRO A CG  1 
ATOM 998  C CD  . PRO A 1 296 ? -9.896  7.722   -6.455  1.00 24.71 ? 132 PRO A CD  1 
ATOM 999  N N   . GLY A 1 297 ? -10.853 3.565   -4.766  1.00 24.89 ? 133 GLY A N   1 
ATOM 1000 C CA  . GLY A 1 297 ? -11.731 2.444   -5.006  1.00 24.89 ? 133 GLY A CA  1 
ATOM 1001 C C   . GLY A 1 297 ? -13.095 2.619   -4.382  1.00 24.89 ? 133 GLY A C   1 
ATOM 1002 O O   . GLY A 1 297 ? -13.864 1.665   -4.274  1.00 24.89 ? 133 GLY A O   1 
ATOM 1003 N N   . GLU A 1 298 ? -13.395 3.833   -3.937  1.00 26.31 ? 134 GLU A N   1 
ATOM 1004 C CA  . GLU A 1 298 ? -14.746 4.188   -3.524  1.00 26.31 ? 134 GLU A CA  1 
ATOM 1005 C C   . GLU A 1 298 ? -15.498 4.934   -4.607  1.00 26.31 ? 134 GLU A C   1 
ATOM 1006 O O   . GLU A 1 298 ? -16.702 4.728   -4.774  1.00 26.31 ? 134 GLU A O   1 
ATOM 1007 C CB  . GLU A 1 298 ? -14.706 5.061   -2.270  1.00 26.31 ? 134 GLU A CB  1 
ATOM 1008 C CG  . GLU A 1 298 ? -13.613 6.106   -2.317  1.00 26.31 ? 134 GLU A CG  1 
ATOM 1009 C CD  . GLU A 1 298 ? -13.647 7.029   -1.133  1.00 26.31 ? 134 GLU A CD  1 
ATOM 1010 O OE1 . GLU A 1 298 ? -12.923 8.046   -1.152  1.00 26.31 ? 134 GLU A OE1 1 
ATOM 1011 O OE2 . GLU A 1 298 ? -14.401 6.736   -0.183  1.00 26.31 ? 134 GLU A OE2 1 
ATOM 1012 N N   . VAL A 1 299 ? -14.797 5.797   -5.337  1.00 24.68 ? 135 VAL A N   1 
ATOM 1013 C CA  . VAL A 1 299 ? -15.364 6.436   -6.514  1.00 24.68 ? 135 VAL A CA  1 
ATOM 1014 C C   . VAL A 1 299 ? -15.398 5.466   -7.687  1.00 24.68 ? 135 VAL A C   1 
ATOM 1015 O O   . VAL A 1 299 ? -16.470 5.182   -8.232  1.00 24.68 ? 135 VAL A O   1 
ATOM 1016 C CB  . VAL A 1 299 ? -14.570 7.710   -6.845  1.00 24.68 ? 135 VAL A CB  1 
ATOM 1017 C CG1 . VAL A 1 299 ? -14.901 8.196   -8.219  1.00 24.68 ? 135 VAL A CG1 1 
ATOM 1018 C CG2 . VAL A 1 299 ? -14.898 8.776   -5.847  1.00 24.68 ? 135 VAL A CG2 1 
ATOM 1019 N N   . VAL A 1 300 ? -14.243 4.918   -8.085  1.00 26.22 ? 136 VAL A N   1 
ATOM 1020 C CA  . VAL A 1 300 ? -14.224 4.111   -9.303  1.00 26.22 ? 136 VAL A CA  1 
ATOM 1021 C C   . VAL A 1 300 ? -15.013 2.820   -9.104  1.00 26.22 ? 136 VAL A C   1 
ATOM 1022 O O   . VAL A 1 300 ? -15.777 2.410   -9.981  1.00 26.22 ? 136 VAL A O   1 
ATOM 1023 C CB  . VAL A 1 300 ? -12.785 3.853   -9.777  1.00 26.22 ? 136 VAL A CB  1 
ATOM 1024 C CG1 . VAL A 1 300 ? -12.023 5.151   -9.884  1.00 26.22 ? 136 VAL A CG1 1 
ATOM 1025 C CG2 . VAL A 1 300 ? -12.078 2.909   -8.866  1.00 26.22 ? 136 VAL A CG2 1 
ATOM 1026 N N   . GLY A 1 301 ? -14.864 2.171   -7.955  1.00 26.53 ? 137 GLY A N   1 
ATOM 1027 C CA  . GLY A 1 301 ? -15.759 1.104   -7.575  1.00 26.53 ? 137 GLY A CA  1 
ATOM 1028 C C   . GLY A 1 301 ? -15.209 -0.301  -7.704  1.00 26.53 ? 137 GLY A C   1 
ATOM 1029 O O   . GLY A 1 301 ? -14.050 -0.523  -8.064  1.00 26.53 ? 137 GLY A O   1 
ATOM 1030 N N   . PRO A 1 302 ? -16.048 -1.285  -7.364  1.00 29.17 ? 138 PRO A N   1 
ATOM 1031 C CA  . PRO A 1 302 ? -15.676 -2.690  -7.590  1.00 29.17 ? 138 PRO A CA  1 
ATOM 1032 C C   . PRO A 1 302 ? -15.769 -3.099  -9.044  1.00 29.17 ? 138 PRO A C   1 
ATOM 1033 O O   . PRO A 1 302 ? -15.039 -3.997  -9.476  1.00 29.17 ? 138 PRO A O   1 
ATOM 1034 C CB  . PRO A 1 302 ? -16.711 -3.460  -6.762  1.00 29.17 ? 138 PRO A CB  1 
ATOM 1035 C CG  . PRO A 1 302 ? -17.189 -2.496  -5.749  1.00 29.17 ? 138 PRO A CG  1 
ATOM 1036 C CD  . PRO A 1 302 ? -17.174 -1.159  -6.426  1.00 29.17 ? 138 PRO A CD  1 
ATOM 1037 N N   . GLN A 1 303 ? -16.671 -2.476  -9.804  1.00 28.52 ? 139 GLN A N   1 
ATOM 1038 C CA  . GLN A 1 303 ? -16.970 -2.850  -11.177 1.00 28.52 ? 139 GLN A CA  1 
ATOM 1039 C C   . GLN A 1 303 ? -16.145 -2.069  -12.182 1.00 28.52 ? 139 GLN A C   1 
ATOM 1040 O O   . GLN A 1 303 ? -16.543 -1.945  -13.339 1.00 28.52 ? 139 GLN A O   1 
ATOM 1041 C CB  . GLN A 1 303 ? -18.452 -2.649  -11.471 1.00 28.52 ? 139 GLN A CB  1 
ATOM 1042 C CG  . GLN A 1 303 ? -18.883 -1.205  -11.380 1.00 28.52 ? 139 GLN A CG  1 
ATOM 1043 C CD  . GLN A 1 303 ? -19.514 -0.863  -10.055 1.00 28.52 ? 139 GLN A CD  1 
ATOM 1044 O OE1 . GLN A 1 303 ? -19.656 -1.717  -9.185  1.00 28.52 ? 139 GLN A OE1 1 
ATOM 1045 N NE2 . GLN A 1 303 ? -19.893 0.397   -9.888  1.00 28.52 ? 139 GLN A NE2 1 
ATOM 1046 N N   . PHE A 1 304 ? -15.019 -1.511  -11.766 1.00 26.08 ? 140 PHE A N   1 
ATOM 1047 C CA  . PHE A 1 304 ? -14.098 -0.941  -12.730 1.00 26.08 ? 140 PHE A CA  1 
ATOM 1048 C C   . PHE A 1 304 ? -12.984 -1.891  -13.098 1.00 26.08 ? 140 PHE A C   1 
ATOM 1049 O O   . PHE A 1 304 ? -12.746 -2.105  -14.283 1.00 26.08 ? 140 PHE A O   1 
ATOM 1050 C CB  . PHE A 1 304 ? -13.479 0.348   -12.201 1.00 26.08 ? 140 PHE A CB  1 
ATOM 1051 C CG  . PHE A 1 304 ? -12.288 0.803   -12.974 1.00 26.08 ? 140 PHE A CG  1 
ATOM 1052 C CD1 . PHE A 1 304 ? -12.442 1.522   -14.127 1.00 26.08 ? 140 PHE A CD1 1 
ATOM 1053 C CD2 . PHE A 1 304 ? -11.016 0.539   -12.538 1.00 26.08 ? 140 PHE A CD2 1 
ATOM 1054 C CE1 . PHE A 1 304 ? -11.354 1.958   -14.834 1.00 26.08 ? 140 PHE A CE1 1 
ATOM 1055 C CE2 . PHE A 1 304 ? -9.929  0.974   -13.250 1.00 26.08 ? 140 PHE A CE2 1 
ATOM 1056 C CZ  . PHE A 1 304 ? -10.098 1.683   -14.392 1.00 26.08 ? 140 PHE A CZ  1 
ATOM 1057 N N   . VAL A 1 305 ? -12.314 -2.494  -12.119 1.00 26.79 ? 141 VAL A N   1 
ATOM 1058 C CA  . VAL A 1 305 ? -11.309 -3.503  -12.410 1.00 26.79 ? 141 VAL A CA  1 
ATOM 1059 C C   . VAL A 1 305 ? -11.895 -4.708  -13.124 1.00 26.79 ? 141 VAL A C   1 
ATOM 1060 O O   . VAL A 1 305 ? -11.258 -5.243  -14.036 1.00 26.79 ? 141 VAL A O   1 
ATOM 1061 C CB  . VAL A 1 305 ? -10.566 -3.932  -11.132 1.00 26.79 ? 141 VAL A CB  1 
ATOM 1062 C CG1 . VAL A 1 305 ? -11.506 -4.613  -10.150 1.00 26.79 ? 141 VAL A CG1 1 
ATOM 1063 C CG2 . VAL A 1 305 ? -9.435  -4.852  -11.487 1.00 26.79 ? 141 VAL A CG2 1 
ATOM 1064 N N   . LYS A 1 306 ? -13.101 -5.136  -12.762 1.00 28.21 ? 142 LYS A N   1 
ATOM 1065 C CA  . LYS A 1 306 ? -13.729 -6.243  -13.469 1.00 28.21 ? 142 LYS A CA  1 
ATOM 1066 C C   . LYS A 1 306 ? -14.121 -5.861  -14.882 1.00 28.21 ? 142 LYS A C   1 
ATOM 1067 O O   . LYS A 1 306 ? -13.812 -6.588  -15.827 1.00 28.21 ? 142 LYS A O   1 
ATOM 1068 C CB  . LYS A 1 306 ? -14.964 -6.726  -12.714 1.00 28.21 ? 142 LYS A CB  1 
ATOM 1069 C CG  . LYS A 1 306 ? -15.911 -7.541  -13.554 1.00 28.21 ? 142 LYS A CG  1 
ATOM 1070 C CD  . LYS A 1 306 ? -16.569 -8.617  -12.722 1.00 28.21 ? 142 LYS A CD  1 
ATOM 1071 C CE  . LYS A 1 306 ? -17.377 -8.009  -11.596 1.00 28.21 ? 142 LYS A CE  1 
ATOM 1072 N NZ  . LYS A 1 306 ? -18.319 -6.974  -12.092 1.00 28.21 ? 142 LYS A NZ  1 
ATOM 1073 N N   . ALA A 1 307 ? -14.787 -4.721  -15.047 1.00 27.68 ? 143 ALA A N   1 
ATOM 1074 C CA  . ALA A 1 307 ? -15.176 -4.262  -16.369 1.00 27.68 ? 143 ALA A CA  1 
ATOM 1075 C C   . ALA A 1 307 ? -13.985 -3.923  -17.242 1.00 27.68 ? 143 ALA A C   1 
ATOM 1076 O O   . ALA A 1 307 ? -14.148 -3.780  -18.455 1.00 27.68 ? 143 ALA A O   1 
ATOM 1077 C CB  . ALA A 1 307 ? -16.084 -3.037  -16.264 1.00 27.68 ? 143 ALA A CB  1 
ATOM 1078 N N   . MET A 1 308 ? -12.797 -3.783  -16.662 1.00 25.36 ? 144 MET A N   1 
ATOM 1079 C CA  . MET A 1 308 ? -11.620 -3.461  -17.448 1.00 25.36 ? 144 MET A CA  1 
ATOM 1080 C C   . MET A 1 308 ? -10.613 -4.605  -17.490 1.00 25.36 ? 144 MET A C   1 
ATOM 1081 O O   . MET A 1 308 ? -9.453  -4.392  -17.849 1.00 25.36 ? 144 MET A O   1 
ATOM 1082 C CB  . MET A 1 308 ? -10.988 -2.188  -16.909 1.00 25.36 ? 144 MET A CB  1 
ATOM 1083 C CG  . MET A 1 308 ? -10.216 -1.431  -17.925 1.00 25.36 ? 144 MET A CG  1 
ATOM 1084 S SD  . MET A 1 308 ? -8.829  -0.628  -17.157 1.00 25.36 ? 144 MET A SD  1 
ATOM 1085 C CE  . MET A 1 308 ? -7.634  -1.946  -17.218 1.00 25.36 ? 144 MET A CE  1 
ATOM 1086 N N   . LYS A 1 309 ? -11.029 -5.820  -17.128 1.00 27.81 ? 145 LYS A N   1 
ATOM 1087 C CA  . LYS A 1 309 ? -10.241 -6.999  -17.475 1.00 27.81 ? 145 LYS A CA  1 
ATOM 1088 C C   . LYS A 1 309 ? -10.240 -7.261  -18.973 1.00 27.81 ? 145 LYS A C   1 
ATOM 1089 O O   . LYS A 1 309 ? -9.236  -7.743  -19.508 1.00 27.81 ? 145 LYS A O   1 
ATOM 1090 C CB  . LYS A 1 309 ? -10.759 -8.240  -16.741 1.00 27.81 ? 145 LYS A CB  1 
ATOM 1091 C CG  . LYS A 1 309 ? -10.717 -8.208  -15.211 1.00 27.81 ? 145 LYS A CG  1 
ATOM 1092 C CD  . LYS A 1 309 ? -9.287  -8.306  -14.662 1.00 27.81 ? 145 LYS A CD  1 
ATOM 1093 C CE  . LYS A 1 309 ? -8.638  -6.961  -14.389 1.00 27.81 ? 145 LYS A CE  1 
ATOM 1094 N NZ  . LYS A 1 309 ? -7.298  -7.099  -13.760 1.00 27.81 ? 145 LYS A NZ  1 
ATOM 1095 N N   . GLY A 1 310 ? -11.340 -6.960  -19.658 1.00 27.89 ? 146 GLY A N   1 
ATOM 1096 C CA  . GLY A 1 310 ? -11.453 -7.191  -21.078 1.00 27.89 ? 146 GLY A CA  1 
ATOM 1097 C C   . GLY A 1 310 ? -10.399 -6.471  -21.895 1.00 27.89 ? 146 GLY A C   1 
ATOM 1098 O O   . GLY A 1 310 ? -9.527  -7.095  -22.502 1.00 27.89 ? 146 GLY A O   1 
ATOM 1099 N N   . PRO A 1 311 ? -10.467 -5.139  -21.935 1.00 27.71 ? 147 PRO A N   1 
ATOM 1100 C CA  . PRO A 1 311 ? -9.464  -4.379  -22.699 1.00 27.71 ? 147 PRO A CA  1 
ATOM 1101 C C   . PRO A 1 311 ? -8.033  -4.641  -22.271 1.00 27.71 ? 147 PRO A C   1 
ATOM 1102 O O   . PRO A 1 311 ? -7.167  -4.897  -23.116 1.00 27.71 ? 147 PRO A O   1 
ATOM 1103 C CB  . PRO A 1 311 ? -9.876  -2.932  -22.438 1.00 27.71 ? 147 PRO A CB  1 
ATOM 1104 C CG  . PRO A 1 311 ? -11.327 -3.001  -22.208 1.00 27.71 ? 147 PRO A CG  1 
ATOM 1105 C CD  . PRO A 1 311 ? -11.593 -4.296  -21.513 1.00 27.71 ? 147 PRO A CD  1 
ATOM 1106 N N   . PHE A 1 312 ? -7.756  -4.571  -20.979 1.00 29.30 ? 148 PHE A N   1 
ATOM 1107 C CA  . PHE A 1 312 ? -6.423  -4.853  -20.452 1.00 29.30 ? 148 PHE A CA  1 
ATOM 1108 C C   . PHE A 1 312 ? -6.522  -6.006  -19.466 1.00 29.30 ? 148 PHE A C   1 
ATOM 1109 O O   . PHE A 1 312 ? -7.035  -5.815  -18.346 1.00 29.30 ? 148 PHE A O   1 
ATOM 1110 C CB  . PHE A 1 312 ? -5.822  -3.618  -19.780 1.00 29.30 ? 148 PHE A CB  1 
ATOM 1111 C CG  . PHE A 1 312 ? -5.914  -2.359  -20.605 1.00 29.30 ? 148 PHE A CG  1 
ATOM 1112 C CD1 . PHE A 1 312 ? -7.030  -1.542  -20.533 1.00 29.30 ? 148 PHE A CD1 1 
ATOM 1113 C CD2 . PHE A 1 312 ? -4.878  -1.980  -21.436 1.00 29.30 ? 148 PHE A CD2 1 
ATOM 1114 C CE1 . PHE A 1 312 ? -7.118  -0.389  -21.275 1.00 29.30 ? 148 PHE A CE1 1 
ATOM 1115 C CE2 . PHE A 1 312 ? -4.966  -0.822  -22.181 1.00 29.30 ? 148 PHE A CE2 1 
ATOM 1116 C CZ  . PHE A 1 312 ? -6.089  -0.029  -22.097 1.00 29.30 ? 148 PHE A CZ  1 
ATOM 1117 N N   . PRO A 1 313 ? -6.093  -7.213  -19.833 1.00 30.89 ? 149 PRO A N   1 
ATOM 1118 C CA  . PRO A 1 313 ? -6.079  -8.342  -18.890 1.00 30.89 ? 149 PRO A CA  1 
ATOM 1119 C C   . PRO A 1 313 ? -4.742  -8.585  -18.202 1.00 30.89 ? 149 PRO A C   1 
ATOM 1120 O O   . PRO A 1 313 ? -4.658  -9.503  -17.380 1.00 30.89 ? 149 PRO A O   1 
ATOM 1121 C CB  . PRO A 1 313 ? -6.417  -9.516  -19.811 1.00 30.89 ? 149 PRO A CB  1 
ATOM 1122 C CG  . PRO A 1 313 ? -5.775  -9.142  -21.116 1.00 30.89 ? 149 PRO A CG  1 
ATOM 1123 C CD  . PRO A 1 313 ? -5.697  -7.631  -21.185 1.00 30.89 ? 149 PRO A CD  1 
ATOM 1124 N N   . ASN A 1 314 ? -3.720  -7.794  -18.512 1.00 33.16 ? 150 ASN A N   1 
ATOM 1125 C CA  . ASN A 1 314 ? -2.375  -7.992  -17.992 1.00 33.16 ? 150 ASN A CA  1 
ATOM 1126 C C   . ASN A 1 314 ? -1.985  -7.031  -16.872 1.00 33.16 ? 150 ASN A C   1 
ATOM 1127 O O   . ASN A 1 314 ? -0.813  -7.015  -16.483 1.00 33.16 ? 150 ASN A O   1 
ATOM 1128 C CB  . ASN A 1 314 ? -1.371  -7.893  -19.147 1.00 33.16 ? 150 ASN A CB  1 
ATOM 1129 C CG  . ASN A 1 314 ? -1.412  -6.547  -19.843 1.00 33.16 ? 150 ASN A CG  1 
ATOM 1130 O OD1 . ASN A 1 314 ? -2.112  -5.632  -19.418 1.00 33.16 ? 150 ASN A OD1 1 
ATOM 1131 N ND2 . ASN A 1 314 ? -0.660  -6.424  -20.928 1.00 33.16 ? 150 ASN A ND2 1 
ATOM 1132 N N   . VAL A 1 315 ? -2.918  -6.236  -16.347 1.00 33.10 ? 151 VAL A N   1 
ATOM 1133 C CA  . VAL A 1 315 ? -2.657  -5.326  -15.236 1.00 33.10 ? 151 VAL A CA  1 
ATOM 1134 C C   . VAL A 1 315 ? -3.456  -5.781  -14.029 1.00 33.10 ? 151 VAL A C   1 
ATOM 1135 O O   . VAL A 1 315 ? -4.605  -6.217  -14.163 1.00 33.10 ? 151 VAL A O   1 
ATOM 1136 C CB  . VAL A 1 315 ? -3.003  -3.869  -15.574 1.00 33.10 ? 151 VAL A CB  1 
ATOM 1137 C CG1 . VAL A 1 315 ? -2.051  -3.336  -16.603 1.00 33.10 ? 151 VAL A CG1 1 
ATOM 1138 C CG2 . VAL A 1 315 ? -4.426  -3.780  -16.058 1.00 33.10 ? 151 VAL A CG2 1 
ATOM 1139 N N   . LYS A 1 316 ? -2.846  -5.670  -12.855 1.00 30.46 ? 152 LYS A N   1 
ATOM 1140 C CA  . LYS A 1 316 ? -3.447  -6.076  -11.598 1.00 30.46 ? 152 LYS A CA  1 
ATOM 1141 C C   . LYS A 1 316 ? -3.398  -4.908  -10.627 1.00 30.46 ? 152 LYS A C   1 
ATOM 1142 O O   . LYS A 1 316 ? -2.375  -4.229  -10.517 1.00 30.46 ? 152 LYS A O   1 
ATOM 1143 C CB  . LYS A 1 316 ? -2.711  -7.286  -11.035 1.00 30.46 ? 152 LYS A CB  1 
ATOM 1144 C CG  . LYS A 1 316 ? -2.581  -8.416  -12.039 1.00 30.46 ? 152 LYS A CG  1 
ATOM 1145 C CD  . LYS A 1 316 ? -1.626  -9.488  -11.571 1.00 30.46 ? 152 LYS A CD  1 
ATOM 1146 C CE  . LYS A 1 316 ? -0.204  -8.965  -11.512 1.00 30.46 ? 152 LYS A CE  1 
ATOM 1147 N NZ  . LYS A 1 316 ? 0.289   -8.517  -12.835 1.00 30.46 ? 152 LYS A NZ  1 
ATOM 1148 N N   . PHE A 1 317 ? -4.501  -4.676  -9.928  1.00 26.69 ? 153 PHE A N   1 
ATOM 1149 C CA  . PHE A 1 317 ? -4.678  -3.461  -9.151  1.00 26.69 ? 153 PHE A CA  1 
ATOM 1150 C C   . PHE A 1 317 ? -4.596  -3.718  -7.647  1.00 26.69 ? 153 PHE A C   1 
ATOM 1151 O O   . PHE A 1 317 ? -4.783  -4.836  -7.160  1.00 26.69 ? 153 PHE A O   1 
ATOM 1152 C CB  . PHE A 1 317 ? -6.012  -2.797  -9.492  1.00 26.69 ? 153 PHE A CB  1 
ATOM 1153 C CG  . PHE A 1 317 ? -6.055  -2.205  -10.866 1.00 26.69 ? 153 PHE A CG  1 
ATOM 1154 C CD1 . PHE A 1 317 ? -5.082  -1.319  -11.279 1.00 26.69 ? 153 PHE A CD1 1 
ATOM 1155 C CD2 . PHE A 1 317 ? -7.074  -2.520  -11.737 1.00 26.69 ? 153 PHE A CD2 1 
ATOM 1156 C CE1 . PHE A 1 317 ? -5.122  -0.768  -12.539 1.00 26.69 ? 153 PHE A CE1 1 
ATOM 1157 C CE2 . PHE A 1 317 ? -7.117  -1.977  -12.995 1.00 26.69 ? 153 PHE A CE2 1 
ATOM 1158 C CZ  . PHE A 1 317 ? -6.139  -1.099  -13.393 1.00 26.69 ? 153 PHE A CZ  1 
ATOM 1159 N N   . VAL A 1 318 ? -4.322  -2.641  -6.918  1.00 23.87 ? 154 VAL A N   1 
ATOM 1160 C CA  . VAL A 1 318 ? -4.102  -2.618  -5.477  1.00 23.87 ? 154 VAL A CA  1 
ATOM 1161 C C   . VAL A 1 318 ? -5.065  -1.577  -4.917  1.00 23.87 ? 154 VAL A C   1 
ATOM 1162 O O   . VAL A 1 318 ? -4.674  -0.429  -4.675  1.00 23.87 ? 154 VAL A O   1 
ATOM 1163 C CB  . VAL A 1 318 ? -2.635  -2.293  -5.163  1.00 23.87 ? 154 VAL A CB  1 
ATOM 1164 C CG1 . VAL A 1 318 ? -2.398  -2.200  -3.689  1.00 23.87 ? 154 VAL A CG1 1 
ATOM 1165 C CG2 . VAL A 1 318 ? -1.730  -3.333  -5.768  1.00 23.87 ? 154 VAL A CG2 1 
ATOM 1166 N N   . PRO A 1 319 ? -6.316  -1.921  -4.712  1.00 23.28 ? 155 PRO A N   1 
ATOM 1167 C CA  . PRO A 1 319 ? -7.365  -0.904  -4.562  1.00 23.28 ? 155 PRO A CA  1 
ATOM 1168 C C   . PRO A 1 319 ? -7.377  -0.157  -3.244  1.00 23.28 ? 155 PRO A C   1 
ATOM 1169 O O   . PRO A 1 319 ? -8.120  -0.523  -2.332  1.00 23.28 ? 155 PRO A O   1 
ATOM 1170 C CB  . PRO A 1 319 ? -8.651  -1.714  -4.722  1.00 23.28 ? 155 PRO A CB  1 
ATOM 1171 C CG  . PRO A 1 319 ? -8.273  -3.098  -4.446  1.00 23.28 ? 155 PRO A CG  1 
ATOM 1172 C CD  . PRO A 1 319 ? -6.864  -3.272  -4.857  1.00 23.28 ? 155 PRO A CD  1 
ATOM 1173 N N   . THR A 1 320 ? -6.592  0.914   -3.146  1.00 22.95 ? 156 THR A N   1 
ATOM 1174 C CA  . THR A 1 320 ? -6.415  1.630   -1.888  1.00 22.95 ? 156 THR A CA  1 
ATOM 1175 C C   . THR A 1 320 ? -7.497  2.671   -1.630  1.00 22.95 ? 156 THR A C   1 
ATOM 1176 O O   . THR A 1 320 ? -7.256  3.866   -1.814  1.00 22.95 ? 156 THR A O   1 
ATOM 1177 C CB  . THR A 1 320 ? -5.067  2.340   -1.884  1.00 22.95 ? 156 THR A CB  1 
ATOM 1178 O OG1 . THR A 1 320 ? -5.053  3.290   -2.944  1.00 22.95 ? 156 THR A OG1 1 
ATOM 1179 C CG2 . THR A 1 320 ? -3.956  1.359   -2.139  1.00 22.95 ? 156 THR A CG2 1 
ATOM 1180 N N   . GLY A 1 321 ? -8.679  2.248   -1.194  1.00 27.95 ? 157 GLY A N   1 
ATOM 1181 C CA  . GLY A 1 321 ? -9.695  3.203   -0.790  1.00 27.95 ? 157 GLY A CA  1 
ATOM 1182 C C   . GLY A 1 321 ? -11.054 2.575   -0.566  1.00 27.95 ? 157 GLY A C   1 
ATOM 1183 O O   . GLY A 1 321 ? -11.490 1.747   -1.366  1.00 27.95 ? 157 GLY A O   1 
ATOM 1184 N N   . GLY A 1 322 ? -11.740 2.959   0.501   1.00 30.70 ? 158 GLY A N   1 
ATOM 1185 C CA  . GLY A 1 322 ? -13.064 2.429   0.763   1.00 30.70 ? 158 GLY A CA  1 
ATOM 1186 C C   . GLY A 1 322 ? -13.136 0.919   0.882   1.00 30.70 ? 158 GLY A C   1 
ATOM 1187 O O   . GLY A 1 322 ? -14.036 0.297   0.314   1.00 30.70 ? 158 GLY A O   1 
ATOM 1188 N N   . VAL A 1 323 ? -12.193 0.317   1.618   1.00 32.94 ? 159 VAL A N   1 
ATOM 1189 C CA  . VAL A 1 323 ? -12.129 -1.126  1.826   1.00 32.94 ? 159 VAL A CA  1 
ATOM 1190 C C   . VAL A 1 323 ? -12.544 -1.437  3.257   1.00 32.94 ? 159 VAL A C   1 
ATOM 1191 O O   . VAL A 1 323 ? -12.105 -0.778  4.205   1.00 32.94 ? 159 VAL A O   1 
ATOM 1192 C CB  . VAL A 1 323 ? -10.714 -1.667  1.547   1.00 32.94 ? 159 VAL A CB  1 
ATOM 1193 C CG1 . VAL A 1 323 ? -10.646 -3.136  1.856   1.00 32.94 ? 159 VAL A CG1 1 
ATOM 1194 C CG2 . VAL A 1 323 ? -10.295 -1.384  0.138   1.00 32.94 ? 159 VAL A CG2 1 
ATOM 1195 N N   . ASN A 1 324 ? -13.397 -2.446  3.425   1.00 40.38 ? 160 ASN A N   1 
ATOM 1196 C CA  . ASN A 1 324 ? -13.799 -2.868  4.762   1.00 40.38 ? 160 ASN A CA  1 
ATOM 1197 C C   . ASN A 1 324 ? -14.183 -4.341  4.805   1.00 40.38 ? 160 ASN A C   1 
ATOM 1198 O O   . ASN A 1 324 ? -13.934 -5.072  3.846   1.00 40.38 ? 160 ASN A O   1 
ATOM 1199 C CB  . ASN A 1 324 ? -14.950 -1.999  5.260   1.00 40.38 ? 160 ASN A CB  1 
ATOM 1200 C CG  . ASN A 1 324 ? -16.149 -2.056  4.352   1.00 40.38 ? 160 ASN A CG  1 
ATOM 1201 O OD1 . ASN A 1 324 ? -16.168 -2.808  3.381   1.00 40.38 ? 160 ASN A OD1 1 
ATOM 1202 N ND2 . ASN A 1 324 ? -17.167 -1.264  4.664   1.00 40.38 ? 160 ASN A ND2 1 
ATOM 1203 N N   . LEU A 1 325 ? -14.797 -4.786  5.899   1.00 42.39 ? 161 LEU A N   1 
ATOM 1204 C CA  . LEU A 1 325 ? -15.217 -6.176  6.066   1.00 42.39 ? 161 LEU A CA  1 
ATOM 1205 C C   . LEU A 1 325 ? -16.160 -6.677  4.991   1.00 42.39 ? 161 LEU A C   1 
ATOM 1206 O O   . LEU A 1 325 ? -15.967 -7.779  4.476   1.00 42.39 ? 161 LEU A O   1 
ATOM 1207 C CB  . LEU A 1 325 ? -15.904 -6.373  7.425   1.00 42.39 ? 161 LEU A CB  1 
ATOM 1208 C CG  . LEU A 1 325 ? -15.110 -6.521  8.712   1.00 42.39 ? 161 LEU A CG  1 
ATOM 1209 C CD1 . LEU A 1 325 ? -16.039 -7.000  9.796   1.00 42.39 ? 161 LEU A CD1 1 
ATOM 1210 C CD2 . LEU A 1 325 ? -14.077 -7.583  8.481   1.00 42.39 ? 161 LEU A CD2 1 
ATOM 1211 N N   . ASP A 1 326 ? -17.183 -5.903  4.638   1.00 43.32 ? 162 ASP A N   1 
ATOM 1212 C CA  . ASP A 1 326 ? -18.249 -6.441  3.805   1.00 43.32 ? 162 ASP A CA  1 
ATOM 1213 C C   . ASP A 1 326 ? -17.793 -6.682  2.375   1.00 43.32 ? 162 ASP A C   1 
ATOM 1214 O O   . ASP A 1 326 ? -18.342 -7.555  1.694   1.00 43.32 ? 162 ASP A O   1 
ATOM 1215 C CB  . ASP A 1 326 ? -19.444 -5.497  3.834   1.00 43.32 ? 162 ASP A CB  1 
ATOM 1216 C CG  . ASP A 1 326 ? -19.733 -4.987  5.223   1.00 43.32 ? 162 ASP A CG  1 
ATOM 1217 O OD1 . ASP A 1 326 ? -19.688 -5.797  6.170   1.00 43.32 ? 162 ASP A OD1 1 
ATOM 1218 O OD2 . ASP A 1 326 ? -19.998 -3.776  5.369   1.00 43.32 ? 162 ASP A OD2 1 
ATOM 1219 N N   . ASN A 1 327 ? -16.801 -5.934  1.899   1.00 41.32 ? 163 ASN A N   1 
ATOM 1220 C CA  . ASN A 1 327 ? -16.339 -6.042  0.522   1.00 41.32 ? 163 ASN A CA  1 
ATOM 1221 C C   . ASN A 1 327 ? -14.816 -6.139  0.491   1.00 41.32 ? 163 ASN A C   1 
ATOM 1222 O O   . ASN A 1 327 ? -14.132 -5.442  -0.256  1.00 41.32 ? 163 ASN A O   1 
ATOM 1223 C CB  . ASN A 1 327 ? -16.837 -4.867  -0.306  1.00 41.32 ? 163 ASN A CB  1 
ATOM 1224 C CG  . ASN A 1 327 ? -16.339 -3.550  0.211   1.00 41.32 ? 163 ASN A CG  1 
ATOM 1225 O OD1 . ASN A 1 327 ? -15.377 -2.991  -0.312  1.00 41.32 ? 163 ASN A OD1 1 
ATOM 1226 N ND2 . ASN A 1 327 ? -16.986 -3.038  1.245   1.00 41.32 ? 163 ASN A ND2 1 
ATOM 1227 N N   . VAL A 1 328 ? -14.271 -7.026  1.318   1.00 38.98 ? 164 VAL A N   1 
ATOM 1228 C CA  . VAL A 1 328 ? -12.826 -7.182  1.385   1.00 38.98 ? 164 VAL A CA  1 
ATOM 1229 C C   . VAL A 1 328 ? -12.366 -8.196  0.351   1.00 38.98 ? 164 VAL A C   1 
ATOM 1230 O O   . VAL A 1 328 ? -11.336 -7.999  -0.299  1.00 38.98 ? 164 VAL A O   1 
ATOM 1231 C CB  . VAL A 1 328 ? -12.369 -7.571  2.802   1.00 38.98 ? 164 VAL A CB  1 
ATOM 1232 C CG1 . VAL A 1 328 ? -13.033 -8.842  3.243   1.00 38.98 ? 164 VAL A CG1 1 
ATOM 1233 C CG2 . VAL A 1 328 ? -10.862 -7.707  2.849   1.00 38.98 ? 164 VAL A CG2 1 
ATOM 1234 N N   . CYS A 1 329 ? -13.122 -9.280  0.179   1.00 39.68 ? 165 CYS A N   1 
ATOM 1235 C CA  . CYS A 1 329 ? -12.823 -10.270 -0.849  1.00 39.68 ? 165 CYS A CA  1 
ATOM 1236 C C   . CYS A 1 329 ? -13.800 -10.217 -2.015  1.00 39.68 ? 165 CYS A C   1 
ATOM 1237 O O   . CYS A 1 329 ? -13.631 -10.960 -2.990  1.00 39.68 ? 165 CYS A O   1 
ATOM 1238 C CB  . CYS A 1 329 ? -12.774 -11.679 -0.246  1.00 39.68 ? 165 CYS A CB  1 
ATOM 1239 S SG  . CYS A 1 329 ? -14.309 -12.329 0.432   1.00 39.68 ? 165 CYS A SG  1 
ATOM 1240 N N   . GLU A 1 330 ? -14.787 -9.325  -1.959  1.00 37.49 ? 166 GLU A N   1 
ATOM 1241 C CA  . GLU A 1 330 ? -15.559 -8.980  -3.141  1.00 37.49 ? 166 GLU A CA  1 
ATOM 1242 C C   . GLU A 1 330 ? -14.712 -8.287  -4.191  1.00 37.49 ? 166 GLU A C   1 
ATOM 1243 O O   . GLU A 1 330 ? -15.167 -8.136  -5.325  1.00 37.49 ? 166 GLU A O   1 
ATOM 1244 C CB  . GLU A 1 330 ? -16.736 -8.081  -2.768  1.00 37.49 ? 166 GLU A CB  1 
ATOM 1245 C CG  . GLU A 1 330 ? -17.952 -8.823  -2.261  1.00 37.49 ? 166 GLU A CG  1 
ATOM 1246 C CD  . GLU A 1 330 ? -17.618 -9.829  -1.176  1.00 37.49 ? 166 GLU A CD  1 
ATOM 1247 O OE1 . GLU A 1 330 ? -16.820 -9.500  -0.272  1.00 37.49 ? 166 GLU A OE1 1 
ATOM 1248 O OE2 . GLU A 1 330 ? -18.156 -10.954 -1.225  1.00 37.49 ? 166 GLU A OE2 1 
ATOM 1249 N N   . TRP A 1 331 ? -13.506 -7.843  -3.841  1.00 34.50 ? 167 TRP A N   1 
ATOM 1250 C CA  . TRP A 1 331 ? -12.589 -7.308  -4.831  1.00 34.50 ? 167 TRP A CA  1 
ATOM 1251 C C   . TRP A 1 331 ? -11.536 -8.332  -5.211  1.00 34.50 ? 167 TRP A C   1 
ATOM 1252 O O   . TRP A 1 331 ? -10.881 -8.193  -6.246  1.00 34.50 ? 167 TRP A O   1 
ATOM 1253 C CB  . TRP A 1 331 ? -11.911 -6.039  -4.332  1.00 34.50 ? 167 TRP A CB  1 
ATOM 1254 C CG  . TRP A 1 331 ? -12.871 -4.940  -4.185  1.00 34.50 ? 167 TRP A CG  1 
ATOM 1255 C CD1 . TRP A 1 331 ? -14.173 -4.957  -4.555  1.00 34.50 ? 167 TRP A CD1 1 
ATOM 1256 C CD2 . TRP A 1 331 ? -12.591 -3.605  -3.771  1.00 34.50 ? 167 TRP A CD2 1 
ATOM 1257 N NE1 . TRP A 1 331 ? -14.750 -3.745  -4.299  1.00 34.50 ? 167 TRP A NE1 1 
ATOM 1258 C CE2 . TRP A 1 331 ? -13.791 -2.891  -3.835  1.00 34.50 ? 167 TRP A CE2 1 
ATOM 1259 C CE3 . TRP A 1 331 ? -11.451 -2.957  -3.321  1.00 34.50 ? 167 TRP A CE3 1 
ATOM 1260 C CZ2 . TRP A 1 331 ? -13.883 -1.563  -3.468  1.00 34.50 ? 167 TRP A CZ2 1 
ATOM 1261 C CZ3 . TRP A 1 331 ? -11.543 -1.645  -2.966  1.00 34.50 ? 167 TRP A CZ3 1 
ATOM 1262 C CH2 . TRP A 1 331 ? -12.748 -0.957  -3.036  1.00 34.50 ? 167 TRP A CH2 1 
ATOM 1263 N N   . PHE A 1 332 ? -11.349 -9.350  -4.382  1.00 34.50 ? 168 PHE A N   1 
ATOM 1264 C CA  . PHE A 1 332 ? -10.505 -10.483 -4.713  1.00 34.50 ? 168 PHE A CA  1 
ATOM 1265 C C   . PHE A 1 332 ? -11.164 -11.363 -5.758  1.00 34.50 ? 168 PHE A C   1 
ATOM 1266 O O   . PHE A 1 332 ? -10.506 -11.848 -6.680  1.00 34.50 ? 168 PHE A O   1 
ATOM 1267 C CB  . PHE A 1 332 ? -10.211 -11.291 -3.445  1.00 34.50 ? 168 PHE A CB  1 
ATOM 1268 C CG  . PHE A 1 332 ? -9.102  -10.723 -2.624  1.00 34.50 ? 168 PHE A CG  1 
ATOM 1269 C CD1 . PHE A 1 332 ? -7.840  -10.576 -3.153  1.00 34.50 ? 168 PHE A CD1 1 
ATOM 1270 C CD2 . PHE A 1 332 ? -9.333  -10.300 -1.339  1.00 34.50 ? 168 PHE A CD2 1 
ATOM 1271 C CE1 . PHE A 1 332 ? -6.830  -10.040 -2.411  1.00 34.50 ? 168 PHE A CE1 1 
ATOM 1272 C CE2 . PHE A 1 332 ? -8.327  -9.762  -0.600  1.00 34.50 ? 168 PHE A CE2 1 
ATOM 1273 C CZ  . PHE A 1 332 ? -7.072  -9.633  -1.135  1.00 34.50 ? 168 PHE A CZ  1 
ATOM 1274 N N   . LYS A 1 333 ? -12.475 -11.556 -5.623  1.00 34.19 ? 169 LYS A N   1 
ATOM 1275 C CA  . LYS A 1 333 ? -13.268 -12.187 -6.670  1.00 34.19 ? 169 LYS A CA  1 
ATOM 1276 C C   . LYS A 1 333 ? -13.087 -11.497 -8.016  1.00 34.19 ? 169 LYS A C   1 
ATOM 1277 O O   . LYS A 1 333 ? -13.101 -12.160 -9.057  1.00 34.19 ? 169 LYS A O   1 
ATOM 1278 C CB  . LYS A 1 333 ? -14.736 -12.190 -6.245  1.00 34.19 ? 169 LYS A CB  1 
ATOM 1279 C CG  . LYS A 1 333 ? -15.730 -12.655 -7.280  1.00 34.19 ? 169 LYS A CG  1 
ATOM 1280 C CD  . LYS A 1 333 ? -16.318 -11.446 -7.986  1.00 34.19 ? 169 LYS A CD  1 
ATOM 1281 C CE  . LYS A 1 333 ? -17.165 -10.626 -7.029  1.00 34.19 ? 169 LYS A CE  1 
ATOM 1282 N NZ  . LYS A 1 333 ? -17.729 -9.406  -7.668  1.00 34.19 ? 169 LYS A NZ  1 
ATOM 1283 N N   . ALA A 1 334 ? -12.922 -10.175 -8.023  1.00 32.38 ? 170 ALA A N   1 
ATOM 1284 C CA  . ALA A 1 334 ? -12.755 -9.448  -9.276  1.00 32.38 ? 170 ALA A CA  1 
ATOM 1285 C C   . ALA A 1 334 ? -11.304 -9.402  -9.733  1.00 32.38 ? 170 ALA A C   1 
ATOM 1286 O O   . ALA A 1 334 ? -11.021 -8.869  -10.808 1.00 32.38 ? 170 ALA A O   1 
ATOM 1287 C CB  . ALA A 1 334 ? -13.299 -8.027  -9.141  1.00 32.38 ? 170 ALA A CB  1 
ATOM 1288 N N   . GLY A 1 335 ? -10.375 -9.932  -8.943  1.00 29.36 ? 171 GLY A N   1 
ATOM 1289 C CA  . GLY A 1 335 ? -8.997  -10.026 -9.385  1.00 29.36 ? 171 GLY A CA  1 
ATOM 1290 C C   . GLY A 1 335 ? -8.076  -8.878  -9.018  1.00 29.36 ? 171 GLY A C   1 
ATOM 1291 O O   . GLY A 1 335 ? -7.459  -8.274  -9.901  1.00 29.36 ? 171 GLY A O   1 
ATOM 1292 N N   . VAL A 1 336 ? -7.974  -8.558  -7.728  1.00 28.32 ? 172 VAL A N   1 
ATOM 1293 C CA  . VAL A 1 336 ? -7.005  -7.589  -7.235  1.00 28.32 ? 172 VAL A CA  1 
ATOM 1294 C C   . VAL A 1 336 ? -5.896  -8.350  -6.524  1.00 28.32 ? 172 VAL A C   1 
ATOM 1295 O O   . VAL A 1 336 ? -6.062  -9.505  -6.127  1.00 28.32 ? 172 VAL A O   1 
ATOM 1296 C CB  . VAL A 1 336 ? -7.642  -6.554  -6.292  1.00 28.32 ? 172 VAL A CB  1 
ATOM 1297 C CG1 . VAL A 1 336 ? -8.709  -5.783  -7.012  1.00 28.32 ? 172 VAL A CG1 1 
ATOM 1298 C CG2 . VAL A 1 336 ? -8.223  -7.229  -5.088  1.00 28.32 ? 172 VAL A CG2 1 
ATOM 1299 N N   . LEU A 1 337 ? -4.749  -7.695  -6.362  1.00 28.53 ? 173 LEU A N   1 
ATOM 1300 C CA  . LEU A 1 337 ? -3.660  -8.351  -5.649  1.00 28.53 ? 173 LEU A CA  1 
ATOM 1301 C C   . LEU A 1 337 ? -3.823  -8.259  -4.138  1.00 28.53 ? 173 LEU A C   1 
ATOM 1302 O O   . LEU A 1 337 ? -4.065  -9.270  -3.474  1.00 28.53 ? 173 LEU A O   1 
ATOM 1303 C CB  . LEU A 1 337 ? -2.308  -7.748  -6.024  1.00 28.53 ? 173 LEU A CB  1 
ATOM 1304 C CG  . LEU A 1 337 ? -1.709  -7.937  -7.404  1.00 28.53 ? 173 LEU A CG  1 
ATOM 1305 C CD1 . LEU A 1 337 ? -0.390  -7.197  -7.472  1.00 28.53 ? 173 LEU A CD1 1 
ATOM 1306 C CD2 . LEU A 1 337 ? -1.514  -9.401  -7.669  1.00 28.53 ? 173 LEU A CD2 1 
ATOM 1307 N N   . ALA A 1 338 ? -3.730  -7.051  -3.593  1.00 25.64 ? 174 ALA A N   1 
ATOM 1308 C CA  . ALA A 1 338 ? -3.527  -6.833  -2.164  1.00 25.64 ? 174 ALA A CA  1 
ATOM 1309 C C   . ALA A 1 338 ? -4.205  -5.533  -1.764  1.00 25.64 ? 174 ALA A C   1 
ATOM 1310 O O   . ALA A 1 338 ? -3.650  -4.452  -1.961  1.00 25.64 ? 174 ALA A O   1 
ATOM 1311 C CB  . ALA A 1 338 ? -2.038  -6.792  -1.845  1.00 25.64 ? 174 ALA A CB  1 
ATOM 1312 N N   . VAL A 1 339 ? -5.379  -5.637  -1.158  1.00 25.35 ? 175 VAL A N   1 
ATOM 1313 C CA  . VAL A 1 339 ? -6.199  -4.463  -0.903  1.00 25.35 ? 175 VAL A CA  1 
ATOM 1314 C C   . VAL A 1 339 ? -5.592  -3.611  0.205   1.00 25.35 ? 175 VAL A C   1 
ATOM 1315 O O   . VAL A 1 339 ? -5.779  -3.887  1.389   1.00 25.35 ? 175 VAL A O   1 
ATOM 1316 C CB  . VAL A 1 339 ? -7.643  -4.885  -0.575  1.00 25.35 ? 175 VAL A CB  1 
ATOM 1317 C CG1 . VAL A 1 339 ? -8.264  -5.530  -1.780  1.00 25.35 ? 175 VAL A CG1 1 
ATOM 1318 C CG2 . VAL A 1 339 ? -7.686  -5.886  0.548   1.00 25.35 ? 175 VAL A CG2 1 
ATOM 1319 N N   . GLY A 1 340 ? -4.864  -2.564  -0.166  1.00 22.72 ? 176 GLY A N   1 
ATOM 1320 C CA  . GLY A 1 340 ? -4.285  -1.682  0.829   1.00 22.72 ? 176 GLY A CA  1 
ATOM 1321 C C   . GLY A 1 340 ? -5.336  -1.049  1.715   1.00 22.72 ? 176 GLY A C   1 
ATOM 1322 O O   . GLY A 1 340 ? -6.236  -0.381  1.207   1.00 22.72 ? 176 GLY A O   1 
ATOM 1323 N N   . VAL A 1 341 ? -5.246  -1.241  3.034   1.00 23.91 ? 177 VAL A N   1 
ATOM 1324 C CA  . VAL A 1 341 ? -6.274  -0.787  3.958   1.00 23.91 ? 177 VAL A CA  1 
ATOM 1325 C C   . VAL A 1 341 ? -5.665  0.253   4.900   1.00 23.91 ? 177 VAL A C   1 
ATOM 1326 O O   . VAL A 1 341 ? -4.465  0.265   5.161   1.00 23.91 ? 177 VAL A O   1 
ATOM 1327 C CB  . VAL A 1 341 ? -6.902  -1.943  4.761   1.00 23.91 ? 177 VAL A CB  1 
ATOM 1328 C CG1 . VAL A 1 341 ? -8.029  -1.437  5.612   1.00 23.91 ? 177 VAL A CG1 1 
ATOM 1329 C CG2 . VAL A 1 341 ? -7.394  -3.024  3.860   1.00 23.91 ? 177 VAL A CG2 1 
ATOM 1330 N N   . GLY A 1 342 ? -6.521  1.136   5.399   1.00 25.59 ? 178 GLY A N   1 
ATOM 1331 C CA  . GLY A 1 342 ? -6.139  2.240   6.254   1.00 25.59 ? 178 GLY A CA  1 
ATOM 1332 C C   . GLY A 1 342 ? -7.066  2.343   7.443   1.00 25.59 ? 178 GLY A C   1 
ATOM 1333 O O   . GLY A 1 342 ? -7.171  1.406   8.232   1.00 25.59 ? 178 GLY A O   1 
ATOM 1334 N N   . SER A 1 343 ? -7.747  3.471   7.545   1.00 26.64 ? 179 SER A N   1 
ATOM 1335 C CA  . SER A 1 343 ? -8.667  3.770   8.628   1.00 26.64 ? 179 SER A CA  1 
ATOM 1336 C C   . SER A 1 343 ? -9.636  2.691   9.091   1.00 26.64 ? 179 SER A C   1 
ATOM 1337 O O   . SER A 1 343 ? -10.376 2.916   10.030  1.00 26.64 ? 179 SER A O   1 
ATOM 1338 C CB  . SER A 1 343 ? -9.443  5.034   8.306   1.00 26.64 ? 179 SER A CB  1 
ATOM 1339 O OG  . SER A 1 343 ? -10.749 4.732   7.855   1.00 26.64 ? 179 SER A OG  1 
ATOM 1340 N N   . ALA A 1 344 ? -9.711  1.560   8.416   1.00 29.31 ? 180 ALA A N   1 
ATOM 1341 C CA  . ALA A 1 344 ? -10.570 0.494   8.903   1.00 29.31 ? 180 ALA A CA  1 
ATOM 1342 C C   . ALA A 1 344 ? -9.795  -0.218  9.993   1.00 29.31 ? 180 ALA A C   1 
ATOM 1343 O O   . ALA A 1 344 ? -10.369 -0.702  10.950  1.00 29.31 ? 180 ALA A O   1 
ATOM 1344 C CB  . ALA A 1 344 ? -10.932 -0.471  7.801   1.00 29.31 ? 180 ALA A CB  1 
ATOM 1345 N N   . LEU A 1 345 ? -8.479  -0.286  9.825   1.00 28.42 ? 181 LEU A N   1 
ATOM 1346 C CA  . LEU A 1 345 ? -7.578  -0.893  10.777  1.00 28.42 ? 181 LEU A CA  1 
ATOM 1347 C C   . LEU A 1 345 ? -7.227  0.172   11.796  1.00 28.42 ? 181 LEU A C   1 
ATOM 1348 O O   . LEU A 1 345 ? -7.943  0.385   12.760  1.00 28.42 ? 181 LEU A O   1 
ATOM 1349 C CB  . LEU A 1 345 ? -6.298  -1.312  10.069  1.00 28.42 ? 181 LEU A CB  1 
ATOM 1350 C CG  . LEU A 1 345 ? -6.001  -2.757  9.788   1.00 28.42 ? 181 LEU A CG  1 
ATOM 1351 C CD1 . LEU A 1 345 ? -7.259  -3.413  9.282   1.00 28.42 ? 181 LEU A CD1 1 
ATOM 1352 C CD2 . LEU A 1 345 ? -4.903  -2.803  8.753   1.00 28.42 ? 181 LEU A CD2 1 
ATOM 1353 N N   . VAL A 1 346 ? -6.126  0.861   11.525  1.00 27.64 ? 182 VAL A N   1 
ATOM 1354 C CA  . VAL A 1 346 ? -5.545  1.901   12.342  1.00 27.64 ? 182 VAL A CA  1 
ATOM 1355 C C   . VAL A 1 346 ? -6.442  2.979   12.960  1.00 27.64 ? 182 VAL A C   1 
ATOM 1356 O O   . VAL A 1 346 ? -6.286  4.139   12.658  1.00 27.64 ? 182 VAL A O   1 
ATOM 1357 C CB  . VAL A 1 346 ? -4.474  2.577   11.503  1.00 27.64 ? 182 VAL A CB  1 
ATOM 1358 C CG1 . VAL A 1 346 ? -3.645  3.505   12.347  1.00 27.64 ? 182 VAL A CG1 1 
ATOM 1359 C CG2 . VAL A 1 346 ? -3.620  1.528   10.831  1.00 27.64 ? 182 VAL A CG2 1 
ATOM 1360 N N   . LYS A 1 347 ? -7.326  2.608   13.875  1.00 32.17 ? 183 LYS A N   1 
ATOM 1361 C CA  . LYS A 1 347 ? -8.240  3.528   14.538  1.00 32.17 ? 183 LYS A CA  1 
ATOM 1362 C C   . LYS A 1 347 ? -8.536  2.983   15.926  1.00 32.17 ? 183 LYS A C   1 
ATOM 1363 O O   . LYS A 1 347 ? -9.334  2.052   16.070  1.00 32.17 ? 183 LYS A O   1 
ATOM 1364 C CB  . LYS A 1 347 ? -9.522  3.701   13.728  1.00 32.17 ? 183 LYS A CB  1 
ATOM 1365 C CG  . LYS A 1 347 ? -10.172 5.051   13.893  1.00 32.17 ? 183 LYS A CG  1 
ATOM 1366 C CD  . LYS A 1 347 ? -9.253  6.142   13.380  1.00 32.17 ? 183 LYS A CD  1 
ATOM 1367 C CE  . LYS A 1 347 ? -8.967  5.971   11.901  1.00 32.17 ? 183 LYS A CE  1 
ATOM 1368 N NZ  . LYS A 1 347 ? -7.808  6.797   11.462  1.00 32.17 ? 183 LYS A NZ  1 
ATOM 1369 N N   . GLY A 1 348 ? -7.898  3.556   16.944  1.00 37.00 ? 184 GLY A N   1 
ATOM 1370 C CA  . GLY A 1 348 ? -8.136  3.137   18.310  1.00 37.00 ? 184 GLY A CA  1 
ATOM 1371 C C   . GLY A 1 348 ? -6.872  2.763   19.054  1.00 37.00 ? 184 GLY A C   1 
ATOM 1372 O O   . GLY A 1 348 ? -5.764  2.935   18.538  1.00 37.00 ? 184 GLY A O   1 
ATOM 1373 N N   . THR A 1 349 ? -7.027  2.249   20.266  1.00 39.48 ? 185 THR A N   1 
ATOM 1374 C CA  . THR A 1 349 ? -5.905  1.807   21.077  1.00 39.48 ? 185 THR A CA  1 
ATOM 1375 C C   . THR A 1 349 ? -5.225  0.601   20.430  1.00 39.48 ? 185 THR A C   1 
ATOM 1376 O O   . THR A 1 349 ? -5.875  -0.185  19.737  1.00 39.48 ? 185 THR A O   1 
ATOM 1377 C CB  . THR A 1 349 ? -6.386  1.458   22.482  1.00 39.48 ? 185 THR A CB  1 
ATOM 1378 O OG1 . THR A 1 349 ? -5.277  1.068   23.300  1.00 39.48 ? 185 THR A OG1 1 
ATOM 1379 C CG2 . THR A 1 349 ? -7.412  0.347   22.443  1.00 39.48 ? 185 THR A CG2 1 
ATOM 1380 N N   . PRO A 1 350 ? -3.907  0.444   20.623  1.00 36.85 ? 186 PRO A N   1 
ATOM 1381 C CA  . PRO A 1 350 ? -3.190  -0.631  19.930  1.00 36.85 ? 186 PRO A CA  1 
ATOM 1382 C C   . PRO A 1 350 ? -3.767  -2.005  20.202  1.00 36.85 ? 186 PRO A C   1 
ATOM 1383 O O   . PRO A 1 350 ? -3.704  -2.878  19.339  1.00 36.85 ? 186 PRO A O   1 
ATOM 1384 C CB  . PRO A 1 350 ? -1.767  -0.496  20.473  1.00 36.85 ? 186 PRO A CB  1 
ATOM 1385 C CG  . PRO A 1 350 ? -1.633  0.937   20.723  1.00 36.85 ? 186 PRO A CG  1 
ATOM 1386 C CD  . PRO A 1 350 ? -2.967  1.368   21.273  1.00 36.85 ? 186 PRO A CD  1 
ATOM 1387 N N   . VAL A 1 351 ? -4.365  -2.201  21.369  1.00 40.12 ? 187 VAL A N   1 
ATOM 1388 C CA  . VAL A 1 351 ? -4.987  -3.470  21.716  1.00 40.12 ? 187 VAL A CA  1 
ATOM 1389 C C   . VAL A 1 351 ? -6.242  -3.722  20.876  1.00 40.12 ? 187 VAL A C   1 
ATOM 1390 O O   . VAL A 1 351 ? -6.751  -4.839  20.838  1.00 40.12 ? 187 VAL A O   1 
ATOM 1391 C CB  . VAL A 1 351 ? -5.292  -3.539  23.220  1.00 40.12 ? 187 VAL A CB  1 
ATOM 1392 C CG1 . VAL A 1 351 ? -5.892  -4.870  23.602  1.00 40.12 ? 187 VAL A CG1 1 
ATOM 1393 C CG2 . VAL A 1 351 ? -4.035  -3.277  24.019  1.00 40.12 ? 187 VAL A CG2 1 
ATOM 1394 N N   . GLU A 1 352 ? -6.732  -2.703  20.170  1.00 40.58 ? 188 GLU A N   1 
ATOM 1395 C CA  . GLU A 1 352 ? -7.865  -2.891  19.274  1.00 40.58 ? 188 GLU A CA  1 
ATOM 1396 C C   . GLU A 1 352 ? -7.393  -2.872  17.831  1.00 40.58 ? 188 GLU A C   1 
ATOM 1397 O O   . GLU A 1 352 ? -7.920  -3.606  16.993  1.00 40.58 ? 188 GLU A O   1 
ATOM 1398 C CB  . GLU A 1 352 ? -8.922  -1.817  19.503  1.00 40.58 ? 188 GLU A CB  1 
ATOM 1399 C CG  . GLU A 1 352 ? -9.625  -1.936  20.835  1.00 40.58 ? 188 GLU A CG  1 
ATOM 1400 C CD  . GLU A 1 352 ? -10.457 -0.718  21.166  1.00 40.58 ? 188 GLU A CD  1 
ATOM 1401 O OE1 . GLU A 1 352 ? -10.379 0.278   20.417  1.00 40.58 ? 188 GLU A OE1 1 
ATOM 1402 O OE2 . GLU A 1 352 ? -11.184 -0.751  22.178  1.00 40.58 ? 188 GLU A OE2 1 
ATOM 1403 N N   . VAL A 1 353 ? -6.391  -2.044  17.538  1.00 37.75 ? 189 VAL A N   1 
ATOM 1404 C CA  . VAL A 1 353 ? -5.784  -2.058  16.209  1.00 37.75 ? 189 VAL A CA  1 
ATOM 1405 C C   . VAL A 1 353 ? -5.250  -3.447  15.896  1.00 37.75 ? 189 VAL A C   1 
ATOM 1406 O O   . VAL A 1 353 ? -5.430  -3.963  14.788  1.00 37.75 ? 189 VAL A O   1 
ATOM 1407 C CB  . VAL A 1 353 ? -4.672  -1.000  16.111  1.00 37.75 ? 189 VAL A CB  1 
ATOM 1408 C CG1 . VAL A 1 353 ? -3.823  -1.241  14.899  1.00 37.75 ? 189 VAL A CG1 1 
ATOM 1409 C CG2 . VAL A 1 353 ? -5.256  0.383   16.076  1.00 37.75 ? 189 VAL A CG2 1 
ATOM 1410 N N   . ALA A 1 354 ? -4.601  -4.079  16.875  1.00 35.46 ? 190 ALA A N   1 
ATOM 1411 C CA  . ALA A 1 354 ? -3.959  -5.376  16.721  1.00 35.46 ? 190 ALA A CA  1 
ATOM 1412 C C   . ALA A 1 354 ? -4.935  -6.534  16.742  1.00 35.46 ? 190 ALA A C   1 
ATOM 1413 O O   . ALA A 1 354 ? -4.603  -7.614  16.255  1.00 35.46 ? 190 ALA A O   1 
ATOM 1414 C CB  . ALA A 1 354 ? -2.928  -5.576  17.822  1.00 35.46 ? 190 ALA A CB  1 
ATOM 1415 N N   . GLU A 1 355 ? -6.118  -6.349  17.308  1.00 40.67 ? 191 GLU A N   1 
ATOM 1416 C CA  . GLU A 1 355 ? -7.132  -7.384  17.281  1.00 40.67 ? 191 GLU A CA  1 
ATOM 1417 C C   . GLU A 1 355 ? -8.064  -7.262  16.093  1.00 40.67 ? 191 GLU A C   1 
ATOM 1418 O O   . GLU A 1 355 ? -8.663  -8.266  15.700  1.00 40.67 ? 191 GLU A O   1 
ATOM 1419 C CB  . GLU A 1 355 ? -7.961  -7.353  18.573  1.00 40.67 ? 191 GLU A CB  1 
ATOM 1420 C CG  . GLU A 1 355 ? -8.923  -8.513  18.741  1.00 40.67 ? 191 GLU A CG  1 
ATOM 1421 C CD  . GLU A 1 355 ? -10.305 -8.203  18.220  1.00 40.67 ? 191 GLU A CD  1 
ATOM 1422 O OE1 . GLU A 1 355 ? -10.936 -7.259  18.739  1.00 40.67 ? 191 GLU A OE1 1 
ATOM 1423 O OE2 . GLU A 1 355 ? -10.760 -8.900  17.290  1.00 40.67 ? 191 GLU A OE2 1 
ATOM 1424 N N   . LYS A 1 356 ? -8.185  -6.077  15.501  1.00 37.15 ? 192 LYS A N   1 
ATOM 1425 C CA  . LYS A 1 356 ? -9.012  -5.861  14.326  1.00 37.15 ? 192 LYS A CA  1 
ATOM 1426 C C   . LYS A 1 356 ? -8.277  -6.153  13.026  1.00 37.15 ? 192 LYS A C   1 
ATOM 1427 O O   . LYS A 1 356 ? -8.929  -6.411  12.013  1.00 37.15 ? 192 LYS A O   1 
ATOM 1428 C CB  . LYS A 1 356 ? -9.529  -4.421  14.338  1.00 37.15 ? 192 LYS A CB  1 
ATOM 1429 C CG  . LYS A 1 356 ? -10.561 -4.072  13.302  1.00 37.15 ? 192 LYS A CG  1 
ATOM 1430 C CD  . LYS A 1 356 ? -11.317 -2.832  13.755  1.00 37.15 ? 192 LYS A CD  1 
ATOM 1431 C CE  . LYS A 1 356 ? -10.383 -1.650  13.949  1.00 37.15 ? 192 LYS A CE  1 
ATOM 1432 N NZ  . LYS A 1 356 ? -11.100 -0.450  14.453  1.00 37.15 ? 192 LYS A NZ  1 
ATOM 1433 N N   . ALA A 1 357 ? -6.944  -6.137  13.030  1.00 36.77 ? 193 ALA A N   1 
ATOM 1434 C CA  . ALA A 1 357 ? -6.188  -6.648  11.897  1.00 36.77 ? 193 ALA A CA  1 
ATOM 1435 C C   . ALA A 1 357 ? -6.348  -8.148  11.742  1.00 36.77 ? 193 ALA A C   1 
ATOM 1436 O O   . ALA A 1 357 ? -6.308  -8.655  10.615  1.00 36.77 ? 193 ALA A O   1 
ATOM 1437 C CB  . ALA A 1 357 ? -4.708  -6.309  12.045  1.00 36.77 ? 193 ALA A CB  1 
ATOM 1438 N N   . LYS A 1 358 ? -6.535  -8.861  12.840  1.00 40.69 ? 194 LYS A N   1 
ATOM 1439 C CA  . LYS A 1 358 ? -6.697  -10.304 12.829  1.00 40.69 ? 194 LYS A CA  1 
ATOM 1440 C C   . LYS A 1 358 ? -8.079  -10.722 12.344  1.00 40.69 ? 194 LYS A C   1 
ATOM 1441 O O   . LYS A 1 358 ? -8.312  -11.909 12.109  1.00 40.69 ? 194 LYS A O   1 
ATOM 1442 C CB  . LYS A 1 358 ? -6.405  -10.855 14.231  1.00 40.69 ? 194 LYS A CB  1 
ATOM 1443 C CG  . LYS A 1 358 ? -6.562  -12.344 14.425  1.00 40.69 ? 194 LYS A CG  1 
ATOM 1444 C CD  . LYS A 1 358 ? -7.222  -12.639 15.753  1.00 40.69 ? 194 LYS A CD  1 
ATOM 1445 C CE  . LYS A 1 358 ? -7.117  -14.109 16.103  1.00 40.69 ? 194 LYS A CE  1 
ATOM 1446 N NZ  . LYS A 1 358 ? -7.595  -14.369 17.483  1.00 40.69 ? 194 LYS A NZ  1 
ATOM 1447 N N   . ALA A 1 359 ? -8.993  -9.776  12.160  1.00 42.00 ? 195 ALA A N   1 
ATOM 1448 C CA  . ALA A 1 359 ? -10.259 -10.071 11.512  1.00 42.00 ? 195 ALA A CA  1 
ATOM 1449 C C   . ALA A 1 359 ? -10.215 -9.858  10.006  1.00 42.00 ? 195 ALA A C   1 
ATOM 1450 O O   . ALA A 1 359 ? -10.962 -10.524 9.284   1.00 42.00 ? 195 ALA A O   1 
ATOM 1451 C CB  . ALA A 1 359 ? -11.380 -9.223  12.116  1.00 42.00 ? 195 ALA A CB  1 
ATOM 1452 N N   . PHE A 1 360 ? -9.373  -8.949  9.514   1.00 44.00 ? 196 PHE A N   1 
ATOM 1453 C CA  . PHE A 1 360 ? -9.131  -8.870  8.079   1.00 44.00 ? 196 PHE A CA  1 
ATOM 1454 C C   . PHE A 1 360 ? -8.231  -9.989  7.588   1.00 44.00 ? 196 PHE A C   1 
ATOM 1455 O O   . PHE A 1 360 ? -8.441  -10.503 6.490   1.00 44.00 ? 196 PHE A O   1 
ATOM 1456 C CB  . PHE A 1 360 ? -8.502  -7.540  7.670   1.00 44.00 ? 196 PHE A CB  1 
ATOM 1457 C CG  . PHE A 1 360 ? -9.439  -6.389  7.710   1.00 44.00 ? 196 PHE A CG  1 
ATOM 1458 C CD1 . PHE A 1 360 ? -10.784 -6.573  7.918   1.00 44.00 ? 196 PHE A CD1 1 
ATOM 1459 C CD2 . PHE A 1 360 ? -8.978  -5.118  7.478   1.00 44.00 ? 196 PHE A CD2 1 
ATOM 1460 C CE1 . PHE A 1 360 ? -11.637 -5.497  7.939   1.00 44.00 ? 196 PHE A CE1 1 
ATOM 1461 C CE2 . PHE A 1 360 ? -9.829  -4.045  7.496   1.00 44.00 ? 196 PHE A CE2 1 
ATOM 1462 C CZ  . PHE A 1 360 ? -11.159 -4.235  7.726   1.00 44.00 ? 196 PHE A CZ  1 
ATOM 1463 N N   . VAL A 1 361 ? -7.200  -10.352 8.353   1.00 43.41 ? 197 VAL A N   1 
ATOM 1464 C CA  . VAL A 1 361 ? -6.297  -11.360 7.823   1.00 43.41 ? 197 VAL A CA  1 
ATOM 1465 C C   . VAL A 1 361 ? -6.980  -12.721 7.741   1.00 43.41 ? 197 VAL A C   1 
ATOM 1466 O O   . VAL A 1 361 ? -6.806  -13.434 6.747   1.00 43.41 ? 197 VAL A O   1 
ATOM 1467 C CB  . VAL A 1 361 ? -4.991  -11.416 8.630   1.00 43.41 ? 197 VAL A CB  1 
ATOM 1468 C CG1 . VAL A 1 361 ? -5.221  -11.991 10.000  1.00 43.41 ? 197 VAL A CG1 1 
ATOM 1469 C CG2 . VAL A 1 361 ? -3.955  -12.203 7.876   1.00 43.41 ? 197 VAL A CG2 1 
ATOM 1470 N N   . GLU A 1 362 ? -7.807  -13.078 8.716   1.00 45.95 ? 198 GLU A N   1 
ATOM 1471 C CA  . GLU A 1 362 ? -8.569  -14.316 8.640   1.00 45.95 ? 198 GLU A CA  1 
ATOM 1472 C C   . GLU A 1 362 ? -9.619  -14.302 7.541   1.00 45.95 ? 198 GLU A C   1 
ATOM 1473 O O   . GLU A 1 362 ? -9.880  -15.351 6.948   1.00 45.95 ? 198 GLU A O   1 
ATOM 1474 C CB  . GLU A 1 362 ? -9.256  -14.607 9.972   1.00 45.95 ? 198 GLU A CB  1 
ATOM 1475 C CG  . GLU A 1 362 ? -8.377  -15.289 10.995  1.00 45.95 ? 198 GLU A CG  1 
ATOM 1476 C CD  . GLU A 1 362 ? -9.162  -15.768 12.197  1.00 45.95 ? 198 GLU A CD  1 
ATOM 1477 O OE1 . GLU A 1 362 ? -10.274 -15.248 12.427  1.00 45.95 ? 198 GLU A OE1 1 
ATOM 1478 O OE2 . GLU A 1 362 ? -8.673  -16.666 12.910  1.00 45.95 ? 198 GLU A OE2 1 
ATOM 1479 N N   . LYS A 1 363 ? -10.227 -13.152 7.257   1.00 45.37 ? 199 LYS A N   1 
ATOM 1480 C CA  . LYS A 1 363 ? -11.216 -13.060 6.194   1.00 45.37 ? 199 LYS A CA  1 
ATOM 1481 C C   . LYS A 1 363 ? -10.603 -13.081 4.804   1.00 45.37 ? 199 LYS A C   1 
ATOM 1482 O O   . LYS A 1 363 ? -11.154 -13.728 3.910   1.00 45.37 ? 199 LYS A O   1 
ATOM 1483 C CB  . LYS A 1 363 ? -12.049 -11.786 6.350   1.00 45.37 ? 199 LYS A CB  1 
ATOM 1484 C CG  . LYS A 1 363 ? -13.113 -11.637 5.295   1.00 45.37 ? 199 LYS A CG  1 
ATOM 1485 C CD  . LYS A 1 363 ? -14.202 -12.664 5.461   1.00 45.37 ? 199 LYS A CD  1 
ATOM 1486 C CE  . LYS A 1 363 ? -15.093 -12.315 6.632   1.00 45.37 ? 199 LYS A CE  1 
ATOM 1487 N NZ  . LYS A 1 363 ? -15.878 -11.084 6.362   1.00 45.37 ? 199 LYS A NZ  1 
ATOM 1488 N N   . ILE A 1 364 ? -9.480  -12.391 4.602   1.00 43.36 ? 200 ILE A N   1 
ATOM 1489 C CA  . ILE A 1 364 ? -8.736  -12.517 3.360   1.00 43.36 ? 200 ILE A CA  1 
ATOM 1490 C C   . ILE A 1 364 ? -8.223  -13.929 3.147   1.00 43.36 ? 200 ILE A C   1 
ATOM 1491 O O   . ILE A 1 364 ? -8.340  -14.457 2.035   1.00 43.36 ? 200 ILE A O   1 
ATOM 1492 C CB  . ILE A 1 364 ? -7.567  -11.524 3.328   1.00 43.36 ? 200 ILE A CB  1 
ATOM 1493 C CG1 . ILE A 1 364 ? -8.088  -10.098 3.210   1.00 43.36 ? 200 ILE A CG1 1 
ATOM 1494 C CG2 . ILE A 1 364 ? -6.608  -11.854 2.215   1.00 43.36 ? 200 ILE A CG2 1 
ATOM 1495 C CD1 . ILE A 1 364 ? -7.013  -9.063  3.342   1.00 43.36 ? 200 ILE A CD1 1 
ATOM 1496 N N   . ARG A 1 365 ? -7.671  -14.569 4.174   1.00 49.44 ? 201 ARG A N   1 
ATOM 1497 C CA  . ARG A 1 365 ? -7.234  -15.952 4.073   1.00 49.44 ? 201 ARG A CA  1 
ATOM 1498 C C   . ARG A 1 365 ? -8.411  -16.915 3.954   1.00 49.44 ? 201 ARG A C   1 
ATOM 1499 O O   . ARG A 1 365 ? -8.222  -18.072 3.567   1.00 49.44 ? 201 ARG A O   1 
ATOM 1500 C CB  . ARG A 1 365 ? -6.351  -16.293 5.277   1.00 49.44 ? 201 ARG A CB  1 
ATOM 1501 C CG  . ARG A 1 365 ? -5.817  -17.705 5.337   1.00 49.44 ? 201 ARG A CG  1 
ATOM 1502 C CD  . ARG A 1 365 ? -5.355  -18.027 6.744   1.00 49.44 ? 201 ARG A CD  1 
ATOM 1503 N NE  . ARG A 1 365 ? -4.246  -17.170 7.145   1.00 49.44 ? 201 ARG A NE  1 
ATOM 1504 C CZ  . ARG A 1 365 ? -3.869  -16.967 8.400   1.00 49.44 ? 201 ARG A CZ  1 
ATOM 1505 N NH1 . ARG A 1 365 ? -4.499  -17.538 9.412   1.00 49.44 ? 201 ARG A NH1 1 
ATOM 1506 N NH2 . ARG A 1 365 ? -2.835  -16.167 8.644   1.00 49.44 ? 201 ARG A NH2 1 
ATOM 1507 N N   . GLY A 1 366 ? -9.624  -16.454 4.246   1.00 50.04 ? 202 GLY A N   1 
ATOM 1508 C CA  . GLY A 1 366 ? -10.809 -17.262 4.041   1.00 50.04 ? 202 GLY A CA  1 
ATOM 1509 C C   . GLY A 1 366 ? -11.210 -17.330 2.584   1.00 50.04 ? 202 GLY A C   1 
ATOM 1510 O O   . GLY A 1 366 ? -11.199 -18.407 1.984   1.00 50.04 ? 202 GLY A O   1 
ATOM 1511 N N   . CYS A 1 367 ? -11.563 -16.188 1.999   1.00 52.85 ? 203 CYS A N   1 
ATOM 1512 C CA  . CYS A 1 367 ? -11.919 -16.128 0.585   1.00 52.85 ? 203 CYS A CA  1 
ATOM 1513 C C   . CYS A 1 367 ? -10.725 -16.483 -0.295  1.00 52.85 ? 203 CYS A C   1 
ATOM 1514 O O   . CYS A 1 367 ? -10.045 -15.604 -0.822  1.00 52.85 ? 203 CYS A O   1 
ATOM 1515 C CB  . CYS A 1 367 ? -12.448 -14.738 0.212   1.00 52.85 ? 203 CYS A CB  1 
ATOM 1516 S SG  . CYS A 1 367 ? -13.723 -14.065 1.320   1.00 52.85 ? 203 CYS A SG  1 
# 
